data_7NR4
#
_entry.id   7NR4
#
_cell.length_a   77.936
_cell.length_b   135.252
_cell.length_c   83.197
_cell.angle_alpha   90.000
_cell.angle_beta   98.280
_cell.angle_gamma   90.000
#
_symmetry.space_group_name_H-M   'P 1 21 1'
#
loop_
_entity.id
_entity.type
_entity.pdbx_description
1 polymer 'Protein arginine N-methyltransferase 6'
2 non-polymer S-ADENOSYL-L-HOMOCYSTEINE
3 non-polymer (2~{S})-2-azanyl-~{N}-[3-[3-(dimethylsulfamoyl)phenyl]-2~{H}-indazol-5-yl]propanamide
4 water water
#
_entity_poly.entity_id   1
_entity_poly.type   'polypeptide(L)'
_entity_poly.pdbx_seq_one_letter_code
;GMSQPKKRKLESGGGGEGGEGTEEEDGAEREAALERPRRTKRERDQLYYECYSDVSVHEEMIADRVRTDAYRLGILRNWA
ALRGKTVLDVGAGTGILSIFCAQAGARRVYAVEASAIWQQAREVVRFNGLEDRVHVLPGPVETVELPEQVDAIVSEWMGY
GLLHESMLSSVLHARTKWLKEGGLLLPASAELFIVPISDQMLEWRLGFWSQVKQHYGVDMSCLEGFATRCLMGHSEIVVQ
GLSGEDVLARPQRFAQLELSRAGLEQELEAGVGGRFRCSCYGSAPMHGFAIWFQVTFPGGESEKPLVLSTSPFHPATHWK
QALLYLNEPVQVEQDTDVSGEITLLPSRDNPRRLRVLLRYKVGDQEEKTKDFAMED
;
_entity_poly.pdbx_strand_id   A,B,C,D
#
loop_
_chem_comp.id
_chem_comp.type
_chem_comp.name
_chem_comp.formula
SAH non-polymer S-ADENOSYL-L-HOMOCYSTEINE 'C14 H20 N6 O5 S'
UO2 non-polymer (2~{S})-2-azanyl-~{N}-[3-[3-(dimethylsulfamoyl)phenyl]-2~{H}-indazol-5-yl]propanamide 'C18 H21 N5 O3 S'
#
# COMPACT_ATOMS: atom_id res chain seq x y z
N THR A 40 -19.58 21.31 -31.63
CA THR A 40 -20.70 20.72 -32.48
C THR A 40 -21.25 19.45 -31.82
N LYS A 41 -22.58 19.20 -31.95
CA LYS A 41 -23.29 18.04 -31.36
C LYS A 41 -22.63 16.72 -31.79
N ARG A 42 -22.47 16.51 -33.11
CA ARG A 42 -21.90 15.29 -33.73
C ARG A 42 -20.58 14.96 -33.04
N GLU A 43 -19.68 15.93 -33.03
CA GLU A 43 -18.35 15.86 -32.39
C GLU A 43 -18.53 15.57 -30.90
N ARG A 44 -19.38 16.32 -30.18
CA ARG A 44 -19.54 16.19 -28.70
C ARG A 44 -20.02 14.78 -28.34
N ASP A 45 -20.98 14.24 -29.08
CA ASP A 45 -21.52 12.88 -28.83
C ASP A 45 -20.42 11.85 -29.10
N GLN A 46 -19.78 11.95 -30.25
CA GLN A 46 -18.75 10.97 -30.64
C GLN A 46 -17.66 10.93 -29.56
N LEU A 47 -17.24 12.09 -29.06
CA LEU A 47 -16.19 12.24 -28.02
C LEU A 47 -16.67 11.66 -26.67
N TYR A 48 -17.94 11.91 -26.33
CA TYR A 48 -18.60 11.43 -25.09
C TYR A 48 -18.70 9.91 -25.15
N TYR A 49 -19.22 9.35 -26.24
CA TYR A 49 -19.43 7.88 -26.37
C TYR A 49 -18.09 7.16 -26.48
N GLU A 50 -17.05 7.82 -26.97
CA GLU A 50 -15.65 7.30 -26.99
C GLU A 50 -15.27 6.84 -25.58
N CYS A 51 -15.56 7.63 -24.55
CA CYS A 51 -15.24 7.25 -23.16
C CYS A 51 -15.79 5.85 -22.90
N TYR A 52 -17.05 5.60 -23.26
CA TYR A 52 -17.81 4.38 -22.85
C TYR A 52 -17.53 3.22 -23.81
N SER A 53 -16.81 3.45 -24.90
CA SER A 53 -16.39 2.34 -25.79
C SER A 53 -15.14 1.67 -25.21
N ASP A 54 -14.50 2.24 -24.19
CA ASP A 54 -13.28 1.67 -23.58
C ASP A 54 -13.67 0.87 -22.32
N VAL A 55 -12.84 -0.11 -21.98
CA VAL A 55 -13.10 -1.06 -20.88
C VAL A 55 -13.05 -0.36 -19.52
N SER A 56 -12.24 0.69 -19.34
CA SER A 56 -11.79 1.14 -17.99
C SER A 56 -12.97 1.68 -17.17
N VAL A 57 -13.82 2.50 -17.75
CA VAL A 57 -14.95 3.10 -16.98
CA VAL A 57 -14.99 3.10 -17.04
C VAL A 57 -15.95 1.99 -16.61
N HIS A 58 -16.14 0.98 -17.45
CA HIS A 58 -17.06 -0.15 -17.13
C HIS A 58 -16.45 -1.03 -16.05
N GLU A 59 -15.15 -1.31 -16.11
CA GLU A 59 -14.44 -1.99 -15.01
C GLU A 59 -14.69 -1.19 -13.73
N GLU A 60 -14.53 0.13 -13.80
CA GLU A 60 -14.63 0.99 -12.59
C GLU A 60 -16.05 0.87 -12.05
N MET A 61 -17.06 0.88 -12.92
CA MET A 61 -18.48 0.92 -12.48
C MET A 61 -18.86 -0.42 -11.86
N ILE A 62 -18.43 -1.53 -12.46
CA ILE A 62 -18.86 -2.88 -12.01
C ILE A 62 -18.03 -3.24 -10.76
N ALA A 63 -16.79 -2.75 -10.64
CA ALA A 63 -15.93 -2.90 -9.42
C ALA A 63 -16.50 -2.06 -8.29
N ASP A 64 -17.37 -1.09 -8.58
CA ASP A 64 -18.07 -0.27 -7.55
C ASP A 64 -19.18 -1.15 -6.96
N ARG A 65 -18.85 -1.90 -5.91
CA ARG A 65 -19.78 -2.89 -5.31
C ARG A 65 -20.99 -2.15 -4.74
N VAL A 66 -20.78 -1.02 -4.09
CA VAL A 66 -21.91 -0.26 -3.48
C VAL A 66 -22.91 0.05 -4.61
N ARG A 67 -22.42 0.59 -5.73
CA ARG A 67 -23.28 0.95 -6.88
C ARG A 67 -23.93 -0.32 -7.43
N THR A 68 -23.14 -1.34 -7.77
CA THR A 68 -23.62 -2.50 -8.56
C THR A 68 -24.52 -3.37 -7.69
N ASP A 69 -24.20 -3.59 -6.41
CA ASP A 69 -25.09 -4.36 -5.48
C ASP A 69 -26.40 -3.61 -5.31
N ALA A 70 -26.36 -2.28 -5.17
CA ALA A 70 -27.58 -1.45 -4.99
C ALA A 70 -28.56 -1.71 -6.13
N TYR A 71 -28.08 -1.74 -7.38
CA TYR A 71 -28.96 -1.96 -8.57
C TYR A 71 -29.46 -3.42 -8.57
N ARG A 72 -28.60 -4.37 -8.21
CA ARG A 72 -28.97 -5.80 -8.21
C ARG A 72 -30.12 -5.99 -7.24
N LEU A 73 -29.97 -5.47 -6.01
CA LEU A 73 -30.97 -5.61 -4.92
C LEU A 73 -32.21 -4.76 -5.25
N GLY A 74 -32.05 -3.55 -5.78
CA GLY A 74 -33.19 -2.71 -6.21
C GLY A 74 -34.06 -3.44 -7.21
N ILE A 75 -33.40 -4.14 -8.14
CA ILE A 75 -34.09 -4.90 -9.22
C ILE A 75 -34.75 -6.17 -8.62
N LEU A 76 -34.00 -7.02 -7.92
CA LEU A 76 -34.53 -8.29 -7.33
C LEU A 76 -35.66 -7.99 -6.35
N ARG A 77 -35.63 -6.84 -5.68
CA ARG A 77 -36.71 -6.48 -4.71
C ARG A 77 -37.95 -6.00 -5.46
N ASN A 78 -37.83 -5.63 -6.74
CA ASN A 78 -39.00 -5.21 -7.54
C ASN A 78 -39.46 -6.37 -8.42
N TRP A 79 -39.19 -7.64 -8.02
CA TRP A 79 -39.48 -8.86 -8.83
C TRP A 79 -40.97 -8.88 -9.20
N ALA A 80 -41.83 -8.49 -8.25
CA ALA A 80 -43.30 -8.53 -8.42
C ALA A 80 -43.68 -7.70 -9.65
N ALA A 81 -43.17 -6.46 -9.72
CA ALA A 81 -43.50 -5.49 -10.78
C ALA A 81 -42.80 -5.86 -12.11
N LEU A 82 -41.72 -6.66 -12.10
CA LEU A 82 -40.91 -6.97 -13.33
C LEU A 82 -41.26 -8.34 -13.92
N ARG A 83 -41.49 -9.34 -13.07
CA ARG A 83 -41.76 -10.76 -13.50
C ARG A 83 -42.87 -10.75 -14.57
N GLY A 84 -42.55 -11.30 -15.75
CA GLY A 84 -43.43 -11.36 -16.93
C GLY A 84 -43.51 -10.04 -17.70
N LYS A 85 -42.76 -9.01 -17.29
CA LYS A 85 -42.96 -7.62 -17.80
C LYS A 85 -41.80 -7.19 -18.69
N THR A 86 -41.95 -6.07 -19.39
CA THR A 86 -40.92 -5.56 -20.32
C THR A 86 -40.14 -4.44 -19.61
N VAL A 87 -38.84 -4.33 -19.90
CA VAL A 87 -37.92 -3.32 -19.29
C VAL A 87 -37.10 -2.68 -20.39
N LEU A 88 -36.96 -1.34 -20.32
CA LEU A 88 -35.96 -0.56 -21.10
C LEU A 88 -34.80 -0.21 -20.15
N ASP A 89 -33.60 -0.70 -20.46
CA ASP A 89 -32.33 -0.33 -19.77
C ASP A 89 -31.70 0.82 -20.55
N VAL A 90 -31.72 2.03 -19.99
CA VAL A 90 -31.24 3.23 -20.72
C VAL A 90 -29.74 3.36 -20.46
N GLY A 91 -28.92 3.09 -21.48
CA GLY A 91 -27.45 3.09 -21.37
C GLY A 91 -26.94 1.80 -20.73
N ALA A 92 -27.18 0.67 -21.40
CA ALA A 92 -27.00 -0.69 -20.85
C ALA A 92 -25.51 -0.97 -20.67
N GLY A 93 -24.63 -0.24 -21.36
CA GLY A 93 -23.16 -0.44 -21.24
C GLY A 93 -22.76 -1.88 -21.55
N THR A 94 -22.14 -2.60 -20.62
CA THR A 94 -21.75 -4.02 -20.79
C THR A 94 -22.97 -4.94 -20.65
N GLY A 95 -24.14 -4.40 -20.30
CA GLY A 95 -25.43 -5.12 -20.28
C GLY A 95 -25.80 -5.67 -18.91
N ILE A 96 -24.98 -5.43 -17.88
CA ILE A 96 -25.11 -6.14 -16.57
C ILE A 96 -26.50 -5.91 -15.95
N LEU A 97 -27.04 -4.68 -15.98
CA LEU A 97 -28.36 -4.35 -15.35
C LEU A 97 -29.47 -5.02 -16.15
N SER A 98 -29.34 -5.13 -17.46
CA SER A 98 -30.38 -5.77 -18.30
C SER A 98 -30.44 -7.24 -17.87
N ILE A 99 -29.29 -7.84 -17.66
CA ILE A 99 -29.19 -9.26 -17.22
C ILE A 99 -29.78 -9.40 -15.81
N PHE A 100 -29.61 -8.43 -14.91
CA PHE A 100 -30.22 -8.47 -13.55
C PHE A 100 -31.75 -8.46 -13.69
N CYS A 101 -32.28 -7.71 -14.67
CA CYS A 101 -33.73 -7.61 -14.95
C CYS A 101 -34.25 -8.97 -15.47
N ALA A 102 -33.52 -9.60 -16.40
CA ALA A 102 -33.82 -10.96 -16.92
C ALA A 102 -33.86 -11.92 -15.73
N GLN A 103 -32.90 -11.82 -14.80
CA GLN A 103 -32.76 -12.78 -13.70
C GLN A 103 -33.89 -12.57 -12.69
N ALA A 104 -34.53 -11.40 -12.67
CA ALA A 104 -35.68 -11.10 -11.80
C ALA A 104 -36.97 -11.60 -12.46
N GLY A 105 -36.87 -12.04 -13.72
CA GLY A 105 -37.94 -12.75 -14.47
C GLY A 105 -38.71 -11.86 -15.44
N ALA A 106 -38.13 -10.73 -15.88
CA ALA A 106 -38.70 -9.91 -16.97
C ALA A 106 -38.78 -10.78 -18.22
N ARG A 107 -39.86 -10.66 -18.97
CA ARG A 107 -40.13 -11.49 -20.17
C ARG A 107 -39.21 -10.98 -21.28
N ARG A 108 -38.99 -9.66 -21.35
N ARG A 108 -38.98 -9.67 -21.36
CA ARG A 108 -38.18 -9.01 -22.42
CA ARG A 108 -38.19 -9.01 -22.43
C ARG A 108 -37.51 -7.75 -21.85
C ARG A 108 -37.52 -7.74 -21.90
N VAL A 109 -36.25 -7.52 -22.25
CA VAL A 109 -35.44 -6.35 -21.80
C VAL A 109 -34.77 -5.75 -23.03
N TYR A 110 -35.08 -4.49 -23.34
CA TYR A 110 -34.40 -3.71 -24.41
C TYR A 110 -33.24 -2.99 -23.74
N ALA A 111 -32.02 -3.39 -24.10
CA ALA A 111 -30.74 -2.84 -23.62
C ALA A 111 -30.24 -1.85 -24.68
N VAL A 112 -30.47 -0.55 -24.47
CA VAL A 112 -30.10 0.50 -25.45
C VAL A 112 -28.78 1.13 -25.01
N GLU A 113 -27.84 1.19 -25.95
CA GLU A 113 -26.49 1.67 -25.65
C GLU A 113 -26.00 2.41 -26.87
N ALA A 114 -25.61 3.68 -26.70
CA ALA A 114 -25.27 4.55 -27.84
C ALA A 114 -23.80 4.37 -28.20
N SER A 115 -22.97 3.84 -27.30
CA SER A 115 -21.49 3.74 -27.55
C SER A 115 -21.17 2.37 -28.13
N ALA A 116 -19.94 2.17 -28.63
CA ALA A 116 -19.54 0.92 -29.33
C ALA A 116 -19.57 -0.28 -28.35
N ILE A 117 -19.69 -0.03 -27.06
CA ILE A 117 -19.75 -1.06 -25.99
C ILE A 117 -21.00 -1.93 -26.17
N TRP A 118 -21.97 -1.47 -26.96
CA TRP A 118 -23.16 -2.32 -27.23
C TRP A 118 -22.74 -3.70 -27.76
N GLN A 119 -21.61 -3.80 -28.45
CA GLN A 119 -21.12 -5.10 -29.03
C GLN A 119 -20.71 -6.02 -27.89
N GLN A 120 -20.06 -5.47 -26.88
CA GLN A 120 -19.68 -6.26 -25.67
C GLN A 120 -20.98 -6.66 -24.94
N ALA A 121 -21.99 -5.80 -24.85
CA ALA A 121 -23.29 -6.17 -24.22
C ALA A 121 -23.93 -7.35 -24.98
N ARG A 122 -23.97 -7.29 -26.31
CA ARG A 122 -24.52 -8.39 -27.15
C ARG A 122 -23.75 -9.68 -26.85
N GLU A 123 -22.44 -9.60 -26.81
CA GLU A 123 -21.60 -10.79 -26.57
C GLU A 123 -21.91 -11.34 -25.17
N VAL A 124 -22.05 -10.48 -24.14
CA VAL A 124 -22.34 -10.91 -22.75
C VAL A 124 -23.72 -11.59 -22.72
N VAL A 125 -24.73 -11.03 -23.40
CA VAL A 125 -26.12 -11.57 -23.36
C VAL A 125 -26.11 -12.95 -24.04
N ARG A 126 -25.52 -13.05 -25.22
CA ARG A 126 -25.35 -14.35 -25.95
C ARG A 126 -24.62 -15.32 -25.03
N PHE A 127 -23.55 -14.86 -24.37
CA PHE A 127 -22.66 -15.69 -23.53
C PHE A 127 -23.40 -16.16 -22.27
N ASN A 128 -24.46 -15.49 -21.83
CA ASN A 128 -25.23 -15.93 -20.63
C ASN A 128 -26.52 -16.63 -21.07
N GLY A 129 -26.69 -16.86 -22.38
CA GLY A 129 -27.80 -17.64 -22.98
C GLY A 129 -29.15 -16.91 -22.93
N LEU A 130 -29.15 -15.58 -23.02
CA LEU A 130 -30.36 -14.74 -22.81
C LEU A 130 -30.71 -13.96 -24.07
N GLU A 131 -30.21 -14.39 -25.23
CA GLU A 131 -30.43 -13.72 -26.56
C GLU A 131 -31.93 -13.47 -26.81
N ASP A 132 -32.77 -14.40 -26.35
CA ASP A 132 -34.24 -14.44 -26.59
C ASP A 132 -35.02 -13.51 -25.65
N ARG A 133 -34.39 -13.03 -24.57
CA ARG A 133 -35.05 -12.25 -23.47
C ARG A 133 -34.44 -10.85 -23.33
N VAL A 134 -33.18 -10.65 -23.77
CA VAL A 134 -32.48 -9.34 -23.70
C VAL A 134 -32.02 -9.00 -25.11
N HIS A 135 -32.52 -7.91 -25.69
CA HIS A 135 -32.21 -7.46 -27.06
C HIS A 135 -31.40 -6.17 -27.01
N VAL A 136 -30.12 -6.24 -27.39
CA VAL A 136 -29.23 -5.06 -27.42
C VAL A 136 -29.55 -4.24 -28.67
N LEU A 137 -29.91 -2.97 -28.47
CA LEU A 137 -30.25 -2.01 -29.55
C LEU A 137 -29.21 -0.90 -29.57
N PRO A 138 -28.37 -0.87 -30.62
CA PRO A 138 -27.36 0.18 -30.77
C PRO A 138 -28.01 1.55 -30.95
N GLY A 139 -27.38 2.61 -30.42
CA GLY A 139 -27.70 4.02 -30.76
C GLY A 139 -28.32 4.77 -29.58
N PRO A 140 -28.50 6.10 -29.71
CA PRO A 140 -29.17 6.91 -28.69
C PRO A 140 -30.57 6.41 -28.33
N VAL A 141 -30.96 6.48 -27.04
CA VAL A 141 -32.33 6.13 -26.58
C VAL A 141 -33.34 7.09 -27.21
N GLU A 142 -32.91 8.30 -27.55
CA GLU A 142 -33.76 9.37 -28.13
C GLU A 142 -34.33 8.94 -29.49
N THR A 143 -33.60 8.12 -30.26
CA THR A 143 -33.94 7.80 -31.67
C THR A 143 -34.19 6.30 -31.89
N VAL A 144 -33.90 5.45 -30.90
CA VAL A 144 -34.03 3.96 -31.05
C VAL A 144 -35.52 3.66 -31.20
N GLU A 145 -35.84 2.54 -31.88
CA GLU A 145 -37.23 2.04 -32.12
C GLU A 145 -37.43 0.78 -31.30
N LEU A 146 -38.18 0.86 -30.20
CA LEU A 146 -38.58 -0.36 -29.47
C LEU A 146 -39.78 -0.91 -30.20
N PRO A 147 -40.00 -2.24 -30.14
CA PRO A 147 -41.13 -2.86 -30.82
C PRO A 147 -42.44 -2.56 -30.07
N GLU A 148 -42.35 -2.33 -28.75
CA GLU A 148 -43.49 -2.03 -27.84
C GLU A 148 -43.06 -1.00 -26.77
N GLN A 149 -44.05 -0.40 -26.11
CA GLN A 149 -43.84 0.37 -24.87
C GLN A 149 -43.51 -0.60 -23.72
N VAL A 150 -42.89 -0.08 -22.66
CA VAL A 150 -42.28 -0.90 -21.58
C VAL A 150 -43.02 -0.64 -20.27
N ASP A 151 -42.94 -1.62 -19.37
CA ASP A 151 -43.54 -1.58 -18.02
C ASP A 151 -42.57 -0.94 -17.05
N ALA A 152 -41.27 -0.89 -17.39
CA ALA A 152 -40.27 -0.43 -16.43
C ALA A 152 -39.06 0.14 -17.16
N ILE A 153 -38.48 1.20 -16.60
CA ILE A 153 -37.13 1.70 -16.99
C ILE A 153 -36.15 1.51 -15.83
N VAL A 154 -34.99 0.96 -16.16
CA VAL A 154 -33.82 0.90 -15.25
C VAL A 154 -32.69 1.68 -15.91
N SER A 155 -31.99 2.51 -15.15
CA SER A 155 -30.86 3.28 -15.69
C SER A 155 -29.94 3.70 -14.56
N GLU A 156 -28.65 3.66 -14.86
CA GLU A 156 -27.60 4.16 -13.97
C GLU A 156 -27.00 5.37 -14.68
N TRP A 157 -27.70 6.49 -14.52
CA TRP A 157 -27.55 7.74 -15.31
C TRP A 157 -26.73 8.78 -14.51
N MET A 158 -26.40 8.48 -13.25
CA MET A 158 -25.90 9.50 -12.30
C MET A 158 -24.44 9.79 -12.63
N GLY A 159 -24.10 11.06 -12.69
CA GLY A 159 -22.70 11.45 -12.90
C GLY A 159 -22.14 12.07 -11.64
N TYR A 160 -20.89 12.51 -11.69
CA TYR A 160 -20.29 13.39 -10.65
C TYR A 160 -21.29 14.50 -10.33
N GLY A 161 -21.53 14.76 -9.03
CA GLY A 161 -22.43 15.85 -8.62
C GLY A 161 -23.87 15.52 -9.00
N LEU A 162 -24.17 14.23 -9.19
CA LEU A 162 -25.46 13.67 -9.69
C LEU A 162 -25.68 13.99 -11.18
N LEU A 163 -25.56 15.25 -11.60
CA LEU A 163 -26.11 15.72 -12.89
C LEU A 163 -24.98 15.94 -13.92
N HIS A 164 -23.70 15.81 -13.58
CA HIS A 164 -22.64 15.81 -14.64
C HIS A 164 -22.97 14.71 -15.67
N GLU A 165 -22.78 15.03 -16.96
CA GLU A 165 -23.07 14.22 -18.18
C GLU A 165 -24.50 14.43 -18.67
N SER A 166 -25.38 14.95 -17.81
CA SER A 166 -26.77 15.34 -18.17
C SER A 166 -27.52 14.13 -18.72
N MET A 167 -27.12 12.94 -18.30
CA MET A 167 -27.80 11.71 -18.78
C MET A 167 -29.26 11.68 -18.32
N LEU A 168 -29.66 12.36 -17.24
CA LEU A 168 -31.06 12.23 -16.72
C LEU A 168 -32.07 12.65 -17.79
N SER A 169 -31.72 13.60 -18.67
CA SER A 169 -32.56 14.06 -19.80
C SER A 169 -32.93 12.90 -20.71
N SER A 170 -31.96 12.03 -20.99
CA SER A 170 -32.17 10.85 -21.87
C SER A 170 -33.14 9.91 -21.17
N VAL A 171 -33.00 9.71 -19.86
CA VAL A 171 -33.90 8.81 -19.07
C VAL A 171 -35.32 9.38 -19.13
N LEU A 172 -35.44 10.70 -18.95
CA LEU A 172 -36.75 11.38 -18.91
C LEU A 172 -37.34 11.38 -20.31
N HIS A 173 -36.51 11.51 -21.35
CA HIS A 173 -36.99 11.42 -22.75
C HIS A 173 -37.58 10.02 -22.99
N ALA A 174 -36.87 8.98 -22.54
CA ALA A 174 -37.28 7.57 -22.66
C ALA A 174 -38.58 7.37 -21.89
N ARG A 175 -38.73 8.00 -20.71
CA ARG A 175 -39.92 7.84 -19.84
C ARG A 175 -41.16 8.32 -20.60
N THR A 176 -41.11 9.56 -21.07
CA THR A 176 -42.15 10.23 -21.89
C THR A 176 -42.52 9.30 -23.07
N LYS A 177 -41.54 8.83 -23.83
CA LYS A 177 -41.76 8.21 -25.15
C LYS A 177 -42.05 6.70 -25.04
N TRP A 178 -41.50 5.97 -24.07
CA TRP A 178 -41.52 4.47 -24.07
C TRP A 178 -42.11 3.86 -22.79
N LEU A 179 -42.23 4.58 -21.66
CA LEU A 179 -42.81 4.01 -20.41
C LEU A 179 -44.33 4.18 -20.38
N LYS A 180 -45.06 3.08 -20.19
CA LYS A 180 -46.54 3.12 -20.02
C LYS A 180 -46.88 3.96 -18.79
N GLU A 181 -47.98 4.72 -18.87
CA GLU A 181 -48.62 5.35 -17.70
C GLU A 181 -48.54 4.33 -16.56
N GLY A 182 -48.02 4.75 -15.41
CA GLY A 182 -47.99 3.92 -14.19
C GLY A 182 -46.74 3.06 -14.09
N GLY A 183 -45.95 2.97 -15.16
CA GLY A 183 -44.76 2.10 -15.23
C GLY A 183 -43.72 2.43 -14.17
N LEU A 184 -42.78 1.51 -13.95
CA LEU A 184 -41.79 1.59 -12.85
C LEU A 184 -40.50 2.28 -13.34
N LEU A 185 -39.94 3.14 -12.51
CA LEU A 185 -38.67 3.86 -12.75
C LEU A 185 -37.66 3.42 -11.71
N LEU A 186 -36.51 2.88 -12.12
CA LEU A 186 -35.46 2.36 -11.21
C LEU A 186 -34.11 3.05 -11.47
N PRO A 187 -33.57 3.88 -10.53
CA PRO A 187 -34.25 4.34 -9.33
C PRO A 187 -35.38 5.34 -9.66
N ALA A 188 -36.16 5.71 -8.66
CA ALA A 188 -37.41 6.50 -8.82
C ALA A 188 -37.16 7.95 -8.45
N SER A 189 -36.16 8.22 -7.60
CA SER A 189 -35.88 9.61 -7.13
C SER A 189 -34.40 9.80 -6.80
N ALA A 190 -34.00 11.07 -6.63
CA ALA A 190 -32.64 11.48 -6.27
C ALA A 190 -32.72 12.68 -5.32
N GLU A 191 -31.75 12.78 -4.42
CA GLU A 191 -31.62 13.92 -3.49
C GLU A 191 -30.18 14.41 -3.51
N LEU A 192 -30.01 15.71 -3.38
CA LEU A 192 -28.70 16.36 -3.41
C LEU A 192 -28.50 16.98 -2.04
N PHE A 193 -27.27 16.89 -1.52
CA PHE A 193 -26.83 17.33 -0.18
C PHE A 193 -25.63 18.25 -0.33
N ILE A 194 -25.52 19.24 0.56
CA ILE A 194 -24.32 20.10 0.63
C ILE A 194 -23.86 20.20 2.07
N VAL A 195 -22.58 20.44 2.26
CA VAL A 195 -22.03 20.68 3.62
C VAL A 195 -20.67 21.36 3.51
N PRO A 196 -20.33 22.27 4.44
CA PRO A 196 -18.99 22.80 4.53
C PRO A 196 -18.05 21.68 4.95
N ILE A 197 -16.83 21.72 4.43
CA ILE A 197 -15.80 20.67 4.60
C ILE A 197 -14.49 21.36 4.94
N SER A 198 -13.64 20.66 5.69
CA SER A 198 -12.17 20.84 5.75
C SER A 198 -11.54 19.59 5.16
N ASP A 199 -10.87 19.75 4.02
CA ASP A 199 -10.25 18.65 3.24
C ASP A 199 -8.84 18.40 3.77
N GLN A 200 -8.72 17.38 4.61
CA GLN A 200 -7.43 16.83 5.13
C GLN A 200 -6.32 16.85 4.07
N MET A 201 -6.53 16.23 2.90
CA MET A 201 -5.49 16.09 1.84
C MET A 201 -5.10 17.50 1.36
N LEU A 202 -6.08 18.37 1.10
CA LEU A 202 -5.78 19.75 0.63
C LEU A 202 -4.98 20.45 1.74
N GLU A 203 -5.38 20.30 3.01
CA GLU A 203 -4.65 20.94 4.13
C GLU A 203 -3.18 20.51 4.11
N TRP A 204 -2.87 19.22 3.95
CA TRP A 204 -1.45 18.75 3.91
C TRP A 204 -0.75 19.39 2.70
N ARG A 205 -1.42 19.50 1.56
CA ARG A 205 -0.78 20.01 0.32
C ARG A 205 -0.45 21.50 0.49
N LEU A 206 -1.34 22.22 1.16
CA LEU A 206 -1.17 23.67 1.45
C LEU A 206 -0.03 23.85 2.45
N GLY A 207 0.03 22.99 3.47
CA GLY A 207 1.01 23.04 4.58
C GLY A 207 2.37 22.48 4.20
N PHE A 208 2.46 21.83 3.04
CA PHE A 208 3.67 21.13 2.54
C PHE A 208 4.87 22.08 2.55
N TRP A 209 4.65 23.33 2.09
CA TRP A 209 5.73 24.28 1.73
C TRP A 209 6.44 24.79 3.00
N SER A 210 5.69 24.81 4.11
CA SER A 210 6.16 25.16 5.48
C SER A 210 7.02 24.02 6.06
N GLN A 211 6.84 22.79 5.59
CA GLN A 211 7.62 21.63 6.09
C GLN A 211 8.89 21.38 5.27
N VAL A 212 9.11 22.06 4.14
CA VAL A 212 10.36 21.91 3.33
C VAL A 212 11.59 22.12 4.22
N LYS A 213 11.64 23.23 4.95
CA LYS A 213 12.78 23.68 5.81
C LYS A 213 13.25 22.55 6.74
N GLN A 214 12.33 21.91 7.47
CA GLN A 214 12.64 20.77 8.37
C GLN A 214 13.21 19.59 7.54
N HIS A 215 12.76 19.37 6.30
CA HIS A 215 13.20 18.20 5.48
C HIS A 215 14.51 18.47 4.74
N TYR A 216 14.73 19.70 4.24
CA TYR A 216 15.77 19.97 3.23
C TYR A 216 16.56 21.23 3.55
N GLY A 217 16.29 21.92 4.67
CA GLY A 217 17.06 23.09 5.14
C GLY A 217 16.96 24.26 4.17
N VAL A 218 15.79 24.40 3.52
CA VAL A 218 15.41 25.58 2.68
C VAL A 218 14.00 26.00 3.11
N ASP A 219 13.76 27.28 3.38
CA ASP A 219 12.42 27.75 3.83
C ASP A 219 11.61 28.17 2.60
N MET A 220 10.55 27.43 2.33
CA MET A 220 9.68 27.65 1.14
C MET A 220 8.27 27.94 1.65
N SER A 221 8.13 28.20 2.95
CA SER A 221 6.83 28.53 3.61
C SER A 221 6.21 29.73 2.88
N CYS A 222 7.00 30.55 2.18
CA CYS A 222 6.50 31.71 1.42
C CYS A 222 5.68 31.31 0.17
N LEU A 223 5.62 30.02 -0.20
CA LEU A 223 4.85 29.57 -1.41
C LEU A 223 3.45 29.11 -0.99
N GLU A 224 3.09 29.20 0.29
CA GLU A 224 1.74 28.84 0.78
C GLU A 224 0.69 29.64 -0.01
N GLY A 225 0.88 30.96 -0.15
CA GLY A 225 -0.03 31.82 -0.94
C GLY A 225 -0.21 31.31 -2.37
N PHE A 226 0.91 31.07 -3.07
CA PHE A 226 0.96 30.51 -4.44
C PHE A 226 0.21 29.17 -4.49
N ALA A 227 0.49 28.26 -3.55
CA ALA A 227 -0.12 26.92 -3.54
C ALA A 227 -1.62 27.07 -3.41
N THR A 228 -2.07 28.01 -2.55
CA THR A 228 -3.50 28.28 -2.31
C THR A 228 -4.15 28.79 -3.62
N ARG A 229 -3.54 29.71 -4.37
CA ARG A 229 -4.12 30.23 -5.65
C ARG A 229 -4.28 29.07 -6.64
N CYS A 230 -3.24 28.24 -6.77
CA CYS A 230 -3.21 27.08 -7.70
C CYS A 230 -4.27 26.04 -7.34
N LEU A 231 -4.45 25.72 -6.06
CA LEU A 231 -5.24 24.56 -5.62
C LEU A 231 -6.66 24.96 -5.26
N MET A 232 -6.90 26.23 -4.89
CA MET A 232 -8.25 26.67 -4.44
C MET A 232 -8.83 27.78 -5.33
N GLY A 233 -7.98 28.59 -5.97
CA GLY A 233 -8.41 29.79 -6.73
C GLY A 233 -8.99 29.48 -8.09
N HIS A 234 -8.90 28.24 -8.60
CA HIS A 234 -9.53 27.82 -9.87
C HIS A 234 -11.05 27.74 -9.65
N SER A 235 -11.81 27.57 -10.73
CA SER A 235 -13.28 27.48 -10.76
C SER A 235 -13.73 26.08 -11.22
N GLU A 236 -12.93 25.06 -10.96
CA GLU A 236 -13.28 23.67 -11.35
C GLU A 236 -13.90 22.95 -10.17
N ILE A 237 -14.96 22.18 -10.43
CA ILE A 237 -15.49 21.19 -9.47
C ILE A 237 -14.43 20.10 -9.38
N VAL A 238 -14.10 19.69 -8.17
CA VAL A 238 -13.02 18.68 -7.97
C VAL A 238 -13.68 17.40 -7.42
N VAL A 239 -13.44 16.29 -8.09
CA VAL A 239 -13.97 14.97 -7.63
C VAL A 239 -12.92 14.39 -6.70
N GLN A 240 -13.25 14.22 -5.42
CA GLN A 240 -12.31 13.76 -4.38
C GLN A 240 -13.16 13.10 -3.28
N GLY A 241 -12.73 11.94 -2.78
CA GLY A 241 -13.40 11.22 -1.69
C GLY A 241 -13.06 11.91 -0.39
N LEU A 242 -14.04 12.22 0.45
CA LEU A 242 -13.76 12.74 1.81
C LEU A 242 -14.18 11.68 2.83
N SER A 243 -13.81 11.88 4.11
CA SER A 243 -14.31 11.07 5.25
C SER A 243 -15.26 11.92 6.08
N GLY A 244 -15.98 11.29 7.01
CA GLY A 244 -16.81 11.99 8.02
C GLY A 244 -16.03 13.08 8.76
N GLU A 245 -14.73 12.93 8.93
CA GLU A 245 -13.93 13.90 9.71
C GLU A 245 -13.73 15.19 8.92
N ASP A 246 -13.92 15.15 7.61
CA ASP A 246 -13.79 16.34 6.74
C ASP A 246 -15.07 17.18 6.85
N VAL A 247 -16.18 16.62 7.31
CA VAL A 247 -17.51 17.30 7.33
C VAL A 247 -17.65 18.19 8.59
N LEU A 248 -17.94 19.47 8.41
CA LEU A 248 -17.88 20.51 9.48
C LEU A 248 -19.27 20.88 10.00
N ALA A 249 -20.36 20.27 9.53
CA ALA A 249 -21.72 20.55 10.03
C ALA A 249 -22.66 19.41 9.66
N ARG A 250 -23.94 19.52 10.04
CA ARG A 250 -25.02 18.62 9.57
C ARG A 250 -25.17 18.85 8.08
N PRO A 251 -25.05 17.79 7.23
CA PRO A 251 -25.34 17.96 5.80
C PRO A 251 -26.77 18.47 5.60
N GLN A 252 -26.97 19.35 4.62
CA GLN A 252 -28.28 19.92 4.22
C GLN A 252 -28.67 19.39 2.84
N ARG A 253 -29.84 18.79 2.76
CA ARG A 253 -30.47 18.49 1.47
C ARG A 253 -30.86 19.80 0.81
N PHE A 254 -30.43 20.09 -0.43
CA PHE A 254 -30.82 21.34 -1.13
C PHE A 254 -31.74 21.07 -2.33
N ALA A 255 -31.99 19.81 -2.66
CA ALA A 255 -32.86 19.46 -3.80
C ALA A 255 -33.31 18.00 -3.73
N GLN A 256 -34.53 17.78 -4.21
CA GLN A 256 -35.21 16.48 -4.31
C GLN A 256 -35.72 16.41 -5.76
N LEU A 257 -35.33 15.38 -6.51
CA LEU A 257 -35.81 15.13 -7.90
C LEU A 257 -36.62 13.82 -7.91
N GLU A 258 -37.95 13.97 -8.03
CA GLU A 258 -38.92 12.87 -8.24
C GLU A 258 -39.01 12.64 -9.75
N LEU A 259 -38.47 11.54 -10.24
CA LEU A 259 -38.31 11.37 -11.72
C LEU A 259 -39.68 11.38 -12.42
N SER A 260 -40.75 10.97 -11.73
CA SER A 260 -42.13 10.89 -12.28
C SER A 260 -42.73 12.29 -12.46
N ARG A 261 -42.23 13.32 -11.76
CA ARG A 261 -42.84 14.68 -11.72
C ARG A 261 -42.77 15.29 -13.12
N ALA A 262 -43.92 15.51 -13.77
CA ALA A 262 -43.99 16.27 -15.04
C ALA A 262 -43.44 17.67 -14.73
N GLY A 263 -42.64 18.27 -15.61
CA GLY A 263 -41.97 19.56 -15.37
C GLY A 263 -40.45 19.41 -15.25
N LEU A 264 -39.97 18.19 -15.02
CA LEU A 264 -38.58 17.95 -14.54
C LEU A 264 -37.55 18.29 -15.61
N GLU A 265 -37.80 17.97 -16.89
CA GLU A 265 -36.85 18.29 -18.00
C GLU A 265 -36.54 19.79 -17.96
N GLN A 266 -37.58 20.61 -17.74
CA GLN A 266 -37.53 22.10 -17.84
C GLN A 266 -36.82 22.62 -16.59
N GLU A 267 -37.14 22.06 -15.44
CA GLU A 267 -36.44 22.34 -14.16
C GLU A 267 -34.95 22.11 -14.37
N LEU A 268 -34.58 20.99 -14.97
CA LEU A 268 -33.15 20.63 -15.15
C LEU A 268 -32.45 21.67 -16.03
N GLU A 269 -33.08 22.20 -17.07
CA GLU A 269 -32.40 23.16 -17.97
C GLU A 269 -32.39 24.56 -17.34
N ALA A 270 -33.42 24.93 -16.59
CA ALA A 270 -33.44 26.14 -15.71
C ALA A 270 -32.34 26.02 -14.64
N GLY A 271 -32.12 24.82 -14.13
CA GLY A 271 -31.15 24.56 -13.05
C GLY A 271 -31.89 24.17 -11.79
N VAL A 272 -31.30 23.29 -10.97
CA VAL A 272 -31.98 22.81 -9.73
C VAL A 272 -31.12 23.21 -8.54
N GLY A 273 -31.77 23.40 -7.42
CA GLY A 273 -31.05 23.77 -6.20
C GLY A 273 -31.93 24.56 -5.29
N GLY A 274 -31.27 25.36 -4.45
CA GLY A 274 -31.95 26.11 -3.40
C GLY A 274 -30.96 26.59 -2.36
N ARG A 275 -31.53 27.14 -1.30
CA ARG A 275 -30.82 27.76 -0.18
C ARG A 275 -30.50 26.67 0.81
N PHE A 276 -29.50 26.91 1.62
CA PHE A 276 -29.08 26.01 2.72
C PHE A 276 -28.57 26.87 3.85
N ARG A 277 -28.57 26.28 5.03
CA ARG A 277 -28.14 26.92 6.28
C ARG A 277 -27.59 25.83 7.20
N CYS A 278 -26.48 26.09 7.86
CA CYS A 278 -25.98 25.14 8.88
C CYS A 278 -24.99 25.83 9.80
N SER A 279 -24.66 25.12 10.89
CA SER A 279 -23.84 25.59 12.02
C SER A 279 -22.66 24.64 12.15
N CYS A 280 -21.44 25.20 12.19
CA CYS A 280 -20.19 24.41 12.22
C CYS A 280 -20.05 23.78 13.61
N TYR A 281 -19.47 22.57 13.67
CA TYR A 281 -19.20 21.81 14.90
C TYR A 281 -17.97 22.38 15.65
N GLY A 282 -16.94 22.92 14.98
CA GLY A 282 -15.73 23.30 15.73
C GLY A 282 -14.74 24.09 14.93
N SER A 283 -13.56 24.33 15.51
CA SER A 283 -12.40 24.99 14.86
C SER A 283 -11.95 24.08 13.74
N ALA A 284 -11.80 24.64 12.56
CA ALA A 284 -11.37 23.92 11.35
C ALA A 284 -11.02 24.97 10.31
N PRO A 285 -10.02 24.69 9.45
CA PRO A 285 -9.80 25.51 8.27
C PRO A 285 -10.80 25.04 7.19
N MET A 286 -11.85 25.83 6.97
CA MET A 286 -12.93 25.52 5.99
C MET A 286 -12.37 25.82 4.59
N HIS A 287 -12.48 24.84 3.69
CA HIS A 287 -11.94 24.92 2.31
C HIS A 287 -13.08 25.15 1.32
N GLY A 288 -14.32 24.96 1.75
CA GLY A 288 -15.48 25.13 0.86
C GLY A 288 -16.54 24.10 1.15
N PHE A 289 -17.14 23.55 0.11
CA PHE A 289 -18.30 22.65 0.27
C PHE A 289 -18.06 21.37 -0.53
N ALA A 290 -18.68 20.31 -0.03
CA ALA A 290 -18.88 19.02 -0.72
C ALA A 290 -20.34 18.96 -1.07
N ILE A 291 -20.66 18.53 -2.28
CA ILE A 291 -22.04 18.07 -2.57
C ILE A 291 -21.97 16.57 -2.87
N TRP A 292 -23.06 15.86 -2.63
CA TRP A 292 -23.23 14.45 -3.04
C TRP A 292 -24.72 14.16 -3.20
N PHE A 293 -25.05 12.93 -3.52
CA PHE A 293 -26.43 12.55 -3.80
C PHE A 293 -26.69 11.15 -3.28
N GLN A 294 -27.96 10.84 -3.18
CA GLN A 294 -28.44 9.45 -3.07
C GLN A 294 -29.59 9.30 -4.06
N VAL A 295 -29.84 8.06 -4.46
CA VAL A 295 -31.02 7.70 -5.27
C VAL A 295 -31.75 6.60 -4.49
N THR A 296 -33.05 6.51 -4.74
CA THR A 296 -33.98 5.62 -4.02
C THR A 296 -34.72 4.78 -5.05
N PHE A 297 -34.62 3.46 -4.88
CA PHE A 297 -35.44 2.43 -5.56
C PHE A 297 -36.66 2.19 -4.69
N PRO A 298 -37.86 1.98 -5.28
CA PRO A 298 -39.00 1.52 -4.49
C PRO A 298 -38.75 0.08 -4.05
N GLY A 299 -39.33 -0.34 -2.93
CA GLY A 299 -39.24 -1.72 -2.40
C GLY A 299 -40.36 -2.61 -2.93
N GLU A 303 -41.31 -5.39 0.38
CA GLU A 303 -40.24 -5.06 1.37
C GLU A 303 -40.20 -3.53 1.60
N LYS A 304 -39.04 -2.87 1.44
CA LYS A 304 -38.78 -1.46 1.88
C LYS A 304 -37.81 -0.75 0.91
N PRO A 305 -37.76 0.61 0.85
CA PRO A 305 -36.99 1.33 -0.16
C PRO A 305 -35.46 1.24 -0.03
N LEU A 306 -34.77 0.82 -1.11
CA LEU A 306 -33.28 0.75 -1.12
C LEU A 306 -32.69 2.10 -1.54
N VAL A 307 -31.75 2.62 -0.76
CA VAL A 307 -31.11 3.94 -0.95
C VAL A 307 -29.66 3.65 -1.36
N LEU A 308 -29.21 4.14 -2.51
CA LEU A 308 -27.79 4.18 -2.91
C LEU A 308 -27.22 5.56 -2.54
N SER A 309 -26.30 5.65 -1.58
CA SER A 309 -25.74 6.92 -1.07
C SER A 309 -24.31 7.11 -1.58
N THR A 310 -23.91 8.37 -1.78
CA THR A 310 -22.51 8.75 -2.08
C THR A 310 -21.97 9.67 -0.99
N SER A 311 -22.63 9.68 0.15
CA SER A 311 -22.19 10.44 1.35
C SER A 311 -20.77 10.03 1.76
N PRO A 312 -19.97 10.99 2.27
CA PRO A 312 -18.67 10.68 2.84
C PRO A 312 -18.76 9.86 4.14
N PHE A 313 -19.94 9.83 4.76
CA PHE A 313 -20.20 9.01 5.97
C PHE A 313 -20.45 7.56 5.57
N HIS A 314 -20.69 7.30 4.30
CA HIS A 314 -21.05 5.95 3.80
C HIS A 314 -19.92 5.39 2.94
N PRO A 315 -19.96 4.08 2.66
CA PRO A 315 -18.84 3.45 1.97
C PRO A 315 -18.61 4.11 0.61
N ALA A 316 -17.33 4.26 0.30
CA ALA A 316 -16.80 4.87 -0.93
C ALA A 316 -17.48 4.26 -2.18
N THR A 317 -17.79 5.11 -3.15
CA THR A 317 -18.29 4.79 -4.49
C THR A 317 -17.37 5.50 -5.50
N HIS A 318 -17.48 5.15 -6.77
CA HIS A 318 -16.62 5.74 -7.82
C HIS A 318 -16.98 7.22 -8.01
N TRP A 319 -18.13 7.65 -7.52
CA TRP A 319 -18.57 9.06 -7.60
C TRP A 319 -17.81 9.96 -6.60
N LYS A 320 -17.30 9.40 -5.51
CA LYS A 320 -16.71 10.19 -4.41
C LYS A 320 -17.69 11.31 -4.02
N GLN A 321 -17.18 12.52 -3.87
CA GLN A 321 -18.03 13.71 -3.66
C GLN A 321 -17.50 14.75 -4.63
N ALA A 322 -18.30 15.78 -4.87
CA ALA A 322 -17.94 16.90 -5.76
C ALA A 322 -17.62 18.10 -4.88
N LEU A 323 -16.37 18.56 -4.93
CA LEU A 323 -15.85 19.61 -4.02
C LEU A 323 -15.86 20.96 -4.74
N LEU A 324 -16.37 21.95 -4.00
CA LEU A 324 -16.50 23.35 -4.39
C LEU A 324 -15.61 24.14 -3.44
N TYR A 325 -14.42 24.49 -3.88
CA TYR A 325 -13.38 25.12 -3.04
C TYR A 325 -13.60 26.64 -3.04
N LEU A 326 -13.48 27.26 -1.86
CA LEU A 326 -13.38 28.76 -1.77
C LEU A 326 -12.04 29.18 -2.36
N ASN A 327 -11.85 30.46 -2.68
CA ASN A 327 -10.55 30.94 -3.23
C ASN A 327 -9.42 30.72 -2.22
N GLU A 328 -9.73 30.67 -0.93
CA GLU A 328 -8.73 30.45 0.16
C GLU A 328 -9.44 29.88 1.37
N PRO A 329 -8.71 29.28 2.32
CA PRO A 329 -9.35 28.78 3.54
C PRO A 329 -9.96 29.95 4.33
N VAL A 330 -11.01 29.64 5.08
CA VAL A 330 -11.64 30.54 6.08
C VAL A 330 -11.70 29.74 7.36
N GLN A 331 -11.22 30.30 8.45
CA GLN A 331 -11.23 29.63 9.76
C GLN A 331 -12.66 29.71 10.30
N VAL A 332 -13.18 28.61 10.80
CA VAL A 332 -14.54 28.55 11.40
C VAL A 332 -14.40 27.99 12.82
N GLU A 333 -15.47 28.05 13.60
CA GLU A 333 -15.51 27.80 15.06
C GLU A 333 -16.83 27.11 15.35
N GLN A 334 -16.93 26.43 16.48
CA GLN A 334 -18.23 25.96 16.99
C GLN A 334 -19.25 27.09 16.73
N ASP A 335 -20.37 26.74 16.08
CA ASP A 335 -21.58 27.57 15.95
C ASP A 335 -21.44 28.68 14.90
N THR A 336 -20.29 28.79 14.22
CA THR A 336 -20.17 29.63 13.01
C THR A 336 -21.31 29.25 12.04
N ASP A 337 -22.06 30.27 11.58
CA ASP A 337 -23.22 30.13 10.66
C ASP A 337 -22.67 30.15 9.24
N VAL A 338 -23.00 29.14 8.45
CA VAL A 338 -22.67 29.03 7.00
C VAL A 338 -24.02 28.89 6.30
N SER A 339 -24.26 29.80 5.37
CA SER A 339 -25.52 29.82 4.58
C SER A 339 -25.16 30.10 3.13
N GLY A 340 -26.08 29.79 2.24
CA GLY A 340 -26.01 30.29 0.87
C GLY A 340 -27.01 29.61 -0.02
N GLU A 341 -26.65 29.54 -1.29
CA GLU A 341 -27.60 29.16 -2.34
C GLU A 341 -26.79 28.55 -3.48
N ILE A 342 -27.32 27.49 -4.09
CA ILE A 342 -26.58 26.68 -5.08
C ILE A 342 -27.56 26.30 -6.18
N THR A 343 -27.08 26.39 -7.41
CA THR A 343 -27.81 25.90 -8.59
C THR A 343 -26.84 25.02 -9.38
N LEU A 344 -27.35 23.86 -9.75
CA LEU A 344 -26.70 22.93 -10.68
C LEU A 344 -27.42 23.10 -12.01
N LEU A 345 -26.67 23.37 -13.08
CA LEU A 345 -27.26 23.54 -14.42
C LEU A 345 -26.22 23.15 -15.46
N PRO A 346 -26.69 22.75 -16.67
CA PRO A 346 -25.76 22.46 -17.78
C PRO A 346 -25.00 23.74 -18.21
N SER A 347 -23.70 23.61 -18.48
CA SER A 347 -22.84 24.64 -19.16
C SER A 347 -23.46 25.07 -20.49
N ARG A 348 -23.27 26.32 -20.88
CA ARG A 348 -23.88 26.88 -22.12
C ARG A 348 -23.29 26.14 -23.35
N ASP A 349 -21.97 25.91 -23.37
CA ASP A 349 -21.22 25.44 -24.56
C ASP A 349 -21.19 23.90 -24.61
N ASN A 350 -21.23 23.22 -23.46
CA ASN A 350 -21.37 21.73 -23.45
C ASN A 350 -22.53 21.35 -22.55
N PRO A 351 -23.70 20.91 -23.07
CA PRO A 351 -24.86 20.57 -22.24
C PRO A 351 -24.67 19.33 -21.32
N ARG A 352 -23.56 18.61 -21.44
CA ARG A 352 -23.20 17.41 -20.61
C ARG A 352 -22.25 17.83 -19.50
N ARG A 353 -21.83 19.08 -19.52
CA ARG A 353 -20.83 19.60 -18.57
C ARG A 353 -21.55 20.27 -17.40
N LEU A 354 -21.49 19.67 -16.19
CA LEU A 354 -22.17 20.24 -15.01
C LEU A 354 -21.51 21.57 -14.66
N ARG A 355 -22.37 22.53 -14.37
CA ARG A 355 -22.03 23.87 -13.88
C ARG A 355 -22.70 24.04 -12.51
N VAL A 356 -22.01 24.66 -11.56
CA VAL A 356 -22.54 24.98 -10.21
C VAL A 356 -22.37 26.45 -9.97
N LEU A 357 -23.47 27.14 -9.71
CA LEU A 357 -23.48 28.55 -9.28
C LEU A 357 -23.67 28.53 -7.77
N LEU A 358 -22.66 29.00 -7.05
CA LEU A 358 -22.70 29.02 -5.56
C LEU A 358 -22.68 30.46 -5.08
N ARG A 359 -23.55 30.71 -4.11
CA ARG A 359 -23.50 31.91 -3.24
C ARG A 359 -23.38 31.44 -1.78
N TYR A 360 -22.52 32.08 -1.00
CA TYR A 360 -22.31 31.59 0.38
C TYR A 360 -21.87 32.73 1.31
N LYS A 361 -22.16 32.55 2.59
CA LYS A 361 -21.76 33.45 3.68
C LYS A 361 -21.19 32.59 4.82
N VAL A 362 -19.93 32.83 5.17
CA VAL A 362 -19.27 32.16 6.32
C VAL A 362 -19.16 33.19 7.44
N GLY A 363 -19.87 32.93 8.55
CA GLY A 363 -20.01 33.84 9.70
C GLY A 363 -20.30 35.26 9.25
N ASP A 364 -19.44 36.21 9.65
CA ASP A 364 -19.66 37.67 9.48
C ASP A 364 -18.90 38.18 8.26
N GLN A 365 -18.17 37.29 7.58
CA GLN A 365 -17.60 37.58 6.24
C GLN A 365 -18.77 37.92 5.32
N GLU A 366 -18.58 38.84 4.36
CA GLU A 366 -19.68 39.23 3.43
C GLU A 366 -20.04 38.04 2.52
N GLU A 367 -21.26 38.08 1.97
CA GLU A 367 -21.78 37.13 0.96
C GLU A 367 -20.75 37.12 -0.18
N LYS A 368 -20.39 35.94 -0.66
CA LYS A 368 -19.55 35.78 -1.87
C LYS A 368 -20.23 34.83 -2.85
N THR A 369 -19.67 34.82 -4.05
CA THR A 369 -20.23 34.19 -5.23
C THR A 369 -19.09 33.40 -5.87
N LYS A 370 -19.37 32.20 -6.36
CA LYS A 370 -18.36 31.48 -7.17
C LYS A 370 -19.09 30.57 -8.14
N ASP A 371 -18.59 30.55 -9.36
CA ASP A 371 -19.20 29.89 -10.53
C ASP A 371 -18.26 28.75 -10.95
N PHE A 372 -18.66 27.50 -10.79
CA PHE A 372 -17.80 26.33 -11.02
C PHE A 372 -18.25 25.56 -12.26
N ALA A 373 -17.28 24.95 -12.94
CA ALA A 373 -17.49 23.98 -14.03
C ALA A 373 -16.73 22.66 -13.76
N MET A 374 -17.35 21.54 -14.11
CA MET A 374 -16.74 20.21 -13.94
C MET A 374 -15.41 20.18 -14.70
N GLU A 375 -14.39 19.64 -14.01
CA GLU A 375 -12.99 19.49 -14.48
C GLU A 375 -12.97 18.59 -15.72
N ASP A 376 -11.88 18.62 -16.50
CA ASP A 376 -11.67 17.79 -17.72
C ASP A 376 -10.63 16.71 -17.42
N ARG B 39 9.66 -14.17 36.40
CA ARG B 39 8.43 -13.89 37.20
C ARG B 39 8.73 -12.86 38.30
N THR B 40 9.96 -12.81 38.82
CA THR B 40 10.51 -11.69 39.66
C THR B 40 10.63 -10.36 38.88
N LYS B 41 10.60 -9.25 39.58
CA LYS B 41 10.75 -7.89 38.99
C LYS B 41 12.07 -7.81 38.22
N ARG B 42 13.16 -8.29 38.82
CA ARG B 42 14.49 -8.33 38.17
C ARG B 42 14.36 -8.99 36.80
N GLU B 43 13.67 -10.13 36.72
CA GLU B 43 13.63 -10.96 35.47
C GLU B 43 12.73 -10.27 34.44
N ARG B 44 11.66 -9.62 34.91
CA ARG B 44 10.69 -8.87 34.06
C ARG B 44 11.44 -7.68 33.46
N ASP B 45 12.12 -6.88 34.30
CA ASP B 45 12.97 -5.73 33.89
C ASP B 45 13.95 -6.18 32.80
N GLN B 46 14.59 -7.32 33.05
CA GLN B 46 15.69 -7.79 32.18
C GLN B 46 15.07 -8.17 30.83
N LEU B 47 13.92 -8.85 30.84
CA LEU B 47 13.25 -9.25 29.57
C LEU B 47 12.78 -7.99 28.82
N TYR B 48 12.23 -7.02 29.56
CA TYR B 48 11.70 -5.75 29.00
C TYR B 48 12.84 -4.99 28.31
N TYR B 49 13.92 -4.75 29.05
CA TYR B 49 15.05 -3.89 28.57
C TYR B 49 15.83 -4.56 27.45
N GLU B 50 15.78 -5.88 27.31
CA GLU B 50 16.61 -6.51 26.26
C GLU B 50 15.93 -6.28 24.89
N CYS B 51 14.62 -6.05 24.83
CA CYS B 51 13.98 -5.59 23.57
C CYS B 51 14.70 -4.32 23.09
N TYR B 52 14.98 -3.39 24.02
CA TYR B 52 15.48 -2.02 23.71
C TYR B 52 16.99 -2.03 23.53
N SER B 53 17.65 -3.16 23.82
CA SER B 53 19.12 -3.27 23.67
C SER B 53 19.43 -3.75 22.25
N ASP B 54 18.41 -4.17 21.49
CA ASP B 54 18.51 -4.55 20.07
C ASP B 54 18.14 -3.37 19.15
N VAL B 55 18.69 -3.36 17.94
CA VAL B 55 18.62 -2.24 16.96
C VAL B 55 17.18 -2.09 16.44
N SER B 56 16.48 -3.20 16.23
CA SER B 56 15.20 -3.26 15.44
C SER B 56 14.19 -2.24 15.96
N VAL B 57 13.88 -2.25 17.26
CA VAL B 57 12.91 -1.29 17.85
C VAL B 57 13.38 0.16 17.63
N HIS B 58 14.70 0.47 17.70
CA HIS B 58 15.17 1.88 17.56
C HIS B 58 15.05 2.27 16.10
N GLU B 59 15.35 1.33 15.19
CA GLU B 59 15.18 1.58 13.74
C GLU B 59 13.71 1.91 13.46
N GLU B 60 12.79 1.17 14.06
CA GLU B 60 11.36 1.36 13.79
C GLU B 60 10.94 2.76 14.24
N MET B 61 11.35 3.17 15.44
CA MET B 61 10.95 4.45 16.06
C MET B 61 11.51 5.63 15.25
N ILE B 62 12.75 5.53 14.76
CA ILE B 62 13.41 6.65 14.06
C ILE B 62 12.93 6.70 12.59
N ALA B 63 12.62 5.54 12.00
CA ALA B 63 11.96 5.45 10.67
C ALA B 63 10.54 5.99 10.76
N ASP B 64 9.93 6.04 11.96
CA ASP B 64 8.58 6.64 12.15
C ASP B 64 8.77 8.16 12.08
N ARG B 65 8.65 8.70 10.87
CA ARG B 65 8.88 10.12 10.49
C ARG B 65 7.83 10.98 11.23
N VAL B 66 6.57 10.58 11.26
CA VAL B 66 5.56 11.39 12.00
C VAL B 66 6.06 11.58 13.43
N ARG B 67 6.54 10.50 14.09
CA ARG B 67 6.94 10.55 15.51
C ARG B 67 8.18 11.44 15.64
N THR B 68 9.21 11.07 14.90
CA THR B 68 10.55 11.69 15.05
C THR B 68 10.45 13.15 14.60
N ASP B 69 9.75 13.48 13.51
CA ASP B 69 9.55 14.89 13.09
C ASP B 69 8.86 15.67 14.22
N ALA B 70 7.83 15.10 14.83
CA ALA B 70 7.04 15.81 15.85
C ALA B 70 7.92 16.14 17.05
N TYR B 71 8.78 15.23 17.50
CA TYR B 71 9.70 15.46 18.66
C TYR B 71 10.77 16.48 18.28
N ARG B 72 11.30 16.39 17.06
CA ARG B 72 12.37 17.33 16.64
C ARG B 72 11.78 18.74 16.67
N LEU B 73 10.68 18.98 15.96
CA LEU B 73 9.97 20.29 15.92
C LEU B 73 9.59 20.72 17.34
N GLY B 74 8.91 19.87 18.10
CA GLY B 74 8.44 20.23 19.44
C GLY B 74 9.60 20.70 20.30
N ILE B 75 10.76 20.08 20.12
CA ILE B 75 11.97 20.43 20.93
C ILE B 75 12.55 21.74 20.40
N LEU B 76 12.83 21.85 19.10
CA LEU B 76 13.58 23.00 18.50
C LEU B 76 12.69 24.25 18.50
N ARG B 77 11.38 24.11 18.30
CA ARG B 77 10.36 25.16 18.54
C ARG B 77 10.48 25.78 19.95
N ASN B 78 10.94 25.01 20.95
CA ASN B 78 10.92 25.41 22.38
C ASN B 78 12.33 25.82 22.84
N TRP B 79 13.20 26.28 21.93
CA TRP B 79 14.52 26.88 22.26
C TRP B 79 14.36 27.95 23.36
N ALA B 80 13.26 28.69 23.35
CA ALA B 80 12.96 29.69 24.40
C ALA B 80 13.16 29.05 25.77
N ALA B 81 12.53 27.92 26.05
CA ALA B 81 12.57 27.30 27.40
C ALA B 81 13.75 26.34 27.57
N LEU B 82 14.55 26.07 26.52
CA LEU B 82 15.65 25.07 26.61
C LEU B 82 17.04 25.73 26.52
N ARG B 83 17.20 26.82 25.77
CA ARG B 83 18.53 27.48 25.61
C ARG B 83 19.10 27.83 26.99
N GLY B 84 20.35 27.41 27.26
CA GLY B 84 21.07 27.60 28.53
C GLY B 84 20.52 26.76 29.67
N LYS B 85 19.52 25.91 29.42
CA LYS B 85 18.81 25.16 30.49
C LYS B 85 19.33 23.73 30.54
N THR B 86 18.88 22.99 31.55
CA THR B 86 19.24 21.58 31.80
C THR B 86 18.01 20.72 31.51
N VAL B 87 18.25 19.58 30.87
CA VAL B 87 17.17 18.68 30.38
C VAL B 87 17.47 17.25 30.83
N LEU B 88 16.42 16.55 31.24
CA LEU B 88 16.38 15.08 31.47
C LEU B 88 15.62 14.43 30.31
N ASP B 89 16.31 13.59 29.53
CA ASP B 89 15.71 12.66 28.53
C ASP B 89 15.45 11.34 29.26
N VAL B 90 14.19 11.00 29.49
CA VAL B 90 13.77 9.75 30.18
C VAL B 90 13.62 8.64 29.14
N GLY B 91 14.57 7.70 29.16
CA GLY B 91 14.70 6.62 28.18
C GLY B 91 15.30 7.13 26.89
N ALA B 92 16.59 7.45 26.89
CA ALA B 92 17.27 8.18 25.79
C ALA B 92 17.44 7.28 24.56
N GLY B 93 17.41 5.96 24.77
CA GLY B 93 17.66 4.97 23.72
C GLY B 93 18.96 5.24 23.00
N THR B 94 18.90 5.50 21.69
CA THR B 94 20.07 5.78 20.86
C THR B 94 20.55 7.23 21.06
N GLY B 95 19.81 8.05 21.79
CA GLY B 95 20.28 9.41 22.18
C GLY B 95 19.69 10.52 21.33
N ILE B 96 18.91 10.18 20.31
CA ILE B 96 18.48 11.17 19.27
C ILE B 96 17.76 12.36 19.94
N LEU B 97 16.80 12.14 20.82
CA LEU B 97 16.03 13.25 21.43
C LEU B 97 16.98 14.14 22.24
N SER B 98 17.93 13.55 22.94
CA SER B 98 18.94 14.26 23.77
C SER B 98 19.78 15.17 22.89
N ILE B 99 20.07 14.73 21.66
CA ILE B 99 20.91 15.52 20.73
C ILE B 99 20.08 16.69 20.21
N PHE B 100 18.80 16.46 19.94
CA PHE B 100 17.86 17.53 19.53
C PHE B 100 17.83 18.61 20.61
N CYS B 101 17.88 18.20 21.88
CA CYS B 101 17.84 19.15 23.02
C CYS B 101 19.14 19.97 23.03
N ALA B 102 20.27 19.33 22.79
CA ALA B 102 21.57 20.02 22.63
C ALA B 102 21.46 20.99 21.45
N GLN B 103 20.88 20.57 20.34
CA GLN B 103 20.76 21.45 19.14
C GLN B 103 19.83 22.64 19.44
N ALA B 104 18.91 22.53 20.40
CA ALA B 104 17.99 23.61 20.84
C ALA B 104 18.70 24.53 21.85
N GLY B 105 19.94 24.21 22.23
CA GLY B 105 20.84 25.05 23.03
C GLY B 105 20.90 24.70 24.51
N ALA B 106 20.43 23.53 24.96
CA ALA B 106 20.54 23.13 26.38
C ALA B 106 22.02 23.17 26.77
N ARG B 107 22.33 23.72 27.93
CA ARG B 107 23.75 23.71 28.38
C ARG B 107 24.05 22.28 28.85
N ARG B 108 23.07 21.56 29.39
CA ARG B 108 23.28 20.20 29.92
C ARG B 108 22.04 19.34 29.63
N VAL B 109 22.21 18.19 28.97
CA VAL B 109 21.17 17.13 28.83
C VAL B 109 21.64 15.86 29.52
N TYR B 110 20.85 15.36 30.48
CA TYR B 110 21.05 14.04 31.12
C TYR B 110 20.23 13.00 30.35
N ALA B 111 20.95 12.15 29.60
CA ALA B 111 20.37 11.06 28.79
C ALA B 111 20.33 9.77 29.63
N VAL B 112 19.18 9.48 30.26
CA VAL B 112 19.04 8.31 31.16
C VAL B 112 18.38 7.16 30.38
N GLU B 113 19.00 5.98 30.44
CA GLU B 113 18.64 4.81 29.63
C GLU B 113 19.00 3.54 30.41
N ALA B 114 17.98 2.74 30.70
CA ALA B 114 18.09 1.51 31.52
C ALA B 114 18.57 0.31 30.67
N SER B 115 18.40 0.25 29.36
CA SER B 115 18.89 -0.93 28.61
C SER B 115 20.32 -0.69 28.14
N ALA B 116 20.94 -1.74 27.61
CA ALA B 116 22.34 -1.78 27.11
C ALA B 116 22.53 -0.78 25.99
N ILE B 117 21.45 -0.30 25.39
CA ILE B 117 21.53 0.68 24.27
C ILE B 117 22.20 1.98 24.76
N TRP B 118 22.33 2.21 26.07
CA TRP B 118 22.96 3.45 26.59
C TRP B 118 24.37 3.60 25.99
N GLN B 119 25.06 2.48 25.80
CA GLN B 119 26.43 2.47 25.21
C GLN B 119 26.39 3.02 23.80
N GLN B 120 25.35 2.70 23.04
CA GLN B 120 25.14 3.25 21.69
C GLN B 120 24.87 4.75 21.81
N ALA B 121 24.06 5.22 22.77
CA ALA B 121 23.76 6.66 22.95
C ALA B 121 25.06 7.44 23.24
N ARG B 122 25.87 6.91 24.16
CA ARG B 122 27.20 7.45 24.50
C ARG B 122 28.01 7.59 23.21
N GLU B 123 28.07 6.53 22.41
CA GLU B 123 28.89 6.53 21.17
C GLU B 123 28.31 7.54 20.18
N VAL B 124 26.98 7.63 20.04
CA VAL B 124 26.34 8.63 19.13
C VAL B 124 26.72 10.03 19.60
N VAL B 125 26.53 10.29 20.88
CA VAL B 125 26.79 11.63 21.48
C VAL B 125 28.23 12.01 21.16
N ARG B 126 29.17 11.12 21.46
CA ARG B 126 30.61 11.34 21.27
C ARG B 126 30.87 11.60 19.78
N PHE B 127 30.22 10.83 18.91
CA PHE B 127 30.41 10.88 17.44
C PHE B 127 29.95 12.24 16.87
N ASN B 128 29.03 12.92 17.58
CA ASN B 128 28.45 14.22 17.16
C ASN B 128 29.14 15.34 17.93
N GLY B 129 30.15 15.01 18.74
CA GLY B 129 30.98 15.95 19.54
C GLY B 129 30.18 16.67 20.61
N LEU B 130 29.27 15.98 21.31
CA LEU B 130 28.37 16.63 22.28
C LEU B 130 28.55 16.07 23.69
N GLU B 131 29.65 15.37 23.99
CA GLU B 131 29.82 14.72 25.34
C GLU B 131 30.04 15.78 26.43
N ASP B 132 30.50 16.96 26.04
CA ASP B 132 30.66 18.14 26.94
C ASP B 132 29.27 18.60 27.43
N ARG B 133 28.20 18.39 26.64
CA ARG B 133 26.83 18.93 26.88
C ARG B 133 25.81 17.81 27.16
N VAL B 134 25.98 16.61 26.59
CA VAL B 134 25.03 15.49 26.80
C VAL B 134 25.75 14.39 27.59
N HIS B 135 25.26 14.08 28.79
CA HIS B 135 25.82 13.04 29.69
C HIS B 135 24.88 11.83 29.71
N VAL B 136 25.33 10.71 29.15
CA VAL B 136 24.54 9.45 29.15
C VAL B 136 24.74 8.80 30.51
N LEU B 137 23.64 8.58 31.25
CA LEU B 137 23.64 7.94 32.58
C LEU B 137 22.88 6.61 32.46
N PRO B 138 23.58 5.50 32.64
CA PRO B 138 22.93 4.20 32.55
C PRO B 138 22.01 3.95 33.75
N GLY B 139 20.97 3.15 33.54
CA GLY B 139 20.15 2.61 34.63
C GLY B 139 18.74 3.18 34.62
N PRO B 140 17.86 2.61 35.45
CA PRO B 140 16.49 3.09 35.57
C PRO B 140 16.49 4.57 36.01
N VAL B 141 15.62 5.39 35.42
CA VAL B 141 15.42 6.80 35.87
C VAL B 141 14.99 6.82 37.35
N GLU B 142 14.43 5.74 37.90
CA GLU B 142 13.92 5.70 39.29
C GLU B 142 15.08 5.73 40.31
N THR B 143 16.28 5.24 39.95
CA THR B 143 17.42 5.06 40.87
C THR B 143 18.65 5.83 40.39
N VAL B 144 18.64 6.41 39.20
CA VAL B 144 19.83 7.14 38.67
C VAL B 144 20.06 8.39 39.52
N GLU B 145 21.32 8.82 39.69
CA GLU B 145 21.66 9.99 40.54
C GLU B 145 22.11 11.16 39.67
N LEU B 146 21.21 12.13 39.41
CA LEU B 146 21.53 13.37 38.65
C LEU B 146 22.30 14.32 39.55
N PRO B 147 23.24 15.10 38.98
CA PRO B 147 23.95 16.16 39.71
C PRO B 147 23.08 17.29 40.28
N GLU B 148 21.91 17.53 39.71
CA GLU B 148 21.08 18.73 39.99
C GLU B 148 19.63 18.43 39.61
N GLN B 149 18.74 19.37 39.86
CA GLN B 149 17.36 19.37 39.33
C GLN B 149 17.41 19.91 37.90
N VAL B 150 16.36 19.69 37.12
CA VAL B 150 16.33 20.05 35.68
C VAL B 150 15.19 21.02 35.41
N ASP B 151 15.32 21.75 34.31
CA ASP B 151 14.38 22.78 33.81
C ASP B 151 13.28 22.11 32.99
N ALA B 152 13.55 20.91 32.45
CA ALA B 152 12.68 20.28 31.45
C ALA B 152 12.90 18.76 31.45
N ILE B 153 11.82 18.01 31.29
CA ILE B 153 11.88 16.58 30.89
C ILE B 153 11.40 16.45 29.45
N VAL B 154 12.11 15.64 28.66
CA VAL B 154 11.65 15.17 27.33
C VAL B 154 11.61 13.65 27.43
N SER B 155 10.56 13.03 26.90
CA SER B 155 10.45 11.55 26.87
C SER B 155 9.50 11.11 25.77
N GLU B 156 9.91 10.09 25.03
CA GLU B 156 9.01 9.33 24.12
C GLU B 156 8.64 8.01 24.81
N TRP B 157 7.61 8.09 25.64
CA TRP B 157 7.21 7.06 26.62
C TRP B 157 5.98 6.31 26.13
N MET B 158 5.38 6.72 25.00
CA MET B 158 4.04 6.22 24.66
C MET B 158 4.15 4.79 24.11
N GLY B 159 3.27 3.91 24.57
CA GLY B 159 3.13 2.55 24.04
C GLY B 159 1.88 2.37 23.22
N TYR B 160 1.66 1.15 22.75
CA TYR B 160 0.38 0.78 22.11
C TYR B 160 -0.73 1.13 23.10
N GLY B 161 -1.83 1.67 22.61
CA GLY B 161 -2.95 2.08 23.48
C GLY B 161 -2.53 3.19 24.42
N LEU B 162 -1.46 3.92 24.06
CA LEU B 162 -0.80 4.97 24.87
C LEU B 162 -0.03 4.37 26.07
N LEU B 163 -0.67 3.53 26.88
CA LEU B 163 -0.21 3.14 28.24
C LEU B 163 0.38 1.72 28.29
N HIS B 164 0.40 0.95 27.20
CA HIS B 164 1.18 -0.30 27.20
C HIS B 164 2.66 0.04 27.47
N GLU B 165 3.33 -0.78 28.29
CA GLU B 165 4.74 -0.62 28.76
C GLU B 165 4.79 0.19 30.06
N SER B 166 3.76 0.97 30.37
CA SER B 166 3.58 1.66 31.67
C SER B 166 4.73 2.64 31.89
N MET B 167 5.36 3.14 30.83
CA MET B 167 6.55 4.02 30.95
C MET B 167 6.17 5.41 31.49
N LEU B 168 4.92 5.84 31.33
CA LEU B 168 4.46 7.15 31.88
C LEU B 168 4.76 7.22 33.39
N SER B 169 4.53 6.15 34.15
CA SER B 169 4.91 6.05 35.59
C SER B 169 6.38 6.45 35.77
N SER B 170 7.29 6.02 34.89
CA SER B 170 8.73 6.31 35.03
C SER B 170 8.94 7.81 34.82
N VAL B 171 8.25 8.38 33.83
CA VAL B 171 8.37 9.82 33.49
C VAL B 171 7.82 10.62 34.67
N LEU B 172 6.69 10.18 35.22
CA LEU B 172 6.03 10.87 36.34
C LEU B 172 6.91 10.78 37.61
N HIS B 173 7.54 9.63 37.87
CA HIS B 173 8.54 9.46 38.97
C HIS B 173 9.66 10.49 38.78
N ALA B 174 10.22 10.57 37.56
CA ALA B 174 11.27 11.55 37.23
C ALA B 174 10.75 12.99 37.38
N ARG B 175 9.50 13.28 37.02
CA ARG B 175 8.92 14.66 37.17
CA ARG B 175 8.96 14.67 37.15
C ARG B 175 8.99 15.07 38.64
N THR B 176 8.44 14.24 39.52
CA THR B 176 8.36 14.42 41.00
C THR B 176 9.76 14.62 41.58
N LYS B 177 10.68 13.71 41.28
CA LYS B 177 12.03 13.66 41.90
C LYS B 177 12.97 14.72 41.31
N TRP B 178 12.94 15.01 40.01
CA TRP B 178 14.05 15.74 39.35
C TRP B 178 13.62 17.06 38.70
N LEU B 179 12.33 17.28 38.43
CA LEU B 179 11.89 18.47 37.66
C LEU B 179 11.63 19.63 38.62
N LYS B 180 12.23 20.79 38.35
CA LYS B 180 11.95 22.04 39.13
C LYS B 180 10.46 22.35 39.05
N GLU B 181 9.88 22.83 40.15
CA GLU B 181 8.60 23.57 40.22
C GLU B 181 8.39 24.38 38.91
N GLY B 182 7.28 24.16 38.19
CA GLY B 182 6.91 24.87 36.95
C GLY B 182 7.77 24.49 35.75
N GLY B 183 8.47 23.35 35.80
CA GLY B 183 9.36 22.90 34.71
C GLY B 183 8.59 22.48 33.46
N LEU B 184 9.30 22.41 32.34
CA LEU B 184 8.73 22.01 31.03
C LEU B 184 8.66 20.48 30.93
N LEU B 185 7.52 19.93 30.45
CA LEU B 185 7.38 18.51 30.02
C LEU B 185 7.12 18.48 28.52
N LEU B 186 7.94 17.76 27.75
CA LEU B 186 7.72 17.58 26.29
C LEU B 186 7.51 16.10 26.00
N PRO B 187 6.32 15.64 25.55
CA PRO B 187 5.13 16.48 25.46
C PRO B 187 4.52 16.75 26.85
N ALA B 188 3.53 17.65 26.90
CA ALA B 188 2.92 18.21 28.14
C ALA B 188 1.67 17.41 28.48
N SER B 189 0.99 16.84 27.48
CA SER B 189 -0.32 16.17 27.69
C SER B 189 -0.55 15.06 26.68
N ALA B 190 -1.51 14.20 26.99
CA ALA B 190 -1.97 13.13 26.12
C ALA B 190 -3.49 13.05 26.16
N GLU B 191 -4.09 12.58 25.07
CA GLU B 191 -5.54 12.34 25.00
C GLU B 191 -5.81 10.98 24.35
N LEU B 192 -6.89 10.35 24.77
CA LEU B 192 -7.29 9.02 24.31
C LEU B 192 -8.65 9.08 23.64
N PHE B 193 -8.76 8.34 22.53
CA PHE B 193 -9.95 8.34 21.65
C PHE B 193 -10.40 6.90 21.46
N ILE B 194 -11.70 6.73 21.36
CA ILE B 194 -12.35 5.45 20.99
C ILE B 194 -13.37 5.71 19.88
N VAL B 195 -13.58 4.72 19.05
CA VAL B 195 -14.63 4.77 17.99
C VAL B 195 -14.98 3.33 17.58
N PRO B 196 -16.28 3.02 17.31
CA PRO B 196 -16.65 1.77 16.67
C PRO B 196 -16.05 1.66 15.27
N ILE B 197 -15.71 0.43 14.91
CA ILE B 197 -15.08 0.09 13.60
C ILE B 197 -15.79 -1.09 12.95
N SER B 198 -15.80 -1.03 11.62
CA SER B 198 -15.99 -2.18 10.70
C SER B 198 -14.65 -2.38 9.99
N ASP B 199 -13.87 -3.33 10.47
CA ASP B 199 -12.47 -3.60 10.04
C ASP B 199 -12.51 -4.25 8.66
N GLN B 200 -12.25 -3.49 7.59
CA GLN B 200 -12.40 -4.03 6.21
C GLN B 200 -11.46 -5.24 6.01
N MET B 201 -10.26 -5.21 6.58
CA MET B 201 -9.31 -6.36 6.54
C MET B 201 -9.91 -7.61 7.22
N LEU B 202 -10.46 -7.48 8.43
CA LEU B 202 -11.08 -8.64 9.14
C LEU B 202 -12.27 -9.16 8.34
N GLU B 203 -13.06 -8.27 7.76
CA GLU B 203 -14.24 -8.66 6.92
C GLU B 203 -13.74 -9.54 5.77
N TRP B 204 -12.65 -9.17 5.10
CA TRP B 204 -12.02 -9.94 4.00
C TRP B 204 -11.61 -11.35 4.51
N ARG B 205 -10.97 -11.42 5.69
CA ARG B 205 -10.50 -12.68 6.32
C ARG B 205 -11.67 -13.58 6.69
N LEU B 206 -12.75 -13.01 7.24
CA LEU B 206 -13.97 -13.77 7.60
C LEU B 206 -14.64 -14.32 6.33
N GLY B 207 -14.63 -13.56 5.23
CA GLY B 207 -15.28 -13.96 3.96
C GLY B 207 -14.44 -14.92 3.13
N PHE B 208 -13.15 -15.10 3.49
CA PHE B 208 -12.16 -15.95 2.79
C PHE B 208 -12.73 -17.35 2.47
N TRP B 209 -13.37 -17.97 3.46
CA TRP B 209 -13.80 -19.39 3.43
C TRP B 209 -14.93 -19.58 2.43
N SER B 210 -15.71 -18.53 2.17
CA SER B 210 -16.76 -18.50 1.14
C SER B 210 -16.13 -18.40 -0.24
N GLN B 211 -14.88 -17.93 -0.35
CA GLN B 211 -14.20 -17.71 -1.66
C GLN B 211 -13.50 -19.00 -2.10
N VAL B 212 -13.35 -19.99 -1.23
CA VAL B 212 -12.50 -21.17 -1.56
C VAL B 212 -13.09 -21.92 -2.76
N LYS B 213 -14.42 -22.08 -2.81
CA LYS B 213 -15.16 -22.79 -3.88
C LYS B 213 -14.74 -22.27 -5.25
N GLN B 214 -14.68 -20.95 -5.39
CA GLN B 214 -14.38 -20.25 -6.65
C GLN B 214 -12.96 -20.59 -7.08
N HIS B 215 -12.01 -20.63 -6.16
CA HIS B 215 -10.57 -20.86 -6.48
C HIS B 215 -10.33 -22.34 -6.73
N TYR B 216 -10.93 -23.23 -5.94
CA TYR B 216 -10.45 -24.62 -5.81
C TYR B 216 -11.55 -25.68 -5.98
N GLY B 217 -12.81 -25.27 -6.18
CA GLY B 217 -13.95 -26.20 -6.35
C GLY B 217 -14.28 -26.94 -5.07
N VAL B 218 -13.98 -26.37 -3.91
CA VAL B 218 -14.29 -27.02 -2.60
C VAL B 218 -15.02 -26.01 -1.74
N ASP B 219 -16.25 -26.33 -1.33
CA ASP B 219 -17.11 -25.39 -0.58
C ASP B 219 -16.64 -25.37 0.87
N MET B 220 -16.06 -24.25 1.34
CA MET B 220 -15.63 -24.15 2.75
C MET B 220 -16.38 -23.02 3.45
N SER B 221 -17.52 -22.59 2.90
CA SER B 221 -18.36 -21.52 3.48
C SER B 221 -18.74 -21.89 4.92
N CYS B 222 -18.82 -23.19 5.27
CA CYS B 222 -19.19 -23.66 6.63
C CYS B 222 -18.12 -23.31 7.69
N LEU B 223 -16.92 -22.86 7.32
CA LEU B 223 -15.88 -22.49 8.32
C LEU B 223 -15.92 -21.00 8.72
N GLU B 224 -16.85 -20.20 8.18
CA GLU B 224 -17.01 -18.77 8.59
C GLU B 224 -17.10 -18.64 10.12
N GLY B 225 -18.02 -19.37 10.76
CA GLY B 225 -18.22 -19.37 12.22
C GLY B 225 -16.93 -19.65 12.95
N PHE B 226 -16.19 -20.70 12.52
CA PHE B 226 -14.91 -21.07 13.15
C PHE B 226 -13.89 -19.92 13.01
N ALA B 227 -13.78 -19.34 11.84
CA ALA B 227 -12.87 -18.20 11.56
C ALA B 227 -13.20 -17.05 12.51
N THR B 228 -14.48 -16.78 12.71
CA THR B 228 -15.00 -15.70 13.61
C THR B 228 -14.58 -15.97 15.06
N ARG B 229 -14.84 -17.16 15.60
CA ARG B 229 -14.41 -17.50 16.98
C ARG B 229 -12.91 -17.27 17.07
N CYS B 230 -12.11 -17.71 16.09
CA CYS B 230 -10.63 -17.61 16.21
C CYS B 230 -10.20 -16.14 16.16
N LEU B 231 -10.70 -15.35 15.22
CA LEU B 231 -10.15 -13.98 14.97
C LEU B 231 -10.78 -12.96 15.91
N MET B 232 -11.94 -13.23 16.51
CA MET B 232 -12.69 -12.24 17.33
C MET B 232 -12.95 -12.71 18.77
N GLY B 233 -13.06 -14.02 19.02
CA GLY B 233 -13.50 -14.62 20.30
C GLY B 233 -12.44 -14.56 21.38
N HIS B 234 -11.19 -14.27 21.05
CA HIS B 234 -10.09 -14.09 22.02
C HIS B 234 -10.29 -12.77 22.79
N SER B 235 -9.43 -12.53 23.76
CA SER B 235 -9.43 -11.32 24.62
C SER B 235 -8.10 -10.58 24.55
N GLU B 236 -7.44 -10.61 23.37
CA GLU B 236 -6.19 -9.86 23.12
C GLU B 236 -6.51 -8.51 22.46
N ILE B 237 -5.76 -7.49 22.83
CA ILE B 237 -5.78 -6.18 22.13
C ILE B 237 -4.94 -6.40 20.88
N VAL B 238 -5.44 -6.01 19.72
CA VAL B 238 -4.75 -6.25 18.43
C VAL B 238 -4.22 -4.93 17.96
N VAL B 239 -2.92 -4.86 17.72
CA VAL B 239 -2.29 -3.65 17.14
C VAL B 239 -2.40 -3.75 15.62
N GLN B 240 -3.11 -2.83 14.98
CA GLN B 240 -3.37 -2.88 13.52
C GLN B 240 -3.68 -1.47 13.03
N GLY B 241 -3.14 -1.12 11.87
CA GLY B 241 -3.41 0.12 11.14
C GLY B 241 -4.75 0.11 10.41
N LEU B 242 -5.67 1.01 10.78
CA LEU B 242 -6.95 1.23 10.09
C LEU B 242 -6.85 2.53 9.29
N SER B 243 -7.88 2.87 8.54
CA SER B 243 -8.06 4.21 7.91
C SER B 243 -9.52 4.62 8.04
N GLY B 244 -9.87 5.79 7.51
CA GLY B 244 -11.26 6.29 7.49
C GLY B 244 -12.26 5.24 7.07
N GLU B 245 -11.97 4.42 6.09
CA GLU B 245 -12.93 3.39 5.62
C GLU B 245 -13.32 2.42 6.75
N ASP B 246 -12.60 2.35 7.90
CA ASP B 246 -12.94 1.35 8.94
C ASP B 246 -13.79 2.00 10.06
N VAL B 247 -13.96 3.31 10.06
CA VAL B 247 -14.51 4.04 11.23
C VAL B 247 -16.04 4.23 11.05
N LEU B 248 -16.84 3.92 12.06
CA LEU B 248 -18.32 3.87 11.94
C LEU B 248 -19.01 5.06 12.60
N ALA B 249 -18.28 6.01 13.15
CA ALA B 249 -18.89 7.09 13.96
C ALA B 249 -17.87 8.18 14.22
N ARG B 250 -18.26 9.28 14.86
CA ARG B 250 -17.32 10.35 15.28
C ARG B 250 -16.47 9.79 16.42
N PRO B 251 -15.12 9.90 16.35
CA PRO B 251 -14.30 9.48 17.47
C PRO B 251 -14.61 10.30 18.73
N GLN B 252 -14.59 9.64 19.87
CA GLN B 252 -14.90 10.29 21.16
C GLN B 252 -13.63 10.27 22.01
N ARG B 253 -13.20 11.44 22.47
CA ARG B 253 -12.20 11.56 23.54
C ARG B 253 -12.76 10.85 24.79
N PHE B 254 -11.99 9.96 25.44
CA PHE B 254 -12.50 9.36 26.69
C PHE B 254 -11.58 9.69 27.87
N ALA B 255 -10.42 10.29 27.66
CA ALA B 255 -9.54 10.69 28.77
C ALA B 255 -8.53 11.72 28.28
N GLN B 256 -8.14 12.60 29.19
CA GLN B 256 -7.06 13.60 28.98
C GLN B 256 -6.09 13.42 30.14
N LEU B 257 -4.81 13.27 29.82
CA LEU B 257 -3.73 13.12 30.80
C LEU B 257 -2.84 14.36 30.71
N GLU B 258 -3.03 15.29 31.64
CA GLU B 258 -2.16 16.48 31.79
C GLU B 258 -0.98 16.02 32.64
N LEU B 259 0.25 15.95 32.13
CA LEU B 259 1.39 15.29 32.88
C LEU B 259 1.74 16.10 34.15
N SER B 260 1.44 17.40 34.18
CA SER B 260 1.67 18.27 35.37
C SER B 260 0.67 17.96 36.50
N ARG B 261 -0.46 17.33 36.21
CA ARG B 261 -1.62 17.21 37.15
C ARG B 261 -1.23 16.36 38.37
N ALA B 262 -1.44 16.93 39.57
CA ALA B 262 -1.28 16.25 40.88
C ALA B 262 -2.23 15.05 40.91
N GLY B 263 -1.73 13.87 41.31
CA GLY B 263 -2.55 12.66 41.43
C GLY B 263 -2.60 11.79 40.17
N LEU B 264 -1.86 12.11 39.09
CA LEU B 264 -1.92 11.34 37.81
C LEU B 264 -1.40 9.91 38.01
N GLU B 265 -0.34 9.73 38.80
CA GLU B 265 0.22 8.40 39.14
C GLU B 265 -0.93 7.57 39.73
N GLN B 266 -1.76 8.18 40.56
CA GLN B 266 -2.87 7.47 41.26
C GLN B 266 -3.96 7.14 40.24
N GLU B 267 -4.26 8.05 39.32
CA GLU B 267 -5.25 7.80 38.25
C GLU B 267 -4.80 6.57 37.44
N LEU B 268 -3.50 6.52 37.08
CA LEU B 268 -2.94 5.42 36.24
C LEU B 268 -3.09 4.08 36.99
N GLU B 269 -2.94 4.08 38.31
CA GLU B 269 -3.03 2.84 39.12
C GLU B 269 -4.52 2.44 39.22
N ALA B 270 -5.42 3.36 39.53
CA ALA B 270 -6.88 3.10 39.60
C ALA B 270 -7.39 2.67 38.21
N GLY B 271 -6.74 3.17 37.15
CA GLY B 271 -7.11 2.92 35.74
C GLY B 271 -7.67 4.19 35.12
N VAL B 272 -7.27 4.57 33.91
CA VAL B 272 -7.83 5.82 33.31
C VAL B 272 -8.84 5.48 32.20
N GLY B 273 -9.82 6.35 32.05
CA GLY B 273 -10.80 6.30 30.96
C GLY B 273 -12.11 6.86 31.45
N GLY B 274 -13.20 6.34 30.95
CA GLY B 274 -14.51 6.93 31.21
C GLY B 274 -15.53 6.51 30.18
N ARG B 275 -16.66 7.17 30.25
CA ARG B 275 -17.84 6.81 29.46
C ARG B 275 -17.69 7.48 28.10
N PHE B 276 -18.39 6.94 27.12
CA PHE B 276 -18.42 7.47 25.76
C PHE B 276 -19.77 7.10 25.16
N ARG B 277 -20.12 7.85 24.12
CA ARG B 277 -21.25 7.47 23.25
C ARG B 277 -21.06 8.09 21.88
N CYS B 278 -21.67 7.47 20.89
CA CYS B 278 -21.69 8.00 19.52
C CYS B 278 -22.79 7.35 18.73
N SER B 279 -23.00 7.86 17.52
CA SER B 279 -24.06 7.45 16.58
C SER B 279 -23.37 6.90 15.34
N CYS B 280 -23.74 5.72 14.89
CA CYS B 280 -23.13 5.08 13.71
C CYS B 280 -23.57 5.83 12.44
N TYR B 281 -22.65 5.92 11.50
CA TYR B 281 -22.77 6.70 10.24
C TYR B 281 -23.70 6.01 9.26
N GLY B 282 -23.82 4.67 9.31
CA GLY B 282 -24.52 3.88 8.29
C GLY B 282 -24.53 2.40 8.61
N SER B 283 -25.17 1.61 7.75
CA SER B 283 -25.22 0.12 7.81
C SER B 283 -23.81 -0.45 7.76
N ALA B 284 -23.47 -1.38 8.63
CA ALA B 284 -22.16 -2.07 8.62
C ALA B 284 -22.15 -3.19 9.64
N PRO B 285 -21.34 -4.26 9.43
CA PRO B 285 -20.99 -5.19 10.50
C PRO B 285 -19.97 -4.50 11.42
N MET B 286 -20.35 -4.18 12.66
CA MET B 286 -19.42 -3.62 13.65
C MET B 286 -18.61 -4.78 14.24
N HIS B 287 -17.29 -4.68 14.27
CA HIS B 287 -16.37 -5.72 14.80
C HIS B 287 -15.90 -5.35 16.20
N GLY B 288 -16.21 -4.14 16.66
CA GLY B 288 -15.73 -3.63 17.96
C GLY B 288 -15.22 -2.22 17.83
N PHE B 289 -14.14 -1.89 18.55
CA PHE B 289 -13.65 -0.51 18.73
C PHE B 289 -12.17 -0.42 18.42
N ALA B 290 -11.72 0.75 17.99
CA ALA B 290 -10.30 1.09 17.94
C ALA B 290 -10.12 2.18 18.96
N ILE B 291 -8.99 2.14 19.67
CA ILE B 291 -8.56 3.28 20.51
C ILE B 291 -7.24 3.78 19.96
N TRP B 292 -6.94 5.03 20.25
CA TRP B 292 -5.67 5.65 19.84
C TRP B 292 -5.47 6.90 20.66
N PHE B 293 -4.35 7.57 20.48
CA PHE B 293 -3.99 8.73 21.32
C PHE B 293 -3.35 9.83 20.48
N GLN B 294 -3.21 10.99 21.10
CA GLN B 294 -2.34 12.05 20.61
C GLN B 294 -1.61 12.60 21.83
N VAL B 295 -0.45 13.18 21.62
CA VAL B 295 0.24 13.98 22.65
C VAL B 295 0.47 15.37 22.06
N THR B 296 0.57 16.37 22.91
CA THR B 296 0.70 17.79 22.54
C THR B 296 1.99 18.33 23.14
N PHE B 297 2.79 19.01 22.32
CA PHE B 297 3.92 19.83 22.81
C PHE B 297 3.47 21.29 22.83
N PRO B 298 3.83 22.08 23.87
CA PRO B 298 3.69 23.54 23.82
C PRO B 298 4.28 24.15 22.55
N GLY B 299 3.64 25.22 22.07
CA GLY B 299 3.96 25.96 20.84
C GLY B 299 5.40 26.44 20.79
N GLY B 300 5.92 27.00 21.88
CA GLY B 300 7.24 27.69 21.90
C GLY B 300 7.25 28.90 20.98
N GLU B 301 8.05 28.88 19.90
CA GLU B 301 8.19 29.98 18.91
C GLU B 301 6.96 29.99 17.97
N SER B 302 6.30 28.84 17.80
CA SER B 302 5.01 28.71 17.06
C SER B 302 3.90 29.33 17.90
N GLU B 303 2.87 29.83 17.23
CA GLU B 303 1.69 30.49 17.85
C GLU B 303 0.86 29.42 18.60
N LYS B 304 0.84 28.16 18.12
CA LYS B 304 -0.13 27.11 18.57
C LYS B 304 0.57 25.76 18.84
N PRO B 305 -0.07 24.85 19.60
CA PRO B 305 0.57 23.60 20.02
C PRO B 305 0.80 22.61 18.87
N LEU B 306 1.91 21.89 18.94
CA LEU B 306 2.24 20.74 18.05
C LEU B 306 1.61 19.47 18.63
N VAL B 307 0.67 18.89 17.88
CA VAL B 307 -0.02 17.62 18.21
C VAL B 307 0.66 16.48 17.44
N LEU B 308 1.06 15.42 18.14
CA LEU B 308 1.50 14.17 17.48
C LEU B 308 0.31 13.23 17.58
N SER B 309 -0.34 12.85 16.47
CA SER B 309 -1.59 12.03 16.45
C SER B 309 -1.32 10.62 15.93
N THR B 310 -2.06 9.62 16.44
CA THR B 310 -2.03 8.21 15.95
C THR B 310 -3.43 7.80 15.48
N SER B 311 -4.26 8.79 15.16
CA SER B 311 -5.61 8.60 14.58
C SER B 311 -5.51 7.88 13.24
N PRO B 312 -6.48 7.02 12.94
CA PRO B 312 -6.59 6.37 11.64
C PRO B 312 -6.82 7.35 10.47
N PHE B 313 -7.30 8.56 10.75
CA PHE B 313 -7.53 9.61 9.73
C PHE B 313 -6.24 10.38 9.46
N HIS B 314 -5.17 10.09 10.19
CA HIS B 314 -3.91 10.88 10.15
C HIS B 314 -2.81 9.96 9.62
N PRO B 315 -1.67 10.50 9.19
CA PRO B 315 -0.62 9.65 8.65
C PRO B 315 -0.26 8.55 9.67
N ALA B 316 0.10 7.38 9.13
CA ALA B 316 0.44 6.14 9.87
C ALA B 316 1.64 6.40 10.80
N THR B 317 1.61 5.78 11.98
CA THR B 317 2.73 5.72 12.94
C THR B 317 2.98 4.27 13.26
N HIS B 318 4.12 3.98 13.88
CA HIS B 318 4.45 2.62 14.39
C HIS B 318 3.45 2.18 15.45
N TRP B 319 2.72 3.10 16.07
CA TRP B 319 1.71 2.77 17.11
C TRP B 319 0.44 2.21 16.47
N LYS B 320 0.21 2.55 15.20
CA LYS B 320 -1.03 2.12 14.51
C LYS B 320 -2.20 2.48 15.41
N GLN B 321 -3.19 1.60 15.51
CA GLN B 321 -4.25 1.71 16.54
C GLN B 321 -4.36 0.37 17.28
N ALA B 322 -5.05 0.42 18.41
CA ALA B 322 -5.29 -0.74 19.29
C ALA B 322 -6.75 -1.13 19.15
N LEU B 323 -7.01 -2.35 18.72
CA LEU B 323 -8.36 -2.83 18.34
C LEU B 323 -8.90 -3.74 19.44
N LEU B 324 -10.16 -3.49 19.81
CA LEU B 324 -10.92 -4.25 20.81
C LEU B 324 -12.08 -4.91 20.08
N TYR B 325 -11.95 -6.18 19.74
CA TYR B 325 -12.98 -6.94 19.00
C TYR B 325 -14.07 -7.42 19.95
N LEU B 326 -15.32 -7.21 19.56
CA LEU B 326 -16.46 -7.98 20.12
C LEU B 326 -16.22 -9.47 19.83
N ASN B 327 -16.92 -10.36 20.53
CA ASN B 327 -16.79 -11.83 20.33
C ASN B 327 -17.23 -12.17 18.90
N GLU B 328 -18.18 -11.42 18.33
CA GLU B 328 -18.61 -11.63 16.91
C GLU B 328 -19.16 -10.31 16.36
N PRO B 329 -19.31 -10.15 15.02
CA PRO B 329 -19.82 -8.91 14.44
C PRO B 329 -21.24 -8.60 14.94
N VAL B 330 -21.59 -7.32 15.04
CA VAL B 330 -22.98 -6.84 15.28
C VAL B 330 -23.34 -5.95 14.10
N GLN B 331 -24.46 -6.20 13.44
CA GLN B 331 -24.97 -5.30 12.37
C GLN B 331 -25.44 -4.01 13.05
N VAL B 332 -24.96 -2.87 12.58
CA VAL B 332 -25.47 -1.53 13.01
C VAL B 332 -26.14 -0.88 11.80
N GLU B 333 -26.84 0.23 12.04
CA GLU B 333 -27.60 1.00 11.02
C GLU B 333 -27.22 2.46 11.18
N GLN B 334 -27.62 3.28 10.23
CA GLN B 334 -27.50 4.75 10.43
C GLN B 334 -28.11 5.10 11.77
N ASP B 335 -27.41 5.90 12.58
CA ASP B 335 -27.84 6.47 13.89
C ASP B 335 -27.93 5.40 14.99
N THR B 336 -27.47 4.17 14.79
CA THR B 336 -27.37 3.20 15.91
C THR B 336 -26.53 3.84 17.02
N ASP B 337 -27.06 3.82 18.23
CA ASP B 337 -26.39 4.32 19.44
C ASP B 337 -25.38 3.29 19.96
N VAL B 338 -24.14 3.70 20.13
CA VAL B 338 -23.08 2.87 20.74
C VAL B 338 -22.57 3.63 21.94
N SER B 339 -22.68 3.03 23.11
CA SER B 339 -22.30 3.69 24.38
C SER B 339 -21.55 2.69 25.24
N GLY B 340 -20.77 3.21 26.16
CA GLY B 340 -19.99 2.32 27.00
C GLY B 340 -19.11 3.07 27.95
N GLU B 341 -18.24 2.31 28.61
CA GLU B 341 -17.20 2.83 29.51
C GLU B 341 -15.96 2.01 29.29
N ILE B 342 -14.83 2.69 29.22
CA ILE B 342 -13.55 2.01 28.97
C ILE B 342 -12.57 2.47 30.03
N THR B 343 -11.82 1.51 30.56
CA THR B 343 -10.77 1.71 31.58
C THR B 343 -9.47 1.08 31.11
N LEU B 344 -8.38 1.83 31.15
CA LEU B 344 -7.04 1.33 30.83
C LEU B 344 -6.24 1.24 32.14
N LEU B 345 -5.68 0.05 32.44
CA LEU B 345 -4.87 -0.18 33.66
C LEU B 345 -3.78 -1.23 33.43
N PRO B 346 -2.74 -1.24 34.28
CA PRO B 346 -1.68 -2.25 34.20
C PRO B 346 -2.32 -3.62 34.48
N SER B 347 -1.82 -4.68 33.86
CA SER B 347 -2.22 -6.09 34.21
C SER B 347 -1.74 -6.42 35.64
N ARG B 348 -2.40 -7.38 36.29
CA ARG B 348 -2.03 -7.85 37.65
C ARG B 348 -0.65 -8.54 37.60
N ASP B 349 -0.48 -9.54 36.74
CA ASP B 349 0.77 -10.37 36.67
C ASP B 349 1.95 -9.52 36.18
N ASN B 350 1.79 -8.72 35.11
CA ASN B 350 2.88 -7.92 34.48
C ASN B 350 2.47 -6.45 34.44
N PRO B 351 3.06 -5.58 35.30
CA PRO B 351 2.63 -4.20 35.43
C PRO B 351 2.90 -3.37 34.17
N ARG B 352 3.62 -3.91 33.19
CA ARG B 352 3.96 -3.24 31.92
C ARG B 352 2.97 -3.64 30.81
N ARG B 353 2.02 -4.51 31.12
CA ARG B 353 1.09 -5.11 30.13
C ARG B 353 -0.24 -4.40 30.25
N LEU B 354 -0.62 -3.66 29.20
CA LEU B 354 -1.87 -2.90 29.20
C LEU B 354 -3.03 -3.89 29.31
N ARG B 355 -3.96 -3.54 30.16
CA ARG B 355 -5.25 -4.21 30.26
C ARG B 355 -6.35 -3.19 29.92
N VAL B 356 -7.45 -3.65 29.32
CA VAL B 356 -8.63 -2.81 28.97
C VAL B 356 -9.88 -3.52 29.49
N LEU B 357 -10.63 -2.83 30.35
CA LEU B 357 -11.97 -3.24 30.82
C LEU B 357 -12.97 -2.43 29.99
N LEU B 358 -13.86 -3.12 29.32
CA LEU B 358 -14.82 -2.50 28.41
C LEU B 358 -16.20 -2.97 28.82
N ARG B 359 -17.13 -2.05 28.98
CA ARG B 359 -18.56 -2.41 28.93
C ARG B 359 -19.15 -1.53 27.85
N TYR B 360 -20.07 -2.07 27.08
CA TYR B 360 -20.55 -1.40 25.87
C TYR B 360 -21.96 -1.87 25.63
N LYS B 361 -22.72 -1.05 24.92
CA LYS B 361 -24.09 -1.37 24.44
C LYS B 361 -24.25 -0.85 23.01
N VAL B 362 -24.69 -1.72 22.12
CA VAL B 362 -24.96 -1.41 20.69
C VAL B 362 -26.46 -1.45 20.47
N GLY B 363 -27.08 -0.30 20.23
CA GLY B 363 -28.52 -0.19 19.96
C GLY B 363 -29.34 -0.86 21.05
N ASP B 364 -30.25 -1.75 20.66
CA ASP B 364 -31.20 -2.42 21.60
C ASP B 364 -30.54 -3.64 22.25
N GLN B 365 -29.36 -4.05 21.79
CA GLN B 365 -28.67 -5.24 22.34
C GLN B 365 -28.38 -4.99 23.83
N GLU B 366 -28.46 -6.03 24.66
CA GLU B 366 -28.10 -5.97 26.10
C GLU B 366 -26.68 -5.44 26.21
N GLU B 367 -26.37 -4.80 27.33
CA GLU B 367 -25.00 -4.35 27.66
C GLU B 367 -24.11 -5.58 27.78
N LYS B 368 -22.91 -5.50 27.26
CA LYS B 368 -21.92 -6.60 27.31
C LYS B 368 -20.63 -6.05 27.89
N THR B 369 -19.76 -6.97 28.26
CA THR B 369 -18.55 -6.73 29.04
C THR B 369 -17.44 -7.51 28.32
N LYS B 370 -16.23 -6.97 28.22
CA LYS B 370 -15.07 -7.73 27.70
C LYS B 370 -13.79 -7.13 28.28
N ASP B 371 -12.86 -8.03 28.61
CA ASP B 371 -11.66 -7.76 29.43
C ASP B 371 -10.49 -8.18 28.54
N PHE B 372 -9.70 -7.21 28.07
CA PHE B 372 -8.62 -7.46 27.07
C PHE B 372 -7.25 -7.25 27.71
N ALA B 373 -6.26 -7.95 27.19
CA ALA B 373 -4.84 -7.76 27.57
C ALA B 373 -4.01 -7.63 26.30
N MET B 374 -3.04 -6.73 26.33
CA MET B 374 -2.16 -6.51 25.16
C MET B 374 -1.61 -7.87 24.73
N GLU B 375 -1.79 -8.17 23.44
CA GLU B 375 -1.23 -9.37 22.78
C GLU B 375 0.25 -9.42 23.12
N ASP B 376 0.91 -10.54 22.84
CA ASP B 376 2.36 -10.70 23.14
C ASP B 376 3.13 -10.85 21.82
N THR C 40 8.88 -31.31 27.60
CA THR C 40 8.46 -32.76 27.40
C THR C 40 7.71 -32.92 26.07
N LYS C 41 7.45 -34.16 25.65
CA LYS C 41 6.84 -34.48 24.33
C LYS C 41 5.35 -34.09 24.36
N ARG C 42 4.68 -34.33 25.48
CA ARG C 42 3.25 -34.02 25.69
C ARG C 42 3.05 -32.51 25.46
N GLU C 43 3.84 -31.66 26.09
CA GLU C 43 3.67 -30.19 26.06
C GLU C 43 4.25 -29.58 24.78
N ARG C 44 5.21 -30.23 24.13
CA ARG C 44 5.73 -29.85 22.79
C ARG C 44 4.65 -30.15 21.73
N ASP C 45 4.02 -31.32 21.79
CA ASP C 45 2.89 -31.72 20.90
C ASP C 45 1.70 -30.75 21.11
N GLN C 46 1.39 -30.45 22.36
CA GLN C 46 0.26 -29.56 22.69
C GLN C 46 0.54 -28.16 22.10
N LEU C 47 1.72 -27.58 22.33
CA LEU C 47 2.13 -26.27 21.74
C LEU C 47 2.06 -26.31 20.20
N TYR C 48 2.67 -27.31 19.57
CA TYR C 48 2.73 -27.49 18.09
C TYR C 48 1.32 -27.53 17.48
N TYR C 49 0.47 -28.39 18.02
CA TYR C 49 -0.90 -28.62 17.47
C TYR C 49 -1.82 -27.41 17.79
N GLU C 50 -1.43 -26.54 18.72
CA GLU C 50 -2.24 -25.34 19.01
C GLU C 50 -2.22 -24.47 17.76
N CYS C 51 -1.07 -24.31 17.12
CA CYS C 51 -0.94 -23.52 15.86
C CYS C 51 -2.00 -24.00 14.85
N TYR C 52 -2.12 -25.32 14.63
CA TYR C 52 -2.93 -25.88 13.52
C TYR C 52 -4.42 -25.93 13.93
N SER C 53 -4.70 -25.77 15.24
CA SER C 53 -6.07 -25.73 15.82
CA SER C 53 -6.07 -25.74 15.80
C SER C 53 -6.73 -24.41 15.45
N ASP C 54 -5.92 -23.39 15.17
CA ASP C 54 -6.34 -22.01 14.83
C ASP C 54 -6.46 -21.83 13.30
N VAL C 55 -7.39 -20.97 12.89
CA VAL C 55 -7.72 -20.69 11.47
C VAL C 55 -6.55 -20.07 10.70
N SER C 56 -5.73 -19.24 11.30
CA SER C 56 -4.83 -18.34 10.54
C SER C 56 -3.84 -19.13 9.66
N VAL C 57 -3.17 -20.16 10.18
CA VAL C 57 -2.21 -20.96 9.35
C VAL C 57 -2.94 -21.56 8.15
N HIS C 58 -4.17 -22.05 8.32
CA HIS C 58 -4.91 -22.72 7.21
C HIS C 58 -5.35 -21.68 6.18
N GLU C 59 -5.76 -20.49 6.63
CA GLU C 59 -6.07 -19.36 5.70
C GLU C 59 -4.81 -19.11 4.87
N GLU C 60 -3.68 -18.99 5.54
CA GLU C 60 -2.41 -18.66 4.87
C GLU C 60 -2.09 -19.80 3.88
N MET C 61 -2.30 -21.05 4.28
CA MET C 61 -1.91 -22.19 3.41
C MET C 61 -2.85 -22.27 2.20
N ILE C 62 -4.16 -22.15 2.42
CA ILE C 62 -5.13 -22.24 1.31
C ILE C 62 -5.07 -20.97 0.46
N ALA C 63 -4.67 -19.81 1.01
CA ALA C 63 -4.48 -18.58 0.18
C ALA C 63 -3.19 -18.67 -0.63
N ASP C 64 -2.28 -19.56 -0.25
CA ASP C 64 -1.09 -19.88 -1.11
C ASP C 64 -1.57 -20.64 -2.34
N ARG C 65 -1.82 -19.94 -3.44
CA ARG C 65 -2.42 -20.56 -4.66
C ARG C 65 -1.36 -21.44 -5.34
N VAL C 66 -0.09 -21.02 -5.31
CA VAL C 66 1.01 -21.84 -5.91
C VAL C 66 1.00 -23.20 -5.22
N ARG C 67 0.98 -23.20 -3.89
CA ARG C 67 0.96 -24.46 -3.10
C ARG C 67 -0.31 -25.24 -3.44
N THR C 68 -1.48 -24.65 -3.22
CA THR C 68 -2.78 -25.33 -3.29
C THR C 68 -3.11 -25.75 -4.73
N ASP C 69 -2.86 -24.91 -5.73
CA ASP C 69 -3.08 -25.36 -7.14
C ASP C 69 -2.08 -26.46 -7.51
N ALA C 70 -0.85 -26.43 -6.98
CA ALA C 70 0.14 -27.47 -7.35
C ALA C 70 -0.41 -28.81 -6.84
N TYR C 71 -1.00 -28.82 -5.65
CA TYR C 71 -1.61 -30.06 -5.11
C TYR C 71 -2.89 -30.42 -5.87
N ARG C 72 -3.76 -29.46 -6.17
CA ARG C 72 -5.02 -29.79 -6.90
C ARG C 72 -4.65 -30.43 -8.24
N LEU C 73 -3.73 -29.83 -8.99
CA LEU C 73 -3.34 -30.30 -10.34
C LEU C 73 -2.50 -31.58 -10.21
N GLY C 74 -1.67 -31.69 -9.17
CA GLY C 74 -0.83 -32.89 -8.97
C GLY C 74 -1.67 -34.13 -8.70
N ILE C 75 -2.72 -33.96 -7.91
CA ILE C 75 -3.71 -35.04 -7.58
C ILE C 75 -4.53 -35.36 -8.83
N LEU C 76 -5.06 -34.34 -9.52
CA LEU C 76 -5.95 -34.57 -10.67
C LEU C 76 -5.13 -35.20 -11.81
N ARG C 77 -3.86 -34.83 -12.01
CA ARG C 77 -2.96 -35.45 -13.02
C ARG C 77 -2.91 -36.97 -12.80
N ASN C 78 -3.08 -37.44 -11.55
CA ASN C 78 -2.90 -38.85 -11.11
C ASN C 78 -4.26 -39.53 -10.94
N TRP C 79 -5.29 -39.10 -11.70
CA TRP C 79 -6.66 -39.67 -11.69
C TRP C 79 -6.60 -41.19 -11.93
N ALA C 80 -5.77 -41.62 -12.88
CA ALA C 80 -5.55 -43.05 -13.23
C ALA C 80 -5.20 -43.84 -11.98
N ALA C 81 -4.14 -43.42 -11.27
CA ALA C 81 -3.60 -44.18 -10.11
C ALA C 81 -4.57 -44.12 -8.92
N LEU C 82 -5.41 -43.08 -8.84
CA LEU C 82 -6.29 -42.80 -7.67
C LEU C 82 -7.71 -43.36 -7.89
N ARG C 83 -8.20 -43.42 -9.13
CA ARG C 83 -9.61 -43.80 -9.37
C ARG C 83 -9.86 -45.20 -8.79
N GLY C 84 -10.88 -45.32 -7.94
CA GLY C 84 -11.29 -46.60 -7.34
C GLY C 84 -10.37 -47.02 -6.23
N LYS C 85 -9.33 -46.23 -5.93
CA LYS C 85 -8.28 -46.62 -4.97
C LYS C 85 -8.51 -45.93 -3.62
N THR C 86 -7.73 -46.34 -2.62
CA THR C 86 -7.78 -45.78 -1.24
C THR C 86 -6.57 -44.84 -1.03
N VAL C 87 -6.78 -43.77 -0.28
CA VAL C 87 -5.79 -42.67 -0.07
C VAL C 87 -5.71 -42.38 1.43
N LEU C 88 -4.48 -42.21 1.95
CA LEU C 88 -4.25 -41.63 3.30
C LEU C 88 -3.71 -40.20 3.13
N ASP C 89 -4.41 -39.22 3.72
CA ASP C 89 -3.95 -37.81 3.80
C ASP C 89 -3.31 -37.65 5.16
N VAL C 90 -2.01 -37.44 5.20
CA VAL C 90 -1.25 -37.27 6.49
C VAL C 90 -1.29 -35.78 6.85
N GLY C 91 -1.99 -35.44 7.94
CA GLY C 91 -2.17 -34.05 8.38
C GLY C 91 -3.16 -33.33 7.47
N ALA C 92 -4.43 -33.74 7.55
CA ALA C 92 -5.51 -33.38 6.63
C ALA C 92 -5.87 -31.90 6.76
N GLY C 93 -5.63 -31.28 7.92
CA GLY C 93 -6.00 -29.88 8.16
C GLY C 93 -7.49 -29.68 7.99
N THR C 94 -7.91 -28.74 7.12
CA THR C 94 -9.33 -28.43 6.79
C THR C 94 -9.94 -29.45 5.81
N GLY C 95 -9.14 -30.41 5.30
CA GLY C 95 -9.62 -31.58 4.55
C GLY C 95 -9.47 -31.38 3.07
N ILE C 96 -8.98 -30.22 2.63
CA ILE C 96 -8.99 -29.80 1.19
C ILE C 96 -8.31 -30.87 0.30
N LEU C 97 -7.19 -31.47 0.70
CA LEU C 97 -6.45 -32.39 -0.21
C LEU C 97 -7.22 -33.72 -0.29
N SER C 98 -7.80 -34.13 0.83
CA SER C 98 -8.63 -35.35 0.91
C SER C 98 -9.80 -35.20 -0.08
N ILE C 99 -10.34 -34.00 -0.15
CA ILE C 99 -11.54 -33.74 -1.00
C ILE C 99 -11.07 -33.74 -2.43
N PHE C 100 -9.89 -33.16 -2.73
CA PHE C 100 -9.32 -33.24 -4.10
C PHE C 100 -9.22 -34.70 -4.52
N CYS C 101 -8.84 -35.60 -3.60
CA CYS C 101 -8.62 -37.03 -3.91
C CYS C 101 -9.98 -37.66 -4.23
N ALA C 102 -11.02 -37.37 -3.44
CA ALA C 102 -12.41 -37.81 -3.70
C ALA C 102 -12.87 -37.32 -5.07
N GLN C 103 -12.61 -36.06 -5.42
CA GLN C 103 -13.04 -35.48 -6.71
C GLN C 103 -12.25 -36.15 -7.85
N ALA C 104 -11.12 -36.79 -7.55
CA ALA C 104 -10.26 -37.42 -8.58
C ALA C 104 -10.76 -38.84 -8.85
N GLY C 105 -11.62 -39.35 -7.96
CA GLY C 105 -12.31 -40.63 -8.15
C GLY C 105 -11.93 -41.68 -7.13
N ALA C 106 -11.21 -41.32 -6.06
CA ALA C 106 -10.81 -42.26 -4.99
C ALA C 106 -12.07 -42.83 -4.35
N ARG C 107 -12.14 -44.15 -4.13
CA ARG C 107 -13.32 -44.77 -3.49
C ARG C 107 -13.32 -44.37 -2.01
N ARG C 108 -12.14 -44.21 -1.42
CA ARG C 108 -12.03 -44.01 0.05
C ARG C 108 -10.77 -43.18 0.36
N VAL C 109 -10.92 -42.19 1.24
CA VAL C 109 -9.79 -41.32 1.69
C VAL C 109 -9.80 -41.28 3.21
N TYR C 110 -8.69 -41.61 3.84
CA TYR C 110 -8.49 -41.47 5.31
C TYR C 110 -7.71 -40.18 5.57
N ALA C 111 -8.40 -39.24 6.18
CA ALA C 111 -7.94 -37.87 6.47
C ALA C 111 -7.57 -37.82 7.95
N VAL C 112 -6.28 -37.92 8.23
CA VAL C 112 -5.76 -38.05 9.60
C VAL C 112 -5.19 -36.70 10.01
N GLU C 113 -5.60 -36.20 11.17
CA GLU C 113 -5.26 -34.84 11.61
C GLU C 113 -5.21 -34.85 13.13
N ALA C 114 -4.09 -34.43 13.68
CA ALA C 114 -3.74 -34.52 15.12
C ALA C 114 -4.20 -33.29 15.89
N SER C 115 -4.45 -32.17 15.22
CA SER C 115 -4.91 -30.93 15.90
C SER C 115 -6.44 -30.92 15.90
N ALA C 116 -7.03 -30.05 16.72
CA ALA C 116 -8.50 -29.85 16.85
C ALA C 116 -9.13 -29.52 15.50
N ILE C 117 -8.33 -29.11 14.50
CA ILE C 117 -8.87 -28.73 13.17
C ILE C 117 -9.56 -29.94 12.53
N TRP C 118 -9.37 -31.15 13.05
CA TRP C 118 -10.01 -32.33 12.41
C TRP C 118 -11.54 -32.14 12.38
N GLN C 119 -12.08 -31.39 13.34
CA GLN C 119 -13.56 -31.14 13.50
C GLN C 119 -14.08 -30.31 12.34
N GLN C 120 -13.31 -29.32 11.92
CA GLN C 120 -13.60 -28.44 10.76
C GLN C 120 -13.49 -29.28 9.50
N ALA C 121 -12.40 -30.05 9.32
CA ALA C 121 -12.31 -31.04 8.23
C ALA C 121 -13.59 -31.90 8.20
N ARG C 122 -14.02 -32.48 9.32
CA ARG C 122 -15.27 -33.31 9.31
C ARG C 122 -16.43 -32.47 8.71
N GLU C 123 -16.61 -31.23 9.17
CA GLU C 123 -17.73 -30.40 8.67
C GLU C 123 -17.59 -30.14 7.16
N VAL C 124 -16.39 -29.86 6.68
CA VAL C 124 -16.21 -29.48 5.25
C VAL C 124 -16.55 -30.70 4.39
N VAL C 125 -16.14 -31.88 4.85
CA VAL C 125 -16.38 -33.16 4.11
C VAL C 125 -17.89 -33.41 4.02
N ARG C 126 -18.59 -33.30 5.15
CA ARG C 126 -20.07 -33.43 5.29
C ARG C 126 -20.77 -32.46 4.33
N PHE C 127 -20.46 -31.17 4.46
CA PHE C 127 -20.95 -30.05 3.64
C PHE C 127 -20.68 -30.25 2.15
N ASN C 128 -19.69 -31.06 1.77
CA ASN C 128 -19.40 -31.29 0.32
C ASN C 128 -20.00 -32.64 -0.15
N GLY C 129 -20.82 -33.30 0.66
CA GLY C 129 -21.49 -34.56 0.27
C GLY C 129 -20.55 -35.76 0.21
N LEU C 130 -19.53 -35.82 1.06
CA LEU C 130 -18.43 -36.82 0.89
C LEU C 130 -18.18 -37.60 2.19
N GLU C 131 -19.04 -37.53 3.21
CA GLU C 131 -18.78 -38.24 4.51
C GLU C 131 -18.68 -39.76 4.32
N ASP C 132 -19.18 -40.29 3.18
CA ASP C 132 -19.21 -41.74 2.88
C ASP C 132 -17.94 -42.16 2.11
N ARG C 133 -17.21 -41.22 1.50
CA ARG C 133 -15.96 -41.47 0.72
CA ARG C 133 -15.96 -41.50 0.74
C ARG C 133 -14.74 -41.00 1.53
N VAL C 134 -14.89 -39.93 2.32
CA VAL C 134 -13.77 -39.34 3.10
C VAL C 134 -14.06 -39.49 4.59
N HIS C 135 -13.19 -40.21 5.30
CA HIS C 135 -13.30 -40.47 6.76
C HIS C 135 -12.20 -39.69 7.47
N VAL C 136 -12.60 -38.72 8.28
CA VAL C 136 -11.66 -37.90 9.09
C VAL C 136 -11.37 -38.70 10.35
N LEU C 137 -10.08 -38.92 10.63
CA LEU C 137 -9.59 -39.69 11.82
C LEU C 137 -8.72 -38.77 12.67
N PRO C 138 -9.16 -38.42 13.89
CA PRO C 138 -8.35 -37.59 14.77
C PRO C 138 -7.11 -38.32 15.30
N GLY C 139 -6.04 -37.56 15.51
CA GLY C 139 -4.87 -37.95 16.31
C GLY C 139 -3.63 -38.07 15.43
N PRO C 140 -2.47 -38.42 16.02
CA PRO C 140 -1.24 -38.57 15.23
C PRO C 140 -1.39 -39.71 14.22
N VAL C 141 -0.84 -39.56 13.02
CA VAL C 141 -0.78 -40.65 12.02
C VAL C 141 0.05 -41.81 12.58
N GLU C 142 0.97 -41.55 13.52
CA GLU C 142 1.82 -42.58 14.17
C GLU C 142 0.97 -43.60 14.94
N THR C 143 -0.13 -43.17 15.58
CA THR C 143 -0.90 -44.05 16.49
C THR C 143 -2.31 -44.30 15.94
N VAL C 144 -2.66 -43.79 14.76
CA VAL C 144 -4.04 -43.98 14.22
C VAL C 144 -4.19 -45.40 13.68
N GLU C 145 -5.38 -45.98 13.83
CA GLU C 145 -5.72 -47.34 13.33
C GLU C 145 -6.56 -47.14 12.06
N LEU C 146 -6.05 -47.53 10.89
CA LEU C 146 -6.87 -47.61 9.65
C LEU C 146 -7.40 -49.03 9.49
N PRO C 147 -8.56 -49.23 8.83
CA PRO C 147 -9.10 -50.57 8.63
C PRO C 147 -8.30 -51.36 7.59
N GLU C 148 -7.43 -50.72 6.82
CA GLU C 148 -6.74 -51.35 5.66
C GLU C 148 -5.45 -50.60 5.28
N GLN C 149 -4.64 -51.23 4.42
CA GLN C 149 -3.50 -50.61 3.71
C GLN C 149 -4.09 -49.71 2.64
N VAL C 150 -3.34 -48.69 2.21
CA VAL C 150 -3.81 -47.71 1.20
C VAL C 150 -2.92 -47.80 -0.05
N ASP C 151 -3.49 -47.39 -1.17
CA ASP C 151 -2.83 -47.39 -2.50
C ASP C 151 -1.99 -46.12 -2.67
N ALA C 152 -2.24 -45.08 -1.86
CA ALA C 152 -1.61 -43.76 -2.03
C ALA C 152 -1.56 -43.02 -0.69
N ILE C 153 -0.51 -42.21 -0.55
CA ILE C 153 -0.40 -41.18 0.51
C ILE C 153 -0.28 -39.82 -0.18
N VAL C 154 -1.06 -38.87 0.34
CA VAL C 154 -0.95 -37.42 -0.01
C VAL C 154 -0.64 -36.69 1.29
N SER C 155 0.27 -35.72 1.24
CA SER C 155 0.58 -34.92 2.44
C SER C 155 1.26 -33.65 1.96
N GLU C 156 0.83 -32.52 2.54
CA GLU C 156 1.59 -31.26 2.42
C GLU C 156 2.32 -31.08 3.75
N TRP C 157 3.51 -31.69 3.81
CA TRP C 157 4.33 -31.90 5.03
C TRP C 157 5.46 -30.85 5.08
N MET C 158 5.68 -30.11 4.00
CA MET C 158 6.90 -29.26 3.89
C MET C 158 6.82 -28.07 4.86
N GLY C 159 7.90 -27.84 5.60
CA GLY C 159 8.05 -26.68 6.47
C GLY C 159 9.04 -25.71 5.87
N TYR C 160 9.31 -24.60 6.56
CA TYR C 160 10.40 -23.67 6.20
C TYR C 160 11.69 -24.46 6.09
N GLY C 161 12.52 -24.13 5.11
CA GLY C 161 13.73 -24.89 4.75
C GLY C 161 13.41 -26.36 4.48
N LEU C 162 12.21 -26.65 3.98
CA LEU C 162 11.70 -28.02 3.70
C LEU C 162 11.45 -28.78 5.00
N LEU C 163 12.43 -28.89 5.90
CA LEU C 163 12.34 -29.91 6.99
C LEU C 163 12.02 -29.30 8.36
N HIS C 164 11.83 -27.98 8.49
CA HIS C 164 11.29 -27.39 9.75
C HIS C 164 9.95 -28.05 10.02
N GLU C 165 9.68 -28.39 11.30
CA GLU C 165 8.47 -29.12 11.81
C GLU C 165 8.71 -30.64 11.79
N SER C 166 9.64 -31.15 10.99
CA SER C 166 10.02 -32.60 10.96
C SER C 166 8.81 -33.46 10.64
N MET C 167 7.92 -32.94 9.81
CA MET C 167 6.70 -33.71 9.51
C MET C 167 7.00 -34.81 8.49
N LEU C 168 8.10 -34.72 7.73
CA LEU C 168 8.46 -35.83 6.81
C LEU C 168 8.56 -37.17 7.55
N SER C 169 9.03 -37.19 8.79
CA SER C 169 9.16 -38.42 9.62
C SER C 169 7.80 -39.09 9.75
N SER C 170 6.76 -38.29 10.00
CA SER C 170 5.36 -38.77 10.14
C SER C 170 4.88 -39.32 8.79
N VAL C 171 5.19 -38.66 7.68
CA VAL C 171 4.80 -39.16 6.34
C VAL C 171 5.45 -40.53 6.09
N LEU C 172 6.75 -40.62 6.33
CA LEU C 172 7.55 -41.86 6.09
C LEU C 172 7.14 -42.94 7.09
N HIS C 173 6.77 -42.55 8.32
CA HIS C 173 6.17 -43.51 9.29
C HIS C 173 4.90 -44.11 8.69
N ALA C 174 4.06 -43.29 8.07
CA ALA C 174 2.80 -43.72 7.45
C ALA C 174 3.07 -44.57 6.21
N ARG C 175 4.10 -44.27 5.41
CA ARG C 175 4.37 -45.08 4.20
C ARG C 175 4.76 -46.50 4.63
N THR C 176 5.67 -46.61 5.59
CA THR C 176 6.20 -47.89 6.13
C THR C 176 5.02 -48.71 6.69
N LYS C 177 4.17 -48.08 7.49
CA LYS C 177 3.11 -48.76 8.24
C LYS C 177 1.89 -49.06 7.37
N TRP C 178 1.51 -48.16 6.45
CA TRP C 178 0.15 -48.21 5.85
C TRP C 178 0.18 -48.25 4.32
N LEU C 179 1.28 -47.90 3.65
CA LEU C 179 1.28 -47.87 2.16
C LEU C 179 1.62 -49.27 1.64
N LYS C 180 0.80 -49.80 0.73
CA LYS C 180 1.09 -51.06 0.00
C LYS C 180 2.38 -50.84 -0.81
N GLU C 181 3.26 -51.84 -0.87
CA GLU C 181 4.51 -51.73 -1.68
C GLU C 181 4.08 -51.38 -3.11
N GLY C 182 4.86 -50.54 -3.78
CA GLY C 182 4.51 -49.92 -5.08
C GLY C 182 3.60 -48.71 -4.93
N GLY C 183 2.93 -48.54 -3.79
CA GLY C 183 1.93 -47.48 -3.55
C GLY C 183 2.40 -46.10 -3.97
N LEU C 184 1.47 -45.23 -4.37
CA LEU C 184 1.74 -43.84 -4.78
C LEU C 184 2.07 -42.97 -3.55
N LEU C 185 3.04 -42.06 -3.68
CA LEU C 185 3.30 -40.95 -2.72
C LEU C 185 3.19 -39.61 -3.46
N LEU C 186 2.33 -38.72 -2.97
CA LEU C 186 2.09 -37.38 -3.55
C LEU C 186 2.46 -36.34 -2.49
N PRO C 187 3.51 -35.51 -2.70
CA PRO C 187 4.43 -35.66 -3.81
C PRO C 187 5.40 -36.83 -3.60
N ALA C 188 6.17 -37.18 -4.64
CA ALA C 188 7.06 -38.37 -4.68
C ALA C 188 8.45 -38.03 -4.12
N SER C 189 8.92 -36.79 -4.30
CA SER C 189 10.34 -36.42 -4.05
C SER C 189 10.43 -34.95 -3.69
N ALA C 190 11.52 -34.56 -3.02
CA ALA C 190 11.86 -33.16 -2.68
C ALA C 190 13.32 -32.91 -3.07
N GLU C 191 13.63 -31.67 -3.42
CA GLU C 191 15.04 -31.28 -3.61
C GLU C 191 15.31 -30.02 -2.80
N LEU C 192 16.56 -29.87 -2.39
CA LEU C 192 17.04 -28.72 -1.58
C LEU C 192 18.10 -27.97 -2.37
N PHE C 193 18.03 -26.66 -2.36
CA PHE C 193 19.00 -25.80 -3.09
C PHE C 193 19.61 -24.77 -2.14
N ILE C 194 20.79 -24.31 -2.49
CA ILE C 194 21.48 -23.25 -1.72
C ILE C 194 22.13 -22.32 -2.73
N VAL C 195 22.23 -21.04 -2.36
CA VAL C 195 22.96 -20.06 -3.20
C VAL C 195 23.38 -18.89 -2.30
N PRO C 196 24.54 -18.27 -2.59
CA PRO C 196 24.90 -16.99 -2.00
C PRO C 196 23.91 -15.89 -2.39
N ILE C 197 23.63 -14.96 -1.47
CA ILE C 197 22.64 -13.88 -1.66
C ILE C 197 23.21 -12.55 -1.17
N SER C 198 22.70 -11.47 -1.75
CA SER C 198 22.78 -10.10 -1.23
C SER C 198 21.34 -9.68 -0.97
N ASP C 199 20.96 -9.59 0.29
CA ASP C 199 19.55 -9.33 0.69
C ASP C 199 19.34 -7.81 0.66
N GLN C 200 18.69 -7.32 -0.38
CA GLN C 200 18.41 -5.87 -0.60
C GLN C 200 17.83 -5.29 0.68
N MET C 201 16.85 -5.97 1.30
CA MET C 201 16.11 -5.47 2.50
C MET C 201 17.12 -5.28 3.60
N LEU C 202 17.95 -6.30 3.85
CA LEU C 202 18.96 -6.21 4.94
C LEU C 202 19.94 -5.10 4.60
N GLU C 203 20.29 -4.92 3.33
CA GLU C 203 21.24 -3.84 2.93
C GLU C 203 20.67 -2.47 3.35
N TRP C 204 19.40 -2.16 3.08
CA TRP C 204 18.76 -0.87 3.47
C TRP C 204 18.74 -0.75 5.00
N ARG C 205 18.48 -1.84 5.71
CA ARG C 205 18.41 -1.80 7.20
C ARG C 205 19.81 -1.46 7.77
N LEU C 206 20.88 -2.00 7.20
CA LEU C 206 22.24 -1.72 7.67
C LEU C 206 22.63 -0.28 7.32
N GLY C 207 22.20 0.18 6.15
CA GLY C 207 22.49 1.52 5.63
C GLY C 207 21.55 2.58 6.16
N PHE C 208 20.58 2.19 6.99
CA PHE C 208 19.57 3.09 7.62
C PHE C 208 20.28 4.19 8.43
N TRP C 209 21.28 3.79 9.22
CA TRP C 209 21.89 4.66 10.27
C TRP C 209 22.69 5.81 9.65
N SER C 210 23.21 5.57 8.45
CA SER C 210 23.88 6.57 7.58
C SER C 210 22.90 7.57 6.96
N GLN C 211 21.59 7.31 6.96
CA GLN C 211 20.56 8.20 6.37
C GLN C 211 20.05 9.18 7.43
N VAL C 212 20.24 8.90 8.72
CA VAL C 212 19.62 9.72 9.79
C VAL C 212 20.11 11.16 9.68
N LYS C 213 21.36 11.38 9.29
CA LYS C 213 21.92 12.76 9.23
C LYS C 213 21.10 13.61 8.26
N GLN C 214 20.95 13.15 7.02
CA GLN C 214 20.17 13.87 5.98
C GLN C 214 18.75 14.16 6.50
N HIS C 215 18.14 13.24 7.25
CA HIS C 215 16.69 13.31 7.62
C HIS C 215 16.47 14.17 8.89
N TYR C 216 17.37 14.13 9.87
CA TYR C 216 17.13 14.68 11.23
C TYR C 216 18.33 15.50 11.75
N GLY C 217 19.39 15.65 10.95
CA GLY C 217 20.59 16.42 11.34
C GLY C 217 21.32 15.82 12.52
N VAL C 218 21.24 14.51 12.73
CA VAL C 218 22.00 13.81 13.80
C VAL C 218 22.76 12.69 13.09
N ASP C 219 24.08 12.66 13.24
CA ASP C 219 24.91 11.63 12.57
C ASP C 219 24.88 10.37 13.43
N MET C 220 24.30 9.29 12.90
CA MET C 220 24.20 7.97 13.57
C MET C 220 24.90 6.90 12.72
N SER C 221 25.71 7.33 11.75
CA SER C 221 26.47 6.42 10.84
C SER C 221 27.30 5.44 11.67
N CYS C 222 27.71 5.81 12.89
CA CYS C 222 28.52 4.98 13.82
C CYS C 222 27.75 3.74 14.33
N LEU C 223 26.44 3.65 14.10
CA LEU C 223 25.65 2.51 14.65
C LEU C 223 25.61 1.36 13.63
N GLU C 224 26.24 1.49 12.45
CA GLU C 224 26.31 0.40 11.42
C GLU C 224 26.85 -0.90 12.04
N GLY C 225 27.99 -0.85 12.74
CA GLY C 225 28.58 -2.05 13.38
C GLY C 225 27.58 -2.72 14.30
N PHE C 226 26.98 -1.95 15.20
CA PHE C 226 25.88 -2.38 16.12
C PHE C 226 24.75 -3.06 15.33
N ALA C 227 24.26 -2.41 14.28
CA ALA C 227 23.12 -2.93 13.50
C ALA C 227 23.52 -4.27 12.88
N THR C 228 24.74 -4.35 12.36
CA THR C 228 25.29 -5.55 11.72
C THR C 228 25.28 -6.70 12.72
N ARG C 229 25.77 -6.47 13.95
CA ARG C 229 25.81 -7.52 15.01
C ARG C 229 24.38 -7.99 15.31
N CYS C 230 23.44 -7.04 15.40
CA CYS C 230 22.05 -7.37 15.79
C CYS C 230 21.41 -8.18 14.68
N LEU C 231 21.58 -7.81 13.41
CA LEU C 231 20.75 -8.38 12.33
C LEU C 231 21.45 -9.55 11.64
N MET C 232 22.78 -9.69 11.73
CA MET C 232 23.53 -10.80 11.08
C MET C 232 24.30 -11.67 12.09
N GLY C 233 24.65 -11.14 13.25
CA GLY C 233 25.51 -11.84 14.22
C GLY C 233 24.76 -12.90 15.00
N HIS C 234 23.45 -12.96 14.93
CA HIS C 234 22.68 -14.02 15.62
C HIS C 234 22.83 -15.34 14.86
N SER C 235 22.22 -16.41 15.38
CA SER C 235 22.29 -17.80 14.85
C SER C 235 20.89 -18.34 14.49
N GLU C 236 19.98 -17.47 14.09
CA GLU C 236 18.60 -17.86 13.72
C GLU C 236 18.49 -17.96 12.20
N ILE C 237 17.78 -18.98 11.74
CA ILE C 237 17.37 -19.07 10.31
C ILE C 237 16.27 -18.04 10.12
N VAL C 238 16.37 -17.17 9.11
CA VAL C 238 15.37 -16.08 8.89
C VAL C 238 14.48 -16.47 7.71
N VAL C 239 13.17 -16.47 7.89
CA VAL C 239 12.23 -16.78 6.79
C VAL C 239 11.96 -15.44 6.11
N GLN C 240 12.39 -15.28 4.86
CA GLN C 240 12.21 -14.00 4.12
C GLN C 240 12.22 -14.27 2.62
N GLY C 241 11.34 -13.58 1.92
CA GLY C 241 11.18 -13.64 0.46
C GLY C 241 12.24 -12.80 -0.20
N LEU C 242 12.98 -13.39 -1.12
CA LEU C 242 13.98 -12.69 -1.95
C LEU C 242 13.44 -12.62 -3.39
N SER C 243 14.14 -11.90 -4.24
CA SER C 243 13.94 -11.95 -5.71
C SER C 243 15.22 -12.48 -6.37
N GLY C 244 15.16 -12.76 -7.66
CA GLY C 244 16.30 -13.07 -8.53
C GLY C 244 17.41 -12.05 -8.40
N GLU C 245 17.09 -10.76 -8.20
CA GLU C 245 18.14 -9.73 -8.02
C GLU C 245 18.99 -10.00 -6.79
N ASP C 246 18.47 -10.68 -5.77
CA ASP C 246 19.24 -10.97 -4.54
C ASP C 246 20.20 -12.14 -4.75
N VAL C 247 20.06 -12.92 -5.81
CA VAL C 247 20.79 -14.22 -5.98
C VAL C 247 22.12 -13.99 -6.69
N LEU C 248 23.24 -14.43 -6.10
CA LEU C 248 24.59 -13.99 -6.52
C LEU C 248 25.28 -15.04 -7.42
N ALA C 249 24.67 -16.19 -7.65
CA ALA C 249 25.31 -17.28 -8.40
C ALA C 249 24.26 -18.23 -8.92
N ARG C 250 24.70 -19.26 -9.63
CA ARG C 250 23.78 -20.34 -10.07
C ARG C 250 23.46 -21.17 -8.82
N PRO C 251 22.18 -21.26 -8.42
CA PRO C 251 21.79 -22.12 -7.29
C PRO C 251 22.25 -23.57 -7.48
N GLN C 252 22.75 -24.18 -6.40
CA GLN C 252 23.22 -25.59 -6.37
C GLN C 252 22.21 -26.47 -5.61
N ARG C 253 21.79 -27.57 -6.22
CA ARG C 253 21.07 -28.65 -5.50
C ARG C 253 22.03 -29.33 -4.54
N PHE C 254 21.75 -29.38 -3.24
CA PHE C 254 22.70 -30.02 -2.29
C PHE C 254 22.13 -31.34 -1.76
N ALA C 255 20.87 -31.65 -2.04
CA ALA C 255 20.26 -32.92 -1.63
C ALA C 255 18.99 -33.17 -2.43
N GLN C 256 18.72 -34.45 -2.60
CA GLN C 256 17.55 -35.00 -3.33
C GLN C 256 16.97 -36.05 -2.37
N LEU C 257 15.69 -35.92 -2.04
CA LEU C 257 14.98 -36.89 -1.16
C LEU C 257 13.98 -37.68 -2.01
N GLU C 258 14.31 -38.92 -2.32
CA GLU C 258 13.38 -39.86 -3.00
C GLU C 258 12.49 -40.50 -1.94
N LEU C 259 11.23 -40.09 -1.78
CA LEU C 259 10.44 -40.52 -0.59
C LEU C 259 10.24 -42.06 -0.55
N SER C 260 10.17 -42.76 -1.69
CA SER C 260 9.97 -44.23 -1.78
C SER C 260 11.16 -45.03 -1.20
N ARG C 261 12.37 -44.47 -1.23
CA ARG C 261 13.60 -45.15 -0.72
C ARG C 261 13.53 -45.33 0.82
N ALA C 262 13.36 -46.58 1.31
CA ALA C 262 13.58 -46.99 2.71
C ALA C 262 14.95 -46.48 3.19
N GLY C 263 15.11 -46.15 4.46
CA GLY C 263 16.44 -45.73 4.94
C GLY C 263 16.63 -44.23 4.83
N LEU C 264 15.86 -43.57 3.95
CA LEU C 264 15.64 -42.10 4.06
C LEU C 264 15.09 -41.83 5.47
N GLU C 265 14.17 -42.67 5.95
CA GLU C 265 13.62 -42.61 7.35
C GLU C 265 14.80 -42.42 8.33
N GLN C 266 15.82 -43.28 8.27
CA GLN C 266 16.90 -43.34 9.30
C GLN C 266 17.85 -42.15 9.14
N GLU C 267 18.08 -41.74 7.89
CA GLU C 267 19.01 -40.64 7.50
C GLU C 267 18.53 -39.29 8.05
N LEU C 268 17.22 -39.06 8.18
CA LEU C 268 16.70 -37.70 8.50
C LEU C 268 17.25 -37.22 9.85
N GLU C 269 17.35 -38.11 10.83
CA GLU C 269 17.67 -37.72 12.24
C GLU C 269 19.16 -37.37 12.34
N ALA C 270 20.01 -38.15 11.65
CA ALA C 270 21.46 -37.91 11.37
C ALA C 270 21.68 -36.55 10.65
N GLY C 271 20.86 -36.27 9.63
CA GLY C 271 20.88 -35.03 8.85
C GLY C 271 20.93 -35.35 7.36
N VAL C 272 20.54 -34.39 6.55
CA VAL C 272 20.65 -34.50 5.07
C VAL C 272 21.41 -33.26 4.61
N GLY C 273 22.14 -33.43 3.52
CA GLY C 273 22.88 -32.33 2.90
C GLY C 273 24.06 -32.87 2.15
N GLY C 274 25.08 -32.05 2.04
CA GLY C 274 26.26 -32.33 1.22
C GLY C 274 27.03 -31.07 0.92
N ARG C 275 28.04 -31.22 0.08
CA ARG C 275 28.93 -30.11 -0.33
C ARG C 275 28.28 -29.38 -1.50
N PHE C 276 28.65 -28.11 -1.67
CA PHE C 276 28.22 -27.25 -2.79
C PHE C 276 29.39 -26.34 -3.14
N ARG C 277 29.34 -25.83 -4.35
CA ARG C 277 30.39 -25.00 -4.97
C ARG C 277 29.69 -24.14 -6.00
N CYS C 278 30.04 -22.87 -6.11
CA CYS C 278 29.52 -21.98 -7.20
C CYS C 278 30.38 -20.74 -7.33
N SER C 279 30.22 -20.03 -8.45
CA SER C 279 30.96 -18.80 -8.80
C SER C 279 30.01 -17.61 -8.80
N CYS C 280 30.43 -16.48 -8.27
CA CYS C 280 29.59 -15.28 -8.21
C CYS C 280 29.53 -14.61 -9.59
N TYR C 281 28.46 -13.87 -9.85
CA TYR C 281 28.18 -13.20 -11.14
C TYR C 281 28.93 -11.87 -11.18
N GLY C 282 28.95 -11.11 -10.07
CA GLY C 282 29.54 -9.76 -10.11
C GLY C 282 29.78 -9.17 -8.76
N SER C 283 30.22 -7.92 -8.73
CA SER C 283 30.44 -7.17 -7.48
C SER C 283 29.12 -7.19 -6.71
N ALA C 284 29.16 -7.41 -5.40
CA ALA C 284 27.97 -7.45 -4.52
C ALA C 284 28.41 -7.63 -3.09
N PRO C 285 27.68 -7.07 -2.11
CA PRO C 285 27.91 -7.39 -0.70
C PRO C 285 27.15 -8.67 -0.35
N MET C 286 27.86 -9.80 -0.17
CA MET C 286 27.25 -11.11 0.16
C MET C 286 26.87 -11.14 1.65
N HIS C 287 25.60 -11.44 1.97
CA HIS C 287 25.05 -11.43 3.35
C HIS C 287 25.03 -12.84 3.89
N GLY C 288 25.15 -13.84 3.02
CA GLY C 288 24.97 -15.24 3.40
C GLY C 288 24.37 -16.05 2.28
N PHE C 289 23.58 -17.03 2.66
CA PHE C 289 22.99 -18.03 1.76
C PHE C 289 21.48 -18.00 1.93
N ALA C 290 20.77 -18.38 0.88
CA ALA C 290 19.35 -18.76 0.92
C ALA C 290 19.31 -20.26 0.64
N ILE C 291 18.44 -20.97 1.36
CA ILE C 291 18.04 -22.34 0.98
C ILE C 291 16.55 -22.33 0.69
N TRP C 292 16.18 -23.19 -0.24
CA TRP C 292 14.77 -23.42 -0.64
C TRP C 292 14.67 -24.84 -1.19
N PHE C 293 13.47 -25.21 -1.57
CA PHE C 293 13.15 -26.60 -1.95
C PHE C 293 12.15 -26.60 -3.08
N GLN C 294 12.03 -27.75 -3.74
CA GLN C 294 10.88 -28.05 -4.61
C GLN C 294 10.45 -29.48 -4.29
N VAL C 295 9.21 -29.79 -4.59
CA VAL C 295 8.69 -31.17 -4.53
C VAL C 295 8.09 -31.48 -5.88
N THR C 296 8.16 -32.73 -6.29
CA THR C 296 7.72 -33.14 -7.64
C THR C 296 6.61 -34.17 -7.47
N PHE C 297 5.52 -33.98 -8.21
CA PHE C 297 4.41 -34.95 -8.34
C PHE C 297 4.68 -35.80 -9.57
N PRO C 298 4.37 -37.11 -9.52
CA PRO C 298 4.44 -37.95 -10.71
C PRO C 298 3.46 -37.44 -11.77
N GLY C 299 3.70 -37.73 -13.05
CA GLY C 299 2.69 -37.64 -14.13
C GLY C 299 2.03 -39.00 -14.42
N GLY C 300 1.22 -39.09 -15.48
CA GLY C 300 0.71 -40.36 -16.03
C GLY C 300 -0.60 -40.19 -16.79
N GLU C 303 0.54 -36.99 -19.11
CA GLU C 303 1.02 -35.74 -18.45
C GLU C 303 2.50 -35.91 -18.03
N LYS C 304 3.21 -34.78 -17.78
CA LYS C 304 4.62 -34.70 -17.28
C LYS C 304 4.64 -34.33 -15.79
N PRO C 305 5.79 -34.45 -15.10
CA PRO C 305 5.84 -34.32 -13.64
C PRO C 305 5.63 -32.85 -13.21
N LEU C 306 4.74 -32.61 -12.24
CA LEU C 306 4.43 -31.27 -11.73
C LEU C 306 5.39 -30.93 -10.57
N VAL C 307 6.06 -29.79 -10.69
CA VAL C 307 7.07 -29.29 -9.73
C VAL C 307 6.47 -28.14 -8.95
N LEU C 308 6.37 -28.26 -7.62
CA LEU C 308 6.04 -27.14 -6.72
C LEU C 308 7.37 -26.54 -6.22
N SER C 309 7.68 -25.31 -6.64
CA SER C 309 8.99 -24.64 -6.37
C SER C 309 8.84 -23.50 -5.35
N THR C 310 9.84 -23.30 -4.49
CA THR C 310 9.85 -22.15 -3.55
C THR C 310 11.07 -21.26 -3.81
N SER C 311 11.63 -21.37 -5.01
CA SER C 311 12.78 -20.58 -5.49
C SER C 311 12.40 -19.09 -5.53
N PRO C 312 13.35 -18.19 -5.26
CA PRO C 312 13.13 -16.75 -5.40
C PRO C 312 12.95 -16.33 -6.86
N PHE C 313 13.38 -17.15 -7.81
CA PHE C 313 13.16 -16.94 -9.27
C PHE C 313 11.71 -17.24 -9.67
N HIS C 314 10.92 -17.89 -8.82
CA HIS C 314 9.57 -18.44 -9.15
C HIS C 314 8.51 -17.80 -8.28
N PRO C 315 7.22 -18.02 -8.61
CA PRO C 315 6.14 -17.35 -7.89
C PRO C 315 6.30 -17.57 -6.37
N ALA C 316 6.15 -16.49 -5.61
CA ALA C 316 6.16 -16.46 -4.14
C ALA C 316 5.22 -17.52 -3.57
N THR C 317 5.65 -18.18 -2.50
CA THR C 317 4.83 -19.08 -1.66
C THR C 317 4.92 -18.60 -0.22
N HIS C 318 4.06 -19.11 0.65
CA HIS C 318 4.12 -18.86 2.11
C HIS C 318 5.45 -19.31 2.74
N TRP C 319 6.23 -20.16 2.06
CA TRP C 319 7.50 -20.69 2.60
C TRP C 319 8.64 -19.69 2.44
N LYS C 320 8.51 -18.81 1.45
CA LYS C 320 9.56 -17.83 1.09
C LYS C 320 10.88 -18.58 0.87
N GLN C 321 11.96 -18.14 1.50
CA GLN C 321 13.25 -18.84 1.52
C GLN C 321 13.75 -18.75 2.96
N ALA C 322 14.67 -19.66 3.30
CA ALA C 322 15.34 -19.72 4.61
C ALA C 322 16.71 -19.10 4.44
N LEU C 323 16.99 -18.01 5.13
CA LEU C 323 18.22 -17.23 4.96
C LEU C 323 19.20 -17.55 6.10
N LEU C 324 20.45 -17.82 5.74
CA LEU C 324 21.58 -18.15 6.61
C LEU C 324 22.58 -17.00 6.49
N TYR C 325 22.52 -16.06 7.42
CA TYR C 325 23.39 -14.87 7.44
C TYR C 325 24.77 -15.21 8.01
N LEU C 326 25.80 -14.76 7.29
CA LEU C 326 27.18 -14.65 7.81
C LEU C 326 27.15 -13.64 8.96
N ASN C 327 28.21 -13.58 9.77
CA ASN C 327 28.22 -12.61 10.90
C ASN C 327 28.26 -11.19 10.33
N GLU C 328 28.81 -11.00 9.13
CA GLU C 328 28.87 -9.65 8.52
C GLU C 328 28.98 -9.78 7.02
N PRO C 329 28.67 -8.71 6.27
CA PRO C 329 28.82 -8.75 4.82
C PRO C 329 30.26 -9.11 4.42
N VAL C 330 30.41 -9.75 3.26
CA VAL C 330 31.71 -9.95 2.55
C VAL C 330 31.51 -9.48 1.12
N GLN C 331 32.44 -8.67 0.60
CA GLN C 331 32.41 -8.19 -0.81
C GLN C 331 32.82 -9.36 -1.69
N VAL C 332 31.99 -9.73 -2.65
CA VAL C 332 32.34 -10.76 -3.66
C VAL C 332 32.41 -10.05 -5.01
N GLU C 333 33.13 -10.64 -5.97
CA GLU C 333 33.37 -10.09 -7.32
C GLU C 333 32.98 -11.15 -8.33
N GLN C 334 32.87 -10.75 -9.60
CA GLN C 334 32.62 -11.73 -10.68
C GLN C 334 33.58 -12.90 -10.47
N ASP C 335 33.10 -14.13 -10.62
CA ASP C 335 33.92 -15.36 -10.57
C ASP C 335 34.51 -15.60 -9.17
N THR C 336 34.07 -14.93 -8.11
CA THR C 336 34.47 -15.32 -6.73
C THR C 336 33.97 -16.75 -6.45
N ASP C 337 34.87 -17.63 -6.00
CA ASP C 337 34.54 -19.03 -5.61
C ASP C 337 33.95 -19.05 -4.20
N VAL C 338 32.73 -19.59 -4.10
CA VAL C 338 31.98 -19.82 -2.83
C VAL C 338 31.75 -21.33 -2.73
N SER C 339 32.19 -21.92 -1.63
CA SER C 339 32.06 -23.37 -1.42
C SER C 339 31.63 -23.65 0.03
N GLY C 340 31.15 -24.86 0.26
CA GLY C 340 31.07 -25.37 1.63
C GLY C 340 30.19 -26.58 1.72
N GLU C 341 29.68 -26.81 2.93
CA GLU C 341 29.00 -28.07 3.27
C GLU C 341 27.88 -27.71 4.24
N ILE C 342 26.72 -28.29 4.03
CA ILE C 342 25.51 -27.92 4.81
C ILE C 342 24.87 -29.21 5.27
N THR C 343 24.37 -29.23 6.51
CA THR C 343 23.58 -30.35 7.04
C THR C 343 22.30 -29.77 7.64
N LEU C 344 21.15 -30.40 7.35
CA LEU C 344 19.85 -30.04 7.92
C LEU C 344 19.47 -31.16 8.87
N LEU C 345 19.23 -30.84 10.14
CA LEU C 345 18.88 -31.90 11.10
C LEU C 345 17.98 -31.35 12.20
N PRO C 346 17.26 -32.25 12.90
CA PRO C 346 16.41 -31.86 14.03
C PRO C 346 17.27 -31.28 15.17
N SER C 347 16.78 -30.27 15.88
CA SER C 347 17.42 -29.79 17.15
C SER C 347 17.35 -30.89 18.21
N ARG C 348 18.27 -30.85 19.17
CA ARG C 348 18.39 -31.86 20.25
C ARG C 348 17.14 -31.79 21.12
N ASP C 349 16.75 -30.58 21.52
CA ASP C 349 15.74 -30.28 22.57
C ASP C 349 14.32 -30.28 21.97
N ASN C 350 14.15 -29.76 20.77
CA ASN C 350 12.86 -29.79 20.05
C ASN C 350 13.10 -30.47 18.69
N PRO C 351 12.72 -31.75 18.54
CA PRO C 351 12.88 -32.48 17.29
C PRO C 351 12.13 -31.88 16.09
N ARG C 352 11.22 -30.94 16.32
CA ARG C 352 10.44 -30.24 15.25
C ARG C 352 11.16 -28.96 14.83
N ARG C 353 12.23 -28.59 15.51
CA ARG C 353 12.93 -27.31 15.25
C ARG C 353 14.08 -27.62 14.30
N LEU C 354 14.06 -27.03 13.09
CA LEU C 354 15.15 -27.22 12.11
C LEU C 354 16.42 -26.57 12.64
N ARG C 355 17.50 -27.31 12.53
CA ARG C 355 18.88 -26.88 12.73
C ARG C 355 19.64 -26.99 11.41
N VAL C 356 20.54 -26.07 11.14
CA VAL C 356 21.38 -26.04 9.91
C VAL C 356 22.81 -25.89 10.37
N LEU C 357 23.68 -26.85 10.05
CA LEU C 357 25.15 -26.73 10.23
C LEU C 357 25.76 -26.34 8.90
N LEU C 358 26.41 -25.20 8.87
CA LEU C 358 27.01 -24.66 7.62
C LEU C 358 28.51 -24.50 7.83
N ARG C 359 29.30 -25.10 6.95
CA ARG C 359 30.70 -24.69 6.70
C ARG C 359 30.72 -24.00 5.34
N TYR C 360 31.48 -22.94 5.24
CA TYR C 360 31.47 -22.13 4.01
C TYR C 360 32.82 -21.43 3.91
N LYS C 361 33.23 -21.20 2.67
CA LYS C 361 34.46 -20.50 2.29
C LYS C 361 34.08 -19.54 1.19
N VAL C 362 34.33 -18.25 1.40
CA VAL C 362 34.10 -17.19 0.38
C VAL C 362 35.47 -16.77 -0.17
N GLY C 363 35.70 -17.00 -1.46
CA GLY C 363 36.98 -16.81 -2.15
C GLY C 363 38.14 -17.33 -1.32
N ASP C 364 39.04 -16.43 -0.89
CA ASP C 364 40.33 -16.80 -0.24
C ASP C 364 40.25 -16.63 1.28
N GLN C 365 39.19 -16.02 1.80
CA GLN C 365 38.87 -16.05 3.26
C GLN C 365 38.98 -17.51 3.73
N GLU C 366 39.51 -17.73 4.93
CA GLU C 366 39.59 -19.10 5.51
C GLU C 366 38.15 -19.64 5.65
N GLU C 367 38.00 -20.95 5.56
CA GLU C 367 36.70 -21.61 5.78
C GLU C 367 36.18 -21.27 7.18
N LYS C 368 34.89 -21.00 7.30
CA LYS C 368 34.20 -20.79 8.59
C LYS C 368 32.98 -21.72 8.73
N THR C 369 32.51 -21.79 9.96
CA THR C 369 31.43 -22.64 10.48
C THR C 369 30.41 -21.71 11.15
N LYS C 370 29.12 -21.99 10.97
CA LYS C 370 28.05 -21.28 11.69
C LYS C 370 26.87 -22.24 11.84
N ASP C 371 26.27 -22.23 13.02
CA ASP C 371 25.34 -23.28 13.49
C ASP C 371 24.02 -22.56 13.76
N PHE C 372 23.02 -22.75 12.90
CA PHE C 372 21.75 -22.01 12.93
C PHE C 372 20.62 -22.90 13.44
N ALA C 373 19.65 -22.28 14.11
CA ALA C 373 18.35 -22.88 14.46
C ALA C 373 17.20 -21.95 14.01
N MET C 374 16.09 -22.53 13.57
CA MET C 374 14.84 -21.84 13.17
C MET C 374 14.37 -20.96 14.34
N GLU C 375 14.06 -19.68 14.06
CA GLU C 375 13.36 -18.75 15.00
C GLU C 375 12.30 -19.56 15.76
N ASP C 376 12.54 -19.81 17.05
CA ASP C 376 11.74 -20.73 17.91
C ASP C 376 10.48 -19.98 18.38
N ARG D 39 -0.55 23.89 -34.05
CA ARG D 39 0.54 23.23 -33.29
C ARG D 39 1.85 23.99 -33.51
N THR D 40 1.92 25.31 -33.23
CA THR D 40 3.16 26.12 -33.45
C THR D 40 4.15 25.90 -32.29
N LYS D 41 5.45 26.15 -32.51
CA LYS D 41 6.48 26.08 -31.44
C LYS D 41 6.06 26.95 -30.26
N ARG D 42 5.64 28.19 -30.49
CA ARG D 42 5.30 29.12 -29.37
C ARG D 42 4.08 28.54 -28.61
N GLU D 43 3.17 27.84 -29.29
CA GLU D 43 1.97 27.19 -28.69
C GLU D 43 2.38 25.95 -27.86
N ARG D 44 3.29 25.14 -28.39
CA ARG D 44 3.77 23.89 -27.72
C ARG D 44 4.52 24.31 -26.46
N ASP D 45 5.39 25.32 -26.55
CA ASP D 45 6.18 25.87 -25.42
C ASP D 45 5.26 26.38 -24.32
N GLN D 46 4.26 27.17 -24.67
CA GLN D 46 3.49 27.87 -23.60
C GLN D 46 2.61 26.81 -22.91
N LEU D 47 2.18 25.76 -23.62
CA LEU D 47 1.41 24.66 -22.99
C LEU D 47 2.33 23.83 -22.07
N TYR D 48 3.56 23.54 -22.51
CA TYR D 48 4.57 22.77 -21.73
C TYR D 48 4.92 23.51 -20.43
N TYR D 49 5.33 24.78 -20.53
CA TYR D 49 5.76 25.62 -19.39
C TYR D 49 4.57 25.97 -18.49
N GLU D 50 3.34 25.91 -18.98
CA GLU D 50 2.14 26.14 -18.12
C GLU D 50 2.00 24.98 -17.11
N CYS D 51 2.42 23.76 -17.43
CA CYS D 51 2.48 22.68 -16.41
C CYS D 51 3.39 23.12 -15.25
N TYR D 52 4.54 23.70 -15.57
CA TYR D 52 5.58 24.00 -14.55
C TYR D 52 5.26 25.29 -13.80
N SER D 53 4.32 26.11 -14.29
CA SER D 53 3.96 27.42 -13.68
C SER D 53 2.95 27.17 -12.56
N ASP D 54 2.49 25.94 -12.43
CA ASP D 54 1.51 25.50 -11.41
C ASP D 54 2.27 24.73 -10.32
N VAL D 55 1.76 24.80 -9.08
CA VAL D 55 2.41 24.25 -7.85
C VAL D 55 2.54 22.71 -7.91
N SER D 56 1.62 22.00 -8.55
CA SER D 56 1.40 20.54 -8.33
C SER D 56 2.68 19.75 -8.64
N VAL D 57 3.33 20.03 -9.76
CA VAL D 57 4.53 19.29 -10.25
C VAL D 57 5.68 19.52 -9.27
N HIS D 58 5.85 20.75 -8.80
CA HIS D 58 6.97 21.14 -7.90
C HIS D 58 6.79 20.48 -6.54
N GLU D 59 5.55 20.41 -6.03
CA GLU D 59 5.17 19.66 -4.81
C GLU D 59 5.56 18.19 -4.99
N GLU D 60 5.21 17.61 -6.12
CA GLU D 60 5.46 16.18 -6.40
C GLU D 60 6.98 15.95 -6.39
N MET D 61 7.72 16.84 -7.02
CA MET D 61 9.17 16.63 -7.21
C MET D 61 9.84 16.77 -5.84
N ILE D 62 9.47 17.79 -5.07
CA ILE D 62 10.16 18.12 -3.80
C ILE D 62 9.76 17.10 -2.73
N ALA D 63 8.54 16.58 -2.82
CA ALA D 63 8.01 15.49 -1.98
C ALA D 63 8.71 14.17 -2.33
N ASP D 64 9.32 14.07 -3.51
CA ASP D 64 10.12 12.88 -3.91
C ASP D 64 11.45 12.96 -3.15
N ARG D 65 11.53 12.30 -2.00
CA ARG D 65 12.68 12.43 -1.06
C ARG D 65 13.93 11.85 -1.73
N VAL D 66 13.81 10.66 -2.32
CA VAL D 66 14.91 9.96 -3.03
C VAL D 66 15.54 10.94 -4.02
N ARG D 67 14.73 11.58 -4.87
CA ARG D 67 15.23 12.49 -5.94
C ARG D 67 15.90 13.72 -5.30
N THR D 68 15.16 14.38 -4.41
CA THR D 68 15.59 15.66 -3.80
C THR D 68 16.80 15.43 -2.89
N ASP D 69 16.80 14.36 -2.09
CA ASP D 69 17.98 14.04 -1.23
C ASP D 69 19.21 13.76 -2.11
N ALA D 70 19.03 13.02 -3.21
CA ALA D 70 20.14 12.66 -4.11
C ALA D 70 20.82 13.94 -4.58
N TYR D 71 20.07 14.96 -4.97
CA TYR D 71 20.65 16.24 -5.45
C TYR D 71 21.26 17.04 -4.29
N ARG D 72 20.57 17.16 -3.16
CA ARG D 72 21.12 17.82 -1.95
C ARG D 72 22.48 17.17 -1.66
N LEU D 73 22.48 15.87 -1.42
CA LEU D 73 23.71 15.10 -1.09
C LEU D 73 24.72 15.26 -2.25
N GLY D 74 24.30 15.09 -3.50
CA GLY D 74 25.21 15.14 -4.66
C GLY D 74 25.84 16.50 -4.81
N ILE D 75 25.10 17.55 -4.53
CA ILE D 75 25.63 18.95 -4.54
C ILE D 75 26.58 19.16 -3.34
N LEU D 76 26.14 18.91 -2.09
CA LEU D 76 26.92 19.22 -0.85
C LEU D 76 28.20 18.37 -0.81
N ARG D 77 28.14 17.08 -1.16
CA ARG D 77 29.32 16.18 -1.38
C ARG D 77 30.35 16.83 -2.29
N ASN D 78 29.92 17.68 -3.23
CA ASN D 78 30.82 18.30 -4.24
C ASN D 78 31.21 19.73 -3.83
N TRP D 79 31.19 20.04 -2.52
CA TRP D 79 31.56 21.38 -1.98
C TRP D 79 32.89 21.84 -2.59
N ALA D 80 33.88 20.94 -2.70
CA ALA D 80 35.26 21.26 -3.12
C ALA D 80 35.20 22.05 -4.43
N ALA D 81 34.72 21.43 -5.51
CA ALA D 81 34.67 22.03 -6.86
C ALA D 81 33.65 23.17 -6.93
N LEU D 82 32.75 23.34 -5.95
CA LEU D 82 31.70 24.40 -6.00
C LEU D 82 32.06 25.60 -5.11
N ARG D 83 32.74 25.40 -3.98
CA ARG D 83 32.97 26.50 -3.00
C ARG D 83 33.68 27.63 -3.74
N GLY D 84 33.09 28.82 -3.73
CA GLY D 84 33.62 30.04 -4.37
C GLY D 84 33.45 30.05 -5.88
N LYS D 85 32.70 29.10 -6.45
CA LYS D 85 32.59 28.93 -7.93
C LYS D 85 31.22 29.39 -8.43
N THR D 86 31.12 29.60 -9.75
CA THR D 86 29.88 29.98 -10.49
C THR D 86 29.14 28.72 -10.96
N VAL D 87 27.83 28.66 -10.73
CA VAL D 87 26.92 27.53 -11.09
C VAL D 87 25.76 28.05 -11.96
N LEU D 88 25.40 27.28 -13.01
CA LEU D 88 24.13 27.41 -13.76
C LEU D 88 23.18 26.27 -13.39
N ASP D 89 21.98 26.63 -12.90
CA ASP D 89 20.88 25.67 -12.61
C ASP D 89 19.92 25.72 -13.80
N VAL D 90 19.94 24.70 -14.66
CA VAL D 90 19.10 24.64 -15.89
C VAL D 90 17.70 24.16 -15.51
N GLY D 91 16.75 25.08 -15.49
CA GLY D 91 15.37 24.83 -15.06
C GLY D 91 15.27 24.79 -13.56
N ALA D 92 15.44 25.94 -12.93
CA ALA D 92 15.59 26.08 -11.48
C ALA D 92 14.22 25.83 -10.82
N GLY D 93 13.12 25.98 -11.55
CA GLY D 93 11.79 25.71 -10.95
C GLY D 93 11.57 26.61 -9.74
N THR D 94 11.23 26.04 -8.60
CA THR D 94 11.04 26.81 -7.33
C THR D 94 12.38 27.26 -6.74
N GLY D 95 13.50 26.89 -7.35
CA GLY D 95 14.84 27.42 -7.00
C GLY D 95 15.59 26.51 -6.05
N ILE D 96 14.99 25.43 -5.58
CA ILE D 96 15.58 24.60 -4.48
C ILE D 96 17.04 24.20 -4.78
N LEU D 97 17.38 23.76 -6.00
CA LEU D 97 18.73 23.16 -6.24
C LEU D 97 19.74 24.29 -6.26
N SER D 98 19.32 25.46 -6.76
CA SER D 98 20.12 26.70 -6.80
C SER D 98 20.49 27.08 -5.36
N ILE D 99 19.56 26.87 -4.43
CA ILE D 99 19.79 27.16 -2.99
C ILE D 99 20.71 26.08 -2.39
N PHE D 100 20.56 24.79 -2.69
CA PHE D 100 21.53 23.75 -2.27
C PHE D 100 22.95 24.18 -2.69
N CYS D 101 23.16 24.68 -3.91
CA CYS D 101 24.49 25.07 -4.44
C CYS D 101 25.07 26.25 -3.64
N ALA D 102 24.26 27.25 -3.32
CA ALA D 102 24.73 28.41 -2.52
C ALA D 102 25.17 27.88 -1.15
N GLN D 103 24.39 26.98 -0.56
CA GLN D 103 24.67 26.34 0.74
C GLN D 103 25.97 25.54 0.66
N ALA D 104 26.26 24.91 -0.49
CA ALA D 104 27.49 24.12 -0.76
C ALA D 104 28.72 25.03 -0.84
N GLY D 105 28.48 26.34 -0.88
CA GLY D 105 29.48 27.42 -0.83
C GLY D 105 29.71 28.08 -2.16
N ALA D 106 28.81 27.95 -3.14
CA ALA D 106 28.96 28.60 -4.47
C ALA D 106 28.93 30.10 -4.24
N ARG D 107 29.66 30.90 -5.02
CA ARG D 107 29.68 32.38 -4.79
C ARG D 107 28.53 33.01 -5.60
N ARG D 108 28.31 32.51 -6.82
CA ARG D 108 27.28 33.02 -7.75
C ARG D 108 26.58 31.82 -8.44
N VAL D 109 25.25 31.74 -8.33
CA VAL D 109 24.39 30.75 -9.03
C VAL D 109 23.40 31.48 -9.93
N TYR D 110 23.35 31.10 -11.21
CA TYR D 110 22.30 31.56 -12.16
C TYR D 110 21.20 30.48 -12.20
N ALA D 111 20.01 30.87 -11.74
CA ALA D 111 18.79 30.04 -11.70
C ALA D 111 17.96 30.36 -12.94
N VAL D 112 18.19 29.62 -14.03
CA VAL D 112 17.41 29.84 -15.28
C VAL D 112 16.14 28.98 -15.24
N GLU D 113 15.01 29.61 -15.54
CA GLU D 113 13.69 28.99 -15.49
C GLU D 113 12.78 29.67 -16.51
N ALA D 114 12.21 28.90 -17.43
CA ALA D 114 11.46 29.39 -18.60
C ALA D 114 9.99 29.55 -18.25
N SER D 115 9.45 28.81 -17.28
CA SER D 115 8.01 28.94 -16.92
C SER D 115 7.83 30.13 -15.95
N ALA D 116 6.59 30.45 -15.59
CA ALA D 116 6.23 31.60 -14.73
C ALA D 116 6.64 31.32 -13.28
N ILE D 117 7.10 30.10 -13.00
CA ILE D 117 7.54 29.69 -11.63
C ILE D 117 8.82 30.42 -11.24
N TRP D 118 9.55 31.02 -12.18
CA TRP D 118 10.74 31.85 -11.86
C TRP D 118 10.36 32.90 -10.82
N GLN D 119 9.12 33.40 -10.84
CA GLN D 119 8.68 34.44 -9.88
C GLN D 119 8.68 33.82 -8.49
N GLN D 120 8.28 32.57 -8.37
CA GLN D 120 8.23 31.87 -7.06
C GLN D 120 9.67 31.58 -6.60
N ALA D 121 10.59 31.30 -7.52
CA ALA D 121 12.01 31.06 -7.18
C ALA D 121 12.63 32.36 -6.63
N ARG D 122 12.36 33.49 -7.28
CA ARG D 122 12.88 34.82 -6.88
C ARG D 122 12.49 35.08 -5.42
N GLU D 123 11.23 34.85 -5.06
CA GLU D 123 10.68 34.99 -3.68
C GLU D 123 11.34 33.99 -2.75
N VAL D 124 11.51 32.73 -3.16
CA VAL D 124 12.16 31.73 -2.27
C VAL D 124 13.60 32.17 -1.99
N VAL D 125 14.32 32.62 -3.00
CA VAL D 125 15.73 33.08 -2.82
C VAL D 125 15.73 34.26 -1.83
N ARG D 126 14.98 35.33 -2.13
CA ARG D 126 14.75 36.52 -1.26
C ARG D 126 14.50 36.08 0.20
N PHE D 127 13.51 35.21 0.43
CA PHE D 127 13.08 34.75 1.78
C PHE D 127 14.19 33.96 2.50
N ASN D 128 15.14 33.37 1.78
CA ASN D 128 16.24 32.59 2.38
C ASN D 128 17.48 33.48 2.46
N GLY D 129 17.30 34.78 2.19
CA GLY D 129 18.32 35.83 2.31
C GLY D 129 19.48 35.66 1.36
N LEU D 130 19.26 35.08 0.17
CA LEU D 130 20.36 34.67 -0.74
C LEU D 130 20.35 35.47 -2.04
N GLU D 131 19.65 36.60 -2.11
CA GLU D 131 19.37 37.28 -3.40
C GLU D 131 20.62 37.96 -3.98
N ASP D 132 21.76 37.97 -3.28
CA ASP D 132 23.06 38.50 -3.80
C ASP D 132 23.92 37.37 -4.39
N ARG D 133 23.64 36.10 -4.05
CA ARG D 133 24.37 34.89 -4.52
C ARG D 133 23.59 34.13 -5.60
N VAL D 134 22.25 34.05 -5.48
CA VAL D 134 21.38 33.30 -6.43
C VAL D 134 20.58 34.34 -7.24
N HIS D 135 20.78 34.35 -8.56
CA HIS D 135 20.08 35.24 -9.52
C HIS D 135 19.14 34.40 -10.41
N VAL D 136 17.84 34.51 -10.19
CA VAL D 136 16.80 33.90 -11.05
C VAL D 136 16.79 34.70 -12.34
N LEU D 137 17.08 34.06 -13.49
CA LEU D 137 16.92 34.66 -14.84
C LEU D 137 15.75 33.99 -15.55
N PRO D 138 14.68 34.74 -15.86
CA PRO D 138 13.56 34.20 -16.64
C PRO D 138 13.94 33.79 -18.08
N GLY D 139 13.24 32.78 -18.61
CA GLY D 139 13.19 32.43 -20.05
C GLY D 139 13.94 31.14 -20.34
N PRO D 140 13.97 30.70 -21.61
CA PRO D 140 14.69 29.49 -21.99
C PRO D 140 16.21 29.65 -21.87
N VAL D 141 16.85 28.60 -21.33
CA VAL D 141 18.34 28.53 -21.22
C VAL D 141 19.00 28.70 -22.60
N GLU D 142 18.29 28.35 -23.67
CA GLU D 142 18.78 28.48 -25.07
C GLU D 142 19.03 29.96 -25.42
N THR D 143 18.31 30.91 -24.81
CA THR D 143 18.34 32.35 -25.23
C THR D 143 18.81 33.29 -24.09
N VAL D 144 18.97 32.86 -22.84
CA VAL D 144 19.22 33.83 -21.74
C VAL D 144 20.70 34.21 -21.75
N GLU D 145 20.96 35.38 -21.14
CA GLU D 145 22.28 36.03 -21.04
C GLU D 145 22.79 35.81 -19.63
N LEU D 146 23.83 35.00 -19.49
CA LEU D 146 24.67 35.03 -18.27
C LEU D 146 25.69 36.14 -18.49
N PRO D 147 26.18 36.81 -17.42
CA PRO D 147 27.33 37.71 -17.52
C PRO D 147 28.70 37.03 -17.76
N GLU D 148 28.77 35.69 -17.81
CA GLU D 148 30.03 34.92 -17.81
C GLU D 148 29.78 33.42 -18.01
N GLN D 149 30.81 32.68 -18.42
CA GLN D 149 30.86 31.20 -18.34
C GLN D 149 30.81 30.79 -16.85
N VAL D 150 30.44 29.54 -16.59
CA VAL D 150 30.23 28.98 -15.22
C VAL D 150 31.15 27.77 -15.04
N ASP D 151 31.45 27.43 -13.79
CA ASP D 151 32.36 26.32 -13.41
C ASP D 151 31.57 25.02 -13.28
N ALA D 152 30.25 25.11 -13.13
CA ALA D 152 29.36 23.94 -12.94
C ALA D 152 27.99 24.20 -13.57
N ILE D 153 27.38 23.15 -14.09
CA ILE D 153 25.92 23.07 -14.37
C ILE D 153 25.34 22.03 -13.42
N VAL D 154 24.22 22.37 -12.78
CA VAL D 154 23.36 21.36 -12.09
C VAL D 154 22.00 21.40 -12.78
N SER D 155 21.32 20.25 -12.90
CA SER D 155 19.99 20.21 -13.54
C SER D 155 19.28 18.93 -13.19
N GLU D 156 17.98 19.03 -12.92
CA GLU D 156 17.12 17.85 -12.79
C GLU D 156 16.23 17.85 -14.04
N TRP D 157 16.78 17.28 -15.10
CA TRP D 157 16.27 17.33 -16.49
C TRP D 157 15.51 16.05 -16.80
N MET D 158 15.54 15.05 -15.92
CA MET D 158 15.08 13.66 -16.28
C MET D 158 13.55 13.58 -16.36
N GLY D 159 13.05 13.00 -17.46
CA GLY D 159 11.61 12.77 -17.63
C GLY D 159 11.30 11.31 -17.50
N TYR D 160 10.02 10.96 -17.64
CA TYR D 160 9.61 9.54 -17.73
C TYR D 160 10.41 8.90 -18.85
N GLY D 161 10.80 7.63 -18.69
CA GLY D 161 11.68 6.90 -19.60
C GLY D 161 12.98 7.65 -19.79
N LEU D 162 13.38 8.43 -18.79
CA LEU D 162 14.58 9.32 -18.83
C LEU D 162 14.35 10.51 -19.78
N LEU D 163 14.01 10.28 -21.05
CA LEU D 163 14.18 11.34 -22.09
C LEU D 163 12.83 11.98 -22.46
N HIS D 164 11.70 11.58 -21.87
CA HIS D 164 10.43 12.32 -22.09
C HIS D 164 10.66 13.76 -21.62
N GLU D 165 10.14 14.72 -22.40
CA GLU D 165 10.30 16.20 -22.24
C GLU D 165 11.51 16.71 -23.02
N SER D 166 12.47 15.86 -23.37
CA SER D 166 13.64 16.18 -24.24
C SER D 166 14.47 17.31 -23.61
N MET D 167 14.46 17.43 -22.29
CA MET D 167 15.14 18.53 -21.57
C MET D 167 16.67 18.33 -21.61
N LEU D 168 17.15 17.10 -21.75
CA LEU D 168 18.61 16.85 -21.83
C LEU D 168 19.22 17.74 -22.92
N SER D 169 18.48 17.94 -24.03
CA SER D 169 18.89 18.79 -25.19
C SER D 169 19.21 20.21 -24.71
N SER D 170 18.37 20.77 -23.82
CA SER D 170 18.58 22.14 -23.28
C SER D 170 19.80 22.14 -22.36
N VAL D 171 19.97 21.10 -21.56
CA VAL D 171 21.15 21.04 -20.64
C VAL D 171 22.40 21.01 -21.51
N LEU D 172 22.38 20.26 -22.60
CA LEU D 172 23.59 20.07 -23.45
C LEU D 172 23.86 21.36 -24.22
N HIS D 173 22.82 22.05 -24.66
CA HIS D 173 22.93 23.39 -25.31
C HIS D 173 23.67 24.32 -24.34
N ALA D 174 23.26 24.30 -23.07
CA ALA D 174 23.83 25.17 -22.01
C ALA D 174 25.26 24.73 -21.70
N ARG D 175 25.55 23.42 -21.68
CA ARG D 175 26.94 22.94 -21.49
CA ARG D 175 26.94 22.92 -21.50
C ARG D 175 27.83 23.54 -22.58
N THR D 176 27.47 23.30 -23.83
CA THR D 176 28.26 23.74 -25.00
C THR D 176 28.54 25.23 -24.85
N LYS D 177 27.49 26.00 -24.54
CA LYS D 177 27.46 27.48 -24.66
C LYS D 177 28.03 28.21 -23.43
N TRP D 178 27.95 27.65 -22.21
CA TRP D 178 28.17 28.39 -20.94
C TRP D 178 29.09 27.65 -19.96
N LEU D 179 29.27 26.34 -20.06
CA LEU D 179 30.20 25.61 -19.17
C LEU D 179 31.64 25.78 -19.67
N LYS D 180 32.55 26.23 -18.80
CA LYS D 180 34.00 26.32 -19.09
C LYS D 180 34.54 24.92 -19.38
N GLU D 181 35.57 24.83 -20.22
CA GLU D 181 36.44 23.63 -20.39
C GLU D 181 36.67 23.01 -19.01
N GLY D 182 36.61 21.68 -18.90
CA GLY D 182 36.84 20.93 -17.64
C GLY D 182 35.76 21.20 -16.61
N GLY D 183 34.68 21.89 -17.02
CA GLY D 183 33.58 22.29 -16.12
C GLY D 183 32.83 21.08 -15.58
N LEU D 184 32.02 21.28 -14.54
CA LEU D 184 31.37 20.20 -13.77
C LEU D 184 29.88 20.13 -14.13
N LEU D 185 29.36 18.92 -14.24
CA LEU D 185 27.98 18.57 -14.64
C LEU D 185 27.35 17.72 -13.55
N LEU D 186 26.20 18.12 -13.02
CA LEU D 186 25.51 17.39 -11.93
C LEU D 186 24.07 17.12 -12.35
N PRO D 187 23.66 15.84 -12.53
CA PRO D 187 24.56 14.68 -12.53
C PRO D 187 25.43 14.65 -13.79
N ALA D 188 26.31 13.64 -13.89
CA ALA D 188 27.39 13.51 -14.92
C ALA D 188 27.01 12.48 -16.00
N SER D 189 26.25 11.45 -15.63
CA SER D 189 25.91 10.36 -16.56
C SER D 189 24.51 9.81 -16.28
N ALA D 190 23.95 9.10 -17.24
CA ALA D 190 22.67 8.39 -17.08
C ALA D 190 22.79 7.04 -17.76
N GLU D 191 22.04 6.06 -17.25
CA GLU D 191 22.00 4.69 -17.78
C GLU D 191 20.53 4.28 -17.93
N LEU D 192 20.24 3.55 -19.01
CA LEU D 192 18.89 3.04 -19.35
C LEU D 192 18.91 1.53 -19.22
N PHE D 193 17.81 1.00 -18.69
CA PHE D 193 17.65 -0.43 -18.33
C PHE D 193 16.33 -0.94 -18.89
N ILE D 194 16.27 -2.21 -19.24
CA ILE D 194 15.06 -2.86 -19.80
C ILE D 194 14.96 -4.26 -19.24
N VAL D 195 13.73 -4.69 -18.97
CA VAL D 195 13.48 -6.07 -18.50
C VAL D 195 12.06 -6.46 -18.87
N PRO D 196 11.83 -7.72 -19.31
CA PRO D 196 10.48 -8.24 -19.45
C PRO D 196 9.79 -8.26 -18.08
N ILE D 197 8.49 -8.01 -18.12
CA ILE D 197 7.65 -7.84 -16.90
C ILE D 197 6.39 -8.66 -17.08
N SER D 198 5.85 -9.08 -15.95
CA SER D 198 4.49 -9.63 -15.76
C SER D 198 3.83 -8.76 -14.71
N ASP D 199 3.19 -7.68 -15.18
CA ASP D 199 2.49 -6.64 -14.40
C ASP D 199 1.31 -7.28 -13.65
N GLN D 200 1.53 -7.55 -12.36
CA GLN D 200 0.51 -8.12 -11.42
C GLN D 200 -0.77 -7.26 -11.42
N MET D 201 -0.64 -5.94 -11.39
CA MET D 201 -1.78 -5.00 -11.50
C MET D 201 -2.55 -5.23 -12.82
N LEU D 202 -1.88 -5.27 -13.97
CA LEU D 202 -2.60 -5.50 -15.25
C LEU D 202 -3.23 -6.90 -15.19
N GLU D 203 -2.55 -7.89 -14.62
CA GLU D 203 -3.07 -9.29 -14.56
C GLU D 203 -4.43 -9.26 -13.83
N TRP D 204 -4.53 -8.54 -12.72
CA TRP D 204 -5.77 -8.35 -11.91
C TRP D 204 -6.88 -7.76 -12.81
N ARG D 205 -6.58 -6.67 -13.52
CA ARG D 205 -7.52 -5.91 -14.38
C ARG D 205 -8.05 -6.76 -15.53
N LEU D 206 -7.21 -7.63 -16.13
CA LEU D 206 -7.63 -8.51 -17.25
C LEU D 206 -8.47 -9.65 -16.69
N GLY D 207 -8.14 -10.13 -15.49
CA GLY D 207 -8.87 -11.23 -14.84
C GLY D 207 -10.20 -10.77 -14.24
N PHE D 208 -10.41 -9.46 -14.17
CA PHE D 208 -11.54 -8.84 -13.43
C PHE D 208 -12.87 -9.40 -13.95
N TRP D 209 -12.98 -9.48 -15.27
CA TRP D 209 -14.19 -9.92 -16.01
C TRP D 209 -14.54 -11.38 -15.72
N SER D 210 -13.58 -12.23 -15.36
CA SER D 210 -13.81 -13.63 -14.93
C SER D 210 -14.37 -13.68 -13.50
N GLN D 211 -14.11 -12.67 -12.66
CA GLN D 211 -14.56 -12.60 -11.25
C GLN D 211 -15.99 -12.03 -11.12
N VAL D 212 -16.54 -11.39 -12.15
CA VAL D 212 -17.90 -10.74 -12.10
C VAL D 212 -18.95 -11.79 -11.71
N LYS D 213 -18.93 -12.99 -12.30
CA LYS D 213 -19.92 -14.05 -11.98
C LYS D 213 -19.94 -14.30 -10.46
N GLN D 214 -18.80 -14.26 -9.77
CA GLN D 214 -18.76 -14.68 -8.36
C GLN D 214 -19.42 -13.59 -7.49
N HIS D 215 -19.15 -12.31 -7.72
CA HIS D 215 -19.74 -11.19 -6.93
C HIS D 215 -21.22 -10.96 -7.32
N TYR D 216 -21.62 -11.08 -8.59
CA TYR D 216 -22.92 -10.54 -9.11
C TYR D 216 -23.82 -11.58 -9.82
N GLY D 217 -23.32 -12.76 -10.16
CA GLY D 217 -24.12 -13.83 -10.78
C GLY D 217 -24.29 -13.60 -12.27
N VAL D 218 -23.38 -12.84 -12.88
CA VAL D 218 -23.37 -12.61 -14.35
C VAL D 218 -21.98 -12.98 -14.87
N ASP D 219 -21.94 -13.82 -15.91
CA ASP D 219 -20.66 -14.30 -16.48
C ASP D 219 -20.24 -13.28 -17.55
N MET D 220 -19.14 -12.58 -17.29
CA MET D 220 -18.60 -11.56 -18.22
C MET D 220 -17.17 -11.99 -18.60
N SER D 221 -16.85 -13.27 -18.40
CA SER D 221 -15.51 -13.82 -18.71
C SER D 221 -15.22 -13.62 -20.19
N CYS D 222 -16.25 -13.55 -21.05
CA CYS D 222 -16.11 -13.33 -22.51
C CYS D 222 -15.55 -11.94 -22.82
N LEU D 223 -15.43 -11.04 -21.83
CA LEU D 223 -14.89 -9.68 -22.13
C LEU D 223 -13.36 -9.59 -21.93
N GLU D 224 -12.66 -10.67 -21.56
CA GLU D 224 -11.18 -10.65 -21.39
C GLU D 224 -10.48 -10.11 -22.66
N GLY D 225 -10.86 -10.60 -23.83
CA GLY D 225 -10.30 -10.19 -25.13
C GLY D 225 -10.44 -8.70 -25.32
N PHE D 226 -11.64 -8.16 -25.05
CA PHE D 226 -11.95 -6.73 -25.17
C PHE D 226 -11.04 -5.95 -24.22
N ALA D 227 -10.91 -6.40 -22.97
CA ALA D 227 -10.11 -5.71 -21.95
C ALA D 227 -8.64 -5.68 -22.40
N THR D 228 -8.15 -6.80 -22.92
CA THR D 228 -6.76 -6.95 -23.44
C THR D 228 -6.53 -5.94 -24.57
N ARG D 229 -7.43 -5.91 -25.57
CA ARG D 229 -7.35 -4.95 -26.71
C ARG D 229 -7.27 -3.53 -26.14
N CYS D 230 -8.11 -3.17 -25.16
CA CYS D 230 -8.14 -1.80 -24.60
C CYS D 230 -6.87 -1.49 -23.79
N LEU D 231 -6.39 -2.42 -22.94
CA LEU D 231 -5.35 -2.13 -21.92
C LEU D 231 -3.95 -2.42 -22.50
N MET D 232 -3.85 -3.26 -23.51
CA MET D 232 -2.52 -3.63 -24.07
C MET D 232 -2.42 -3.27 -25.55
N GLY D 233 -3.52 -3.25 -26.31
CA GLY D 233 -3.52 -3.07 -27.78
C GLY D 233 -3.14 -1.67 -28.27
N HIS D 234 -3.07 -0.67 -27.41
CA HIS D 234 -2.73 0.73 -27.79
C HIS D 234 -1.21 0.85 -27.91
N SER D 235 -0.72 2.02 -28.32
CA SER D 235 0.72 2.28 -28.55
C SER D 235 1.23 3.40 -27.63
N GLU D 236 0.72 3.45 -26.41
CA GLU D 236 1.13 4.45 -25.40
C GLU D 236 2.08 3.82 -24.41
N ILE D 237 3.12 4.58 -24.03
CA ILE D 237 4.02 4.27 -22.91
C ILE D 237 3.18 4.54 -21.66
N VAL D 238 3.13 3.60 -20.73
CA VAL D 238 2.34 3.76 -19.47
C VAL D 238 3.34 3.92 -18.33
N VAL D 239 3.24 5.04 -17.63
CA VAL D 239 4.04 5.31 -16.40
C VAL D 239 3.33 4.58 -15.25
N GLN D 240 4.03 3.67 -14.58
CA GLN D 240 3.45 2.85 -13.49
C GLN D 240 4.57 2.26 -12.63
N GLY D 241 4.32 2.17 -11.32
CA GLY D 241 5.25 1.67 -10.29
C GLY D 241 5.17 0.17 -10.25
N LEU D 242 6.27 -0.54 -10.53
CA LEU D 242 6.36 -2.02 -10.42
C LEU D 242 7.15 -2.36 -9.16
N SER D 243 7.24 -3.64 -8.82
CA SER D 243 8.22 -4.16 -7.82
C SER D 243 8.85 -5.42 -8.38
N GLY D 244 9.73 -6.08 -7.60
CA GLY D 244 10.46 -7.30 -8.00
C GLY D 244 9.52 -8.37 -8.51
N GLU D 245 8.37 -8.58 -7.87
CA GLU D 245 7.42 -9.64 -8.27
C GLU D 245 7.01 -9.45 -9.75
N ASP D 246 7.22 -8.27 -10.33
CA ASP D 246 6.78 -8.00 -11.72
C ASP D 246 7.90 -8.36 -12.69
N VAL D 247 9.14 -8.50 -12.20
CA VAL D 247 10.35 -8.58 -13.05
C VAL D 247 10.59 -10.04 -13.47
N LEU D 248 10.70 -10.33 -14.77
CA LEU D 248 10.81 -11.72 -15.29
C LEU D 248 12.26 -12.16 -15.58
N ALA D 249 13.26 -11.28 -15.51
CA ALA D 249 14.65 -11.63 -15.89
C ALA D 249 15.64 -10.66 -15.24
N ARG D 250 16.93 -10.87 -15.49
CA ARG D 250 17.97 -9.91 -15.06
C ARG D 250 17.81 -8.65 -15.91
N PRO D 251 17.62 -7.47 -15.33
CA PRO D 251 17.59 -6.24 -16.12
C PRO D 251 18.88 -6.10 -16.92
N GLN D 252 18.75 -5.62 -18.15
CA GLN D 252 19.86 -5.37 -19.11
C GLN D 252 20.03 -3.87 -19.27
N ARG D 253 21.26 -3.36 -19.12
CA ARG D 253 21.54 -1.96 -19.48
C ARG D 253 21.52 -1.84 -21.00
N PHE D 254 20.77 -0.91 -21.61
CA PHE D 254 20.78 -0.84 -23.09
C PHE D 254 21.38 0.49 -23.58
N ALA D 255 21.75 1.41 -22.70
CA ALA D 255 22.44 2.64 -23.11
C ALA D 255 23.12 3.29 -21.92
N GLN D 256 24.25 3.93 -22.16
CA GLN D 256 25.00 4.74 -21.17
C GLN D 256 25.14 6.13 -21.80
N LEU D 257 24.62 7.17 -21.16
CA LEU D 257 24.82 8.56 -21.66
C LEU D 257 25.83 9.27 -20.75
N GLU D 258 27.05 9.47 -21.25
CA GLU D 258 28.09 10.31 -20.62
C GLU D 258 27.84 11.75 -21.06
N LEU D 259 27.43 12.65 -20.16
CA LEU D 259 26.92 13.97 -20.63
C LEU D 259 28.06 14.79 -21.25
N SER D 260 29.31 14.48 -20.89
CA SER D 260 30.51 15.19 -21.39
C SER D 260 30.86 14.77 -22.83
N ARG D 261 30.32 13.65 -23.32
CA ARG D 261 30.62 13.03 -24.64
C ARG D 261 30.12 13.95 -25.76
N ALA D 262 30.93 14.03 -26.83
CA ALA D 262 30.95 15.09 -27.86
C ALA D 262 29.63 15.12 -28.66
N GLY D 263 29.31 14.02 -29.35
CA GLY D 263 28.18 13.97 -30.30
C GLY D 263 26.87 13.51 -29.65
N LEU D 264 26.65 13.82 -28.37
CA LEU D 264 25.50 13.29 -27.59
C LEU D 264 24.20 13.87 -28.15
N GLU D 265 24.17 15.17 -28.44
CA GLU D 265 23.01 15.88 -29.03
C GLU D 265 22.56 15.15 -30.30
N GLN D 266 23.52 14.78 -31.14
CA GLN D 266 23.28 14.12 -32.46
C GLN D 266 22.74 12.70 -32.20
N GLU D 267 23.28 12.00 -31.19
CA GLU D 267 22.77 10.67 -30.78
C GLU D 267 21.30 10.86 -30.38
N LEU D 268 20.98 11.89 -29.60
CA LEU D 268 19.59 12.09 -29.10
C LEU D 268 18.66 12.23 -30.32
N GLU D 269 19.08 13.00 -31.32
CA GLU D 269 18.25 13.25 -32.53
C GLU D 269 18.05 11.94 -33.31
N ALA D 270 19.12 11.16 -33.52
CA ALA D 270 19.10 9.86 -34.25
C ALA D 270 18.32 8.83 -33.42
N GLY D 271 18.49 8.86 -32.10
CA GLY D 271 17.76 8.01 -31.14
C GLY D 271 18.75 7.19 -30.34
N VAL D 272 18.59 7.10 -29.04
CA VAL D 272 19.58 6.33 -28.25
C VAL D 272 18.94 5.01 -27.86
N GLY D 273 19.76 3.98 -27.73
CA GLY D 273 19.25 2.64 -27.43
C GLY D 273 20.23 1.59 -27.83
N GLY D 274 19.75 0.39 -28.02
CA GLY D 274 20.67 -0.71 -28.32
C GLY D 274 19.96 -2.04 -28.22
N ARG D 275 20.69 -3.10 -28.54
CA ARG D 275 20.19 -4.48 -28.48
C ARG D 275 20.15 -4.87 -27.01
N PHE D 276 19.32 -5.85 -26.73
CA PHE D 276 19.25 -6.43 -25.37
C PHE D 276 18.85 -7.88 -25.57
N ARG D 277 19.24 -8.68 -24.62
CA ARG D 277 18.81 -10.09 -24.55
C ARG D 277 18.80 -10.46 -23.07
N CYS D 278 17.86 -11.31 -22.71
CA CYS D 278 17.82 -11.93 -21.37
C CYS D 278 17.06 -13.25 -21.43
N SER D 279 17.03 -13.90 -20.28
CA SER D 279 16.53 -15.27 -20.10
C SER D 279 15.51 -15.20 -18.96
N CYS D 280 14.28 -15.65 -19.19
CA CYS D 280 13.19 -15.55 -18.19
C CYS D 280 13.48 -16.49 -16.99
N TYR D 281 13.01 -16.07 -15.82
CA TYR D 281 13.22 -16.70 -14.49
C TYR D 281 12.28 -17.90 -14.30
N GLY D 282 11.10 -17.86 -14.88
CA GLY D 282 10.04 -18.85 -14.61
C GLY D 282 8.85 -18.72 -15.53
N SER D 283 7.85 -19.58 -15.34
CA SER D 283 6.51 -19.55 -15.98
C SER D 283 5.78 -18.27 -15.56
N ALA D 284 5.22 -17.57 -16.52
CA ALA D 284 4.52 -16.28 -16.31
C ALA D 284 3.89 -15.79 -17.60
N PRO D 285 2.77 -15.05 -17.49
CA PRO D 285 2.21 -14.34 -18.64
C PRO D 285 3.07 -13.07 -18.81
N MET D 286 3.84 -12.96 -19.88
CA MET D 286 4.66 -11.74 -20.14
C MET D 286 3.73 -10.65 -20.73
N HIS D 287 3.70 -9.45 -20.15
CA HIS D 287 2.88 -8.29 -20.62
C HIS D 287 3.72 -7.33 -21.46
N GLY D 288 5.04 -7.42 -21.37
CA GLY D 288 5.91 -6.49 -22.13
C GLY D 288 7.15 -6.16 -21.35
N PHE D 289 7.60 -4.91 -21.47
CA PHE D 289 8.90 -4.46 -20.96
C PHE D 289 8.67 -3.27 -20.04
N ALA D 290 9.52 -3.16 -19.03
CA ALA D 290 9.69 -1.92 -18.27
C ALA D 290 11.06 -1.38 -18.58
N ILE D 291 11.15 -0.08 -18.72
CA ILE D 291 12.46 0.63 -18.77
C ILE D 291 12.52 1.60 -17.59
N TRP D 292 13.73 1.88 -17.17
CA TRP D 292 14.01 2.89 -16.13
C TRP D 292 15.45 3.32 -16.32
N PHE D 293 15.91 4.20 -15.46
CA PHE D 293 17.19 4.89 -15.62
C PHE D 293 17.71 5.10 -14.21
N GLN D 294 18.99 5.36 -14.16
CA GLN D 294 19.65 5.95 -12.97
C GLN D 294 20.52 7.05 -13.54
N VAL D 295 20.90 7.99 -12.70
CA VAL D 295 21.91 9.03 -13.03
C VAL D 295 22.98 9.04 -11.93
N THR D 296 24.20 9.40 -12.28
CA THR D 296 25.35 9.32 -11.35
C THR D 296 25.95 10.72 -11.19
N PHE D 297 26.09 11.14 -9.92
CA PHE D 297 26.89 12.30 -9.49
C PHE D 297 28.30 11.82 -9.14
N PRO D 298 29.37 12.59 -9.47
CA PRO D 298 30.71 12.34 -8.92
C PRO D 298 30.77 12.61 -7.40
N GLY D 299 31.63 11.89 -6.66
CA GLY D 299 31.83 12.06 -5.20
C GLY D 299 32.85 13.13 -4.85
N GLU D 303 34.29 10.94 -1.19
CA GLU D 303 33.23 9.91 -1.04
C GLU D 303 33.13 9.06 -2.32
N LYS D 304 32.11 8.21 -2.40
CA LYS D 304 31.77 7.33 -3.58
C LYS D 304 30.82 8.09 -4.50
N PRO D 305 30.65 7.68 -5.78
CA PRO D 305 29.64 8.30 -6.65
C PRO D 305 28.22 8.05 -6.13
N LEU D 306 27.39 9.09 -6.10
CA LEU D 306 25.96 8.99 -5.70
C LEU D 306 25.11 8.59 -6.92
N VAL D 307 24.39 7.48 -6.79
CA VAL D 307 23.48 6.94 -7.83
C VAL D 307 22.03 7.17 -7.41
N LEU D 308 21.29 7.97 -8.21
CA LEU D 308 19.82 8.12 -8.15
C LEU D 308 19.17 7.12 -9.12
N SER D 309 18.51 6.12 -8.60
CA SER D 309 17.97 4.98 -9.38
C SER D 309 16.45 5.05 -9.37
N THR D 310 15.81 4.64 -10.48
CA THR D 310 14.33 4.59 -10.62
C THR D 310 13.91 3.15 -10.84
N SER D 311 14.80 2.23 -10.49
CA SER D 311 14.58 0.77 -10.63
C SER D 311 13.42 0.32 -9.76
N PRO D 312 12.66 -0.69 -10.20
CA PRO D 312 11.60 -1.24 -9.37
C PRO D 312 12.14 -2.00 -8.13
N PHE D 313 13.46 -2.23 -8.07
CA PHE D 313 14.14 -2.89 -6.93
C PHE D 313 14.56 -1.85 -5.90
N HIS D 314 14.50 -0.56 -6.24
CA HIS D 314 14.92 0.55 -5.36
C HIS D 314 13.69 1.27 -4.84
N PRO D 315 13.86 2.21 -3.88
CA PRO D 315 12.73 2.98 -3.35
C PRO D 315 12.03 3.77 -4.48
N ALA D 316 10.72 3.88 -4.34
CA ALA D 316 9.82 4.50 -5.32
C ALA D 316 10.21 5.97 -5.49
N THR D 317 10.15 6.46 -6.74
CA THR D 317 10.30 7.87 -7.15
C THR D 317 9.03 8.28 -7.90
N HIS D 318 8.84 9.56 -8.14
CA HIS D 318 7.74 10.08 -8.99
C HIS D 318 7.86 9.53 -10.44
N TRP D 319 9.05 9.14 -10.91
CA TRP D 319 9.27 8.66 -12.31
C TRP D 319 8.69 7.26 -12.48
N LYS D 320 8.59 6.50 -11.39
CA LYS D 320 8.13 5.09 -11.44
C LYS D 320 8.97 4.37 -12.48
N GLN D 321 8.35 3.52 -13.31
CA GLN D 321 8.94 2.95 -14.55
C GLN D 321 8.03 3.20 -15.75
N ALA D 322 8.61 3.18 -16.95
CA ALA D 322 7.92 3.42 -18.24
C ALA D 322 7.61 2.05 -18.85
N LEU D 323 6.34 1.69 -18.97
CA LEU D 323 5.90 0.34 -19.42
C LEU D 323 5.57 0.33 -20.91
N LEU D 324 6.11 -0.68 -21.60
CA LEU D 324 5.92 -0.98 -23.05
C LEU D 324 5.20 -2.31 -23.15
N TYR D 325 3.87 -2.28 -23.31
CA TYR D 325 3.04 -3.50 -23.37
C TYR D 325 3.05 -4.06 -24.79
N LEU D 326 3.14 -5.39 -24.90
CA LEU D 326 2.81 -6.12 -26.13
C LEU D 326 1.28 -6.00 -26.38
N ASN D 327 0.80 -6.40 -27.54
CA ASN D 327 -0.63 -6.23 -27.89
C ASN D 327 -1.47 -7.19 -27.04
N GLU D 328 -0.86 -8.28 -26.57
CA GLU D 328 -1.53 -9.35 -25.79
C GLU D 328 -0.45 -10.05 -24.95
N PRO D 329 -0.81 -10.76 -23.87
CA PRO D 329 0.18 -11.50 -23.09
C PRO D 329 0.87 -12.60 -23.93
N VAL D 330 2.12 -12.94 -23.59
CA VAL D 330 2.84 -14.15 -24.09
C VAL D 330 3.27 -14.97 -22.87
N GLN D 331 2.95 -16.26 -22.89
CA GLN D 331 3.36 -17.23 -21.84
C GLN D 331 4.86 -17.51 -22.05
N VAL D 332 5.68 -17.21 -21.06
CA VAL D 332 7.13 -17.59 -21.07
C VAL D 332 7.31 -18.69 -20.02
N GLU D 333 8.46 -19.37 -20.11
CA GLU D 333 8.87 -20.49 -19.23
C GLU D 333 10.25 -20.15 -18.68
N GLN D 334 10.72 -20.91 -17.69
CA GLN D 334 12.12 -20.82 -17.24
C GLN D 334 13.04 -20.81 -18.48
N ASP D 335 14.01 -19.90 -18.52
CA ASP D 335 15.03 -19.81 -19.61
C ASP D 335 14.42 -19.44 -20.96
N THR D 336 13.15 -19.01 -21.06
CA THR D 336 12.64 -18.51 -22.37
C THR D 336 13.50 -17.31 -22.77
N ASP D 337 14.04 -17.30 -23.99
CA ASP D 337 14.95 -16.23 -24.46
C ASP D 337 14.09 -15.03 -24.88
N VAL D 338 14.45 -13.83 -24.43
CA VAL D 338 13.77 -12.59 -24.85
C VAL D 338 14.84 -11.59 -25.25
N SER D 339 14.73 -11.09 -26.47
CA SER D 339 15.74 -10.19 -27.03
C SER D 339 15.08 -9.23 -28.00
N GLY D 340 15.78 -8.16 -28.30
CA GLY D 340 15.38 -7.23 -29.35
C GLY D 340 16.28 -6.04 -29.35
N GLU D 341 15.70 -4.90 -29.65
CA GLU D 341 16.39 -3.63 -29.83
C GLU D 341 15.38 -2.54 -29.57
N ILE D 342 15.81 -1.55 -28.79
CA ILE D 342 14.96 -0.41 -28.35
C ILE D 342 15.71 0.87 -28.70
N THR D 343 15.00 1.83 -29.31
CA THR D 343 15.48 3.21 -29.59
C THR D 343 14.53 4.16 -28.89
N LEU D 344 15.07 5.14 -28.19
CA LEU D 344 14.31 6.27 -27.61
C LEU D 344 14.63 7.50 -28.47
N LEU D 345 13.61 8.16 -28.98
CA LEU D 345 13.84 9.40 -29.76
C LEU D 345 12.66 10.34 -29.62
N PRO D 346 12.85 11.63 -29.95
CA PRO D 346 11.72 12.57 -29.93
C PRO D 346 10.70 12.21 -31.03
N SER D 347 9.43 12.43 -30.76
CA SER D 347 8.32 12.34 -31.75
C SER D 347 8.47 13.43 -32.80
N ARG D 348 7.81 13.28 -33.94
CA ARG D 348 7.98 14.24 -35.07
C ARG D 348 7.18 15.51 -34.79
N ASP D 349 5.93 15.36 -34.33
CA ASP D 349 4.97 16.49 -34.17
C ASP D 349 5.34 17.31 -32.93
N ASN D 350 5.63 16.64 -31.81
CA ASN D 350 6.06 17.24 -30.52
C ASN D 350 7.45 16.71 -30.15
N PRO D 351 8.51 17.53 -30.27
CA PRO D 351 9.87 17.06 -30.03
C PRO D 351 10.15 16.82 -28.53
N ARG D 352 9.20 17.17 -27.67
CA ARG D 352 9.29 16.96 -26.21
C ARG D 352 8.56 15.67 -25.85
N ARG D 353 7.99 14.99 -26.85
CA ARG D 353 7.23 13.76 -26.57
C ARG D 353 8.10 12.53 -26.86
N LEU D 354 8.30 11.68 -25.85
CA LEU D 354 9.12 10.47 -25.98
C LEU D 354 8.41 9.50 -26.93
N ARG D 355 9.20 8.98 -27.85
CA ARG D 355 8.84 7.89 -28.76
C ARG D 355 9.81 6.74 -28.49
N VAL D 356 9.31 5.51 -28.51
CA VAL D 356 10.12 4.28 -28.35
C VAL D 356 9.82 3.37 -29.54
N LEU D 357 10.82 3.06 -30.32
CA LEU D 357 10.76 2.01 -31.36
C LEU D 357 11.27 0.71 -30.74
N LEU D 358 10.43 -0.31 -30.71
CA LEU D 358 10.80 -1.60 -30.08
C LEU D 358 10.73 -2.73 -31.12
N ARG D 359 11.81 -3.49 -31.17
CA ARG D 359 11.89 -4.73 -31.95
C ARG D 359 12.14 -5.81 -30.91
N TYR D 360 11.36 -6.87 -30.85
CA TYR D 360 11.55 -7.88 -29.78
C TYR D 360 11.20 -9.27 -30.31
N LYS D 361 11.72 -10.27 -29.62
CA LYS D 361 11.44 -11.69 -29.95
C LYS D 361 11.39 -12.48 -28.65
N VAL D 362 10.34 -13.26 -28.50
CA VAL D 362 10.05 -14.06 -27.29
C VAL D 362 10.08 -15.52 -27.72
N GLY D 363 11.11 -16.24 -27.28
CA GLY D 363 11.34 -17.65 -27.66
C GLY D 363 11.36 -17.82 -29.16
N ASP D 364 10.49 -18.71 -29.67
CA ASP D 364 10.43 -19.08 -31.11
C ASP D 364 9.26 -18.39 -31.80
N GLN D 365 8.49 -17.57 -31.10
CA GLN D 365 7.59 -16.61 -31.75
C GLN D 365 8.42 -15.75 -32.72
N GLU D 366 7.85 -15.33 -33.84
CA GLU D 366 8.58 -14.47 -34.80
C GLU D 366 8.85 -13.11 -34.14
N GLU D 367 9.91 -12.46 -34.58
CA GLU D 367 10.21 -11.06 -34.21
C GLU D 367 8.95 -10.23 -34.46
N LYS D 368 8.64 -9.36 -33.52
CA LYS D 368 7.58 -8.34 -33.68
C LYS D 368 8.20 -6.97 -33.39
N THR D 369 7.41 -5.97 -33.71
CA THR D 369 7.81 -4.56 -33.76
C THR D 369 6.66 -3.85 -33.08
N LYS D 370 6.90 -2.78 -32.32
CA LYS D 370 5.82 -1.90 -31.81
C LYS D 370 6.41 -0.52 -31.58
N ASP D 371 5.61 0.49 -31.83
CA ASP D 371 6.06 1.90 -31.92
C ASP D 371 5.22 2.64 -30.89
N PHE D 372 5.87 3.13 -29.85
CA PHE D 372 5.16 3.70 -28.68
C PHE D 372 5.43 5.20 -28.60
N ALA D 373 4.43 5.94 -28.14
CA ALA D 373 4.56 7.37 -27.80
C ALA D 373 4.08 7.60 -26.36
N MET D 374 4.72 8.51 -25.64
CA MET D 374 4.33 8.85 -24.24
C MET D 374 2.85 9.27 -24.22
N GLU D 375 2.10 8.66 -23.31
CA GLU D 375 0.71 9.02 -22.97
C GLU D 375 0.65 10.52 -22.65
N ASP D 376 -0.49 11.15 -22.92
CA ASP D 376 -0.81 12.55 -22.53
C ASP D 376 -1.75 12.51 -21.33
N SAH E . -25.81 0.29 -17.40
CA SAH E . -24.31 0.11 -17.35
CB SAH E . -23.59 1.36 -17.87
CG SAH E . -23.83 2.63 -17.05
SD SAH E . -22.84 4.02 -17.64
C SAH E . -23.83 -0.18 -15.93
O SAH E . -22.68 -0.64 -15.75
OXT SAH E . -24.56 0.09 -14.94
C5' SAH E . -24.02 4.84 -18.71
C4' SAH E . -24.07 4.31 -20.13
O4' SAH E . -25.12 5.01 -20.81
C3' SAH E . -22.83 4.47 -21.00
O3' SAH E . -22.50 3.22 -21.61
C2' SAH E . -23.23 5.50 -22.07
O2' SAH E . -22.63 5.30 -23.35
C1' SAH E . -24.73 5.25 -22.15
N9 SAH E . -25.56 6.35 -22.64
C8 SAH E . -25.50 7.66 -22.21
N7 SAH E . -26.37 8.44 -22.79
C5 SAH E . -27.08 7.60 -23.64
C6 SAH E . -28.15 7.85 -24.53
N6 SAH E . -28.68 9.05 -24.70
N1 SAH E . -28.64 6.80 -25.23
C2 SAH E . -28.07 5.59 -25.03
N3 SAH E . -27.07 5.25 -24.23
C4 SAH E . -26.60 6.31 -23.55
N1 UO2 F . -14.52 8.20 -14.92
C4 UO2 F . -16.24 7.08 -14.48
C6 UO2 F . -17.12 6.15 -14.01
C7 UO2 F . -18.46 6.23 -14.29
C8 UO2 F . -18.92 7.29 -15.07
C13 UO2 F . -22.63 6.89 -15.22
C15 UO2 F . -23.16 8.12 -15.98
C17 UO2 F . -16.26 10.67 -17.08
C20 UO2 F . -13.61 11.49 -17.33
C21 UO2 F . -13.96 10.40 -16.52
C24 UO2 F . -16.61 11.50 -21.30
N23 UO2 F . -17.37 11.38 -20.06
C25 UO2 F . -18.31 10.26 -19.79
S22 UO2 F . -17.18 12.59 -18.85
O26 UO2 F . -18.35 12.77 -17.93
O27 UO2 F . -16.69 13.81 -19.55
C18 UO2 F . -15.92 11.78 -17.90
C19 UO2 F . -14.59 12.16 -18.05
C16 UO2 F . -15.29 10.01 -16.34
C2 UO2 F . -15.51 8.89 -15.54
C3 UO2 F . -16.67 8.15 -15.27
C9 UO2 F . -18.02 8.23 -15.54
N5 UO2 F . -14.92 7.17 -14.34
N10 UO2 F . -20.24 7.31 -15.39
C11 UO2 F . -21.25 7.06 -14.55
O12 UO2 F . -21.08 6.80 -13.36
N14 UO2 F . -23.65 6.39 -14.27
N SAH G . 14.11 8.29 23.26
CA SAH G . 14.41 7.23 22.23
CB SAH G . 13.85 5.85 22.60
CG SAH G . 12.40 5.85 23.01
SD SAH G . 11.90 4.16 23.46
C SAH G . 13.81 7.64 20.88
O SAH G . 14.22 7.08 19.87
OXT SAH G . 12.94 8.51 20.90
C5' SAH G . 11.92 4.22 25.25
C4' SAH G . 13.26 3.98 25.89
O4' SAH G . 13.10 4.13 27.31
C3' SAH G . 13.83 2.57 25.67
O3' SAH G . 15.15 2.70 25.21
C2' SAH G . 13.78 1.93 27.06
O2' SAH G . 14.88 1.08 27.26
C1' SAH G . 13.87 3.16 27.97
N9 SAH G . 13.31 3.06 29.30
C8 SAH G . 12.04 2.62 29.60
N7 SAH G . 11.76 2.71 30.87
C5 SAH G . 12.89 3.26 31.45
C6 SAH G . 13.19 3.60 32.78
N6 SAH G . 12.33 3.44 33.78
N1 SAH G . 14.40 4.16 33.03
C2 SAH G . 15.25 4.34 32.00
N3 SAH G . 15.07 4.05 30.71
C4 SAH G . 13.85 3.50 30.49
N1 UO2 H . 7.61 -3.20 18.50
C4 UO2 H . 8.05 -1.18 18.74
C6 UO2 H . 8.38 0.15 18.55
C7 UO2 H . 8.40 1.01 19.64
C8 UO2 H . 8.05 0.57 20.92
C13 UO2 H . 8.19 3.49 23.19
C15 UO2 H . 7.54 2.94 24.43
C17 UO2 H . 7.15 -3.85 22.13
C20 UO2 H . 6.87 -6.49 21.19
C21 UO2 H . 7.03 -5.41 20.31
C24 UO2 H . 9.37 -3.35 24.80
N23 UO2 H . 8.62 -4.59 25.07
C25 UO2 H . 9.24 -5.81 25.59
S22 UO2 H . 6.98 -4.57 24.76
O26 UO2 H . 6.38 -3.20 24.87
O27 UO2 H . 6.23 -5.51 25.64
C18 UO2 H . 6.97 -4.95 23.02
C19 UO2 H . 6.85 -6.27 22.56
C16 UO2 H . 7.13 -4.06 20.75
C2 UO2 H . 7.40 -3.03 19.81
C3 UO2 H . 7.72 -1.67 20.01
C9 UO2 H . 7.73 -0.80 21.11
N5 UO2 H . 7.95 -2.18 17.88
N10 UO2 H . 8.18 1.42 21.94
C11 UO2 H . 7.72 2.70 21.97
O12 UO2 H . 7.03 3.22 21.07
N14 UO2 H . 7.89 4.92 23.01
N SAH I . -3.27 -30.91 4.40
CA SAH I . -3.75 -29.56 4.80
CB SAH I . -2.96 -29.06 6.01
CG SAH I . -1.47 -28.88 5.74
SD SAH I . -0.56 -28.42 7.21
C SAH I . -3.54 -28.59 3.64
O SAH I . -2.75 -28.83 2.71
OXT SAH I . -4.14 -27.53 3.59
C5' SAH I . -0.14 -29.96 8.02
C4' SAH I . -1.15 -30.53 8.98
O4' SAH I . -0.61 -31.76 9.51
C3' SAH I . -1.50 -29.68 10.21
O3' SAH I . -2.91 -29.56 10.31
C2' SAH I . -0.92 -30.49 11.38
O2' SAH I . -1.74 -30.41 12.53
C1' SAH I . -0.97 -31.90 10.84
N9 SAH I . -0.03 -32.86 11.43
C8 SAH I . 1.30 -32.67 11.64
N7 SAH I . 1.90 -33.73 12.11
C5 SAH I . 0.91 -34.69 12.16
C6 SAH I . 0.91 -36.05 12.57
N6 SAH I . 2.00 -36.70 13.00
N1 SAH I . -0.25 -36.74 12.52
C2 SAH I . -1.34 -36.10 12.07
N3 SAH I . -1.47 -34.83 11.67
C4 SAH I . -0.29 -34.17 11.74
N1 UO2 J . 3.27 -19.68 9.95
C4 UO2 J . 2.71 -21.03 8.44
C6 UO2 J . 2.17 -21.60 7.34
C7 UO2 J . 2.26 -22.95 7.13
C8 UO2 J . 2.92 -23.76 8.05
C13 UO2 J . 2.93 -27.20 6.70
C15 UO2 J . 3.91 -27.91 7.68
C17 UO2 J . 4.94 -22.33 12.00
C20 UO2 J . 4.49 -20.28 13.90
C21 UO2 J . 4.09 -20.13 12.58
C24 UO2 J . 3.85 -25.40 13.38
N23 UO2 J . 4.64 -24.67 14.41
C25 UO2 J . 4.13 -24.54 15.77
S22 UO2 J . 6.09 -23.98 13.96
O26 UO2 J . 6.94 -23.85 15.19
O27 UO2 J . 6.74 -24.75 12.86
C18 UO2 J . 5.39 -22.45 13.33
C19 UO2 J . 5.14 -21.46 14.26
C16 UO2 J . 4.34 -21.12 11.61
C2 UO2 J . 3.76 -20.85 10.36
C3 UO2 J . 3.32 -21.80 9.40
C9 UO2 J . 3.45 -23.17 9.20
N5 UO2 J . 2.71 -19.76 8.85
N10 UO2 J . 2.95 -25.12 7.84
C11 UO2 J . 3.11 -25.69 6.67
O12 UO2 J . 3.36 -25.13 5.62
N14 UO2 J . 2.98 -27.68 5.32
N SAH K . 15.06 22.56 -10.32
CA SAH K . 13.70 21.98 -10.21
CB SAH K . 13.39 21.20 -11.49
CG SAH K . 11.99 21.25 -11.85
SD SAH K . 11.67 20.39 -13.37
C SAH K . 13.66 21.00 -9.03
O SAH K . 12.79 20.98 -8.12
OXT SAH K . 14.53 20.13 -9.02
C5' SAH K . 12.55 21.26 -14.65
C4' SAH K . 12.27 22.74 -14.76
O4' SAH K . 12.94 23.18 -15.94
C3' SAH K . 10.81 23.17 -14.94
O3' SAH K . 10.50 24.20 -14.00
C2' SAH K . 10.72 23.64 -16.39
O2' SAH K . 9.79 24.69 -16.57
C1' SAH K . 12.15 24.11 -16.63
N9 SAH K . 12.66 24.08 -17.99
C8 SAH K . 12.52 23.09 -18.93
N7 SAH K . 13.17 23.33 -20.05
C5 SAH K . 13.77 24.56 -19.84
C6 SAH K . 14.58 25.36 -20.65
N6 SAH K . 14.92 25.03 -21.89
N1 SAH K . 15.03 26.54 -20.13
C2 SAH K . 14.70 26.85 -18.87
N3 SAH K . 13.91 26.18 -18.02
C4 SAH K . 13.48 25.02 -18.57
N1 UO2 L . 3.64 14.92 -13.70
C4 UO2 L . 5.56 15.24 -12.94
C6 UO2 L . 6.65 15.36 -12.12
C7 UO2 L . 7.85 15.78 -12.64
C8 UO2 L . 7.98 16.07 -13.98
C13 UO2 L . 11.50 17.00 -14.58
C15 UO2 L . 11.66 16.98 -16.11
C17 UO2 L . 4.41 15.94 -17.22
C20 UO2 L . 1.63 15.77 -17.40
C21 UO2 L . 2.31 15.49 -16.19
C24 UO2 L . 3.78 19.31 -20.12
N23 UO2 L . 4.76 18.39 -19.50
C25 UO2 L . 5.83 18.84 -18.58
S22 UO2 L . 4.71 16.72 -19.80
O26 UO2 L . 6.03 16.00 -19.76
O27 UO2 L . 4.05 16.58 -21.13
C18 UO2 L . 3.74 16.21 -18.43
C19 UO2 L . 2.36 16.13 -18.54
C16 UO2 L . 3.71 15.53 -16.08
C2 UO2 L . 4.30 15.31 -14.79
C3 UO2 L . 5.62 15.54 -14.30
C9 UO2 L . 6.85 15.97 -14.83
N5 UO2 L . 4.33 14.86 -12.68
N10 UO2 L . 9.16 16.54 -14.43
C11 UO2 L . 10.35 16.13 -14.05
O12 UO2 L . 10.58 15.15 -13.36
N14 UO2 L . 12.73 16.51 -13.99
#